data_1GDI
# 
_entry.id   1GDI 
# 
_audit_conform.dict_name       mmcif_pdbx.dic 
_audit_conform.dict_version    5.385 
_audit_conform.dict_location   http://mmcif.pdb.org/dictionaries/ascii/mmcif_pdbx.dic 
# 
loop_
_database_2.database_id 
_database_2.database_code 
_database_2.pdbx_database_accession 
_database_2.pdbx_DOI 
PDB   1GDI         pdb_00001gdi 10.2210/pdb1gdi/pdb 
WWPDB D_1000173531 ?            ?                   
# 
loop_
_pdbx_audit_revision_history.ordinal 
_pdbx_audit_revision_history.data_content_type 
_pdbx_audit_revision_history.major_revision 
_pdbx_audit_revision_history.minor_revision 
_pdbx_audit_revision_history.revision_date 
1 'Structure model' 1 0 1995-02-27 
2 'Structure model' 1 1 2008-03-03 
3 'Structure model' 1 2 2011-07-13 
4 'Structure model' 1 3 2014-10-22 
5 'Structure model' 1 4 2017-11-29 
6 'Structure model' 1 5 2024-02-07 
# 
_pdbx_audit_revision_details.ordinal             1 
_pdbx_audit_revision_details.revision_ordinal    1 
_pdbx_audit_revision_details.data_content_type   'Structure model' 
_pdbx_audit_revision_details.provider            repository 
_pdbx_audit_revision_details.type                'Initial release' 
_pdbx_audit_revision_details.description         ? 
_pdbx_audit_revision_details.details             ? 
# 
loop_
_pdbx_audit_revision_group.ordinal 
_pdbx_audit_revision_group.revision_ordinal 
_pdbx_audit_revision_group.data_content_type 
_pdbx_audit_revision_group.group 
1 2 'Structure model' 'Version format compliance' 
2 3 'Structure model' 'Version format compliance' 
3 4 'Structure model' 'Derived calculations'      
4 5 'Structure model' 'Derived calculations'      
5 5 'Structure model' Other                       
6 6 'Structure model' 'Data collection'           
7 6 'Structure model' 'Database references'       
8 6 'Structure model' 'Derived calculations'      
# 
loop_
_pdbx_audit_revision_category.ordinal 
_pdbx_audit_revision_category.revision_ordinal 
_pdbx_audit_revision_category.data_content_type 
_pdbx_audit_revision_category.category 
1 5 'Structure model' pdbx_database_status 
2 5 'Structure model' struct_conf          
3 5 'Structure model' struct_conf_type     
4 6 'Structure model' chem_comp_atom       
5 6 'Structure model' chem_comp_bond       
6 6 'Structure model' database_2           
7 6 'Structure model' struct_conn          
8 6 'Structure model' struct_ref_seq_dif   
9 6 'Structure model' struct_site          
# 
loop_
_pdbx_audit_revision_item.ordinal 
_pdbx_audit_revision_item.revision_ordinal 
_pdbx_audit_revision_item.data_content_type 
_pdbx_audit_revision_item.item 
1  5 'Structure model' '_pdbx_database_status.process_site'  
2  6 'Structure model' '_database_2.pdbx_DOI'                
3  6 'Structure model' '_database_2.pdbx_database_accession' 
4  6 'Structure model' '_struct_conn.ptnr1_auth_comp_id'     
5  6 'Structure model' '_struct_conn.ptnr1_auth_seq_id'      
6  6 'Structure model' '_struct_conn.ptnr1_label_asym_id'    
7  6 'Structure model' '_struct_conn.ptnr1_label_atom_id'    
8  6 'Structure model' '_struct_conn.ptnr1_label_comp_id'    
9  6 'Structure model' '_struct_conn.ptnr2_auth_comp_id'     
10 6 'Structure model' '_struct_conn.ptnr2_auth_seq_id'      
11 6 'Structure model' '_struct_conn.ptnr2_label_asym_id'    
12 6 'Structure model' '_struct_conn.ptnr2_label_atom_id'    
13 6 'Structure model' '_struct_conn.ptnr2_label_comp_id'    
14 6 'Structure model' '_struct_ref_seq_dif.details'         
15 6 'Structure model' '_struct_site.pdbx_auth_asym_id'      
16 6 'Structure model' '_struct_site.pdbx_auth_comp_id'      
17 6 'Structure model' '_struct_site.pdbx_auth_seq_id'       
# 
_pdbx_database_status.status_code                     REL 
_pdbx_database_status.entry_id                        1GDI 
_pdbx_database_status.recvd_initial_deposition_date   1994-09-14 
_pdbx_database_status.deposit_site                    ? 
_pdbx_database_status.process_site                    BNL 
_pdbx_database_status.SG_entry                        . 
_pdbx_database_status.status_code_sf                  ? 
_pdbx_database_status.status_code_mr                  ? 
_pdbx_database_status.status_code_cs                  ? 
_pdbx_database_status.pdb_format_compatible           Y 
_pdbx_database_status.methods_development_category    ? 
_pdbx_database_status.status_code_nmr_data            ? 
# 
loop_
_audit_author.name 
_audit_author.pdbx_ordinal 
'Harutyunyan, E.' 1 
'Safonova, T.'    2 
'Kuranova, I.'    3 
# 
loop_
_citation.id 
_citation.title 
_citation.journal_abbrev 
_citation.journal_volume 
_citation.page_first 
_citation.page_last 
_citation.year 
_citation.journal_id_ASTM 
_citation.country 
_citation.journal_id_ISSN 
_citation.journal_id_CSD 
_citation.book_publisher 
_citation.pdbx_database_id_PubMed 
_citation.pdbx_database_id_DOI 
primary 'The binding of carbon monoxide and nitric oxide to leghaemoglobin in comparison with other haemoglobins.' J.Mol.Biol. 264 
152  161 1996 JMOBAK UK 0022-2836 0070 ? 8950274 10.1006/jmbi.1996.0630 
1       
'X-Ray Structure of Ferrous Complexes of the Yellow Lupin Leghemoglobin with Co and No at 1.8 Angstroms Resolution (Russian)' 
Bioorg.Khim.                          14  1509 ?   1988 BIKHD7 UR 0132-3423 0364 ? ?       ?                      
2       
;X-Ray Structural Investigation of Leghemoglobin. Vi. Structure of Acetate-Ferrileghemoglobin at a Resolution of 2.0 Angstroms (Russian)
;
Kristallografiya                      25  80   ?   1980 KRISAJ UR 0023-4761 0041 ? ?       ?                      
3       
'X-Ray Structural Investigation of Leghemoglobin. Vi. Structure of Acetate-Ferrileghemoglobin at a Resolution of 2.0 Angstroms' 
'Sov.Phys.Crystallogr.(Engl.Transl.)' 25  43   ?   1980 SPHCA6 US 0038-5638 0902 ? ?       ?                      
4       'X-Ray Diffraction Study of Leghemoglobin. Iv. Determination of the Structure with 2.8 Angstroms Resolution (Russian)' 
Kristallografiya                      23  517  ?   1978 KRISAJ UR 0023-4761 0041 ? ?       ?                      
5       'X-Ray Structural Investigation of Leghemoglobin. Iv. Structure Determination at a Resolution of 2.8 Angstroms' 
'Sov.Phys.Crystallogr.(Engl.Transl.)' 23  287  ?   1978 SPHCA6 US 0038-5638 0902 ? ?       ?                      
6       'Spatial Structure of Lupine Leghemoglobin with the 2.8 Angstroms Resolution (Russian)' 'Dokl.Akad.Nauk Sssr' 233 238  ?   
1977 DANKAS UR 0002-3264 0093 ? ?       ?                      
7       'Three-Dimensional Structure of Lupine Leghemoglobin with a Resolution of 2.8 Angstroms' 'Dokl.Biochem.(Engl.Transl.)' 233 
67   ?   1977 DBIOAM US 0012-4958 0903 ? ?       ?                      
8       'X-Ray Structural Study of Leghemoglobin. III. Crystallographic Data on the Structure of the First Component (Russian)' 
Kristallografiya                      22  634  ?   1977 KRISAJ UR 0023-4761 0041 ? ?       ?                      
9       'X-Ray Structural Study of Leghemoglobin. III. Crystallographic Data Regarding the Structure of the First Component' 
'Sov.Phys.Crystallogr.(Engl.Transl.)' 22  362  ?   1977 SPHCA6 US 0038-5638 0902 ? ?       ?                      
10      'The Haem-Accessibility in Leghaemoglobin of Lupinus Luteus as Observed by Proton Magnetic Relaxation' 
'Int.J.Pept.Protein Res.'             8   427  ?   1976 IJPPC3 DK 0367-8377 0215 ? ?       ?                      
11      'X-Ray Study of Leghemoglobin. II. Determination of the Structure with Resolution of 5 Angstroms' 
'Sov.Phys.Crystallogr.(Engl.Transl.)' 19  602  ?   1975 SPHCA6 US 0038-5638 0902 ? ?       ?                      
12      'X-Ray Study of Leghemoglobin. I.Purification, Crystallization, and Preparation of Derivatives Containing Heavy Atoms' 
'Sov.Phys.Crystallogr.(Engl.Transl.)' 19  598  ?   1975 SPHCA6 US 0038-5638 0902 ? ?       ?                      
13      'Structure of Leghaemoglobin from Lupin Root Nodules at 5 Angstroms Resolution' Nature                                254 
163  ?   1975 NATUAS UK 0028-0836 0006 ? ?       ?                      
14      'The X-Ray Structural Study of Leghemoglobin. II. Determination of the Structure at 5 Angstroms Resolution (Russian)' 
Kristallografiya                      19  971  ?   1974 KRISAJ UR 0023-4761 0041 ? ?       ?                      
15      
;The X-Ray Structural Study of Leghemoglobin. I. Purification, Crystallization, and Production of Derivatives Containing Heavy Atoms (Russian)
;
Kristallografiya                      19  964  ?   1974 KRISAJ UR 0023-4761 0041 ? ?       ?                      
16      
'X-Ray Determination of Three-Dimensional Structure of Leghemoglobin from Lupinus Luteus L. At 5 Angstroms Resolution (Russian)' 
'Dokl.Akad.Nauk Sssr'                 216 690  ?   1974 DANKAS UR 0002-3264 0093 ? ?       ?                      
17      
;X-Ray Diffraction Determination of the Three-Dimensional Structure of Leghemoglobin of Lupinus Luteus L. With 5 Angstroms Resolution
;
'Dokl.Biochem.(Engl.Transl.)'         216 226  ?   1974 DBIOAM US 0012-4958 0903 ? ?       ?                      
18      'Cell Parameters of Crystalline Plant (Lupinus Luteus (Lupine)) Hemoglobin (Russian)' Kristallografiya 16  237  ?   1971 
KRISAJ UR 0023-4761 0041 ? ?       ?                      
19      'Unit-Cell Parameters of Crystalline Plant Hemoglobin' 'Sov.Phys.Crystallogr.(Engl.Transl.)' 16  193  ?   1971 SPHCA6 US 
0038-5638 0902 ? ?       ?                      
# 
loop_
_citation_author.citation_id 
_citation_author.name 
_citation_author.ordinal 
_citation_author.identifier_ORCID 
primary 'Harutyunyan, E.H.'   1   ? 
primary 'Safonova, T.N.'      2   ? 
primary 'Kuranova, I.P.'      3   ? 
primary 'Popov, A.N.'         4   ? 
primary 'Teplyakov, A.V.'     5   ? 
primary 'Obmolova, G.V.'      6   ? 
primary 'Valnshtein, B.K.'    7   ? 
primary 'Dodson, G.G.'        8   ? 
primary 'Wilson, J.C.'        9   ? 
1       'Obmolova, G.V.'      10  ? 
1       'Safonova, T.N.'      11  ? 
1       'Teplyakov, A.V.'     12  ? 
1       'Popov, A.N.'         13  ? 
1       'Kuranova, I.P.'      14  ? 
1       'Harutyunyan, E.G.'   15  ? 
1       'Vainshtein, B.K.'    16  ? 
2       'Arutyunyan, E.G.'    17  ? 
2       'Kuranova, I.P.'      18  ? 
2       'Vainshtein, B.K.'    19  ? 
2       'Steigemann, W.'      20  ? 
3       'Arutyunyan, E.G.'    21  ? 
3       'Kuranova, I.P.'      22  ? 
3       'Vainshtein, B.K.'    23  ? 
3       'Steigemann, W.'      24  ? 
4       'Vainshtein, B.K.'    25  ? 
4       'Arutyunyan, E.G.'    26  ? 
4       'Kuranova, I.P.'      27  ? 
4       'Borisov, V.V.'       28  ? 
4       'Sosfenov, N.I.'      29  ? 
4       'Pavlovskii, A.G.'    30  ? 
4       'Grebenko, A.I.'      31  ? 
4       'Nekrasov, Yu.V.'     32  ? 
5       'Vainshtein, B.K.'    33  ? 
5       'Arutyunyan, E.G.'    34  ? 
5       'Kuranova, I.P.'      35  ? 
5       'Borisov, V.V.'       36  ? 
5       'Sosfenov, N.I.'      37  ? 
5       'Pavlovskii, A.G.'    38  ? 
5       'Grebenko, A.I.'      39  ? 
5       'Nekrasov, Yu.V.'     40  ? 
6       'Vainshtein, B.K.'    41  ? 
6       'Arutiunian, E.G.'    42  ? 
6       'Kuranova, I.P.'      43  ? 
6       'Borisov, V.V.'       44  ? 
6       'Sosfenov, N.I.'      45  ? 
6       'Pavlovskii, A.G.'    46  ? 
6       'Grebenko, A.I.'      47  ? 
6       'Konareva, N.V.'      48  ? 
6       'Nekrasov, Iu.V.'     49  ? 
7       'Vainshtein, B.K.'    50  ? 
7       'Arutyunyan, E.G.'    51  ? 
7       'Kuranova, I.P.'      52  ? 
7       'Borisov, V.V.'       53  ? 
7       'Sosfenov, N.I.'      54  ? 
7       'Pavlovskii, A.G.'    55  ? 
7       'Grebenko, A.I.'      56  ? 
7       'Konareva, N.V.'      57  ? 
7       'Nekrasov, Yu.V.'     58  ? 
8       'Arutyunyan, E.G.'    59  ? 
8       'Kuranova, I.P.'      60  ? 
8       'Grebenko, A.I.'      61  ? 
8       'Voronova, A.A.'      62  ? 
9       'Arutyunyan, E.G.'    63  ? 
9       'Kuranova, I.P.'      64  ? 
9       'Grebenko, A.I.'      65  ? 
9       'Voronova, A.A.'      66  ? 
10      'Vuk-Pavlovic, S.'    67  ? 
10      'Benko, B.'           68  ? 
10      'Maricic, S.'         69  ? 
10      'Lahajnar, G.'        70  ? 
10      'Kuranova, I.P.'      71  ? 
10      'Vainshtein, B.K.'    72  ? 
11      'Vainshtein, B.K.'    73  ? 
11      'Arutyunyan, E.G.'    74  ? 
11      'Kuranova, I.P.'      75  ? 
11      'Borisov, V.V.'       76  ? 
11      'Sosfenov, N.I.'      77  ? 
11      'Pavlovskii, A.G.'    78  ? 
11      'Grebenko, A.I.'      79  ? 
11      'Konareva, N.V.'      80  ? 
12      'Vainshtein, B.K.'    81  ? 
12      'Arutyunyan, E.G.'    82  ? 
12      'Kuranova, I.P.'      83  ? 
12      'Borisov, V.V.'       84  ? 
12      'Sosfenov, N.I.'      85  ? 
12      'Pavlovskii, A.G.'    86  ? 
12      'Grebenko, A.I.'      87  ? 
12      'Konareva, N.V.'      88  ? 
13      'Vainshtein, B.K.'    89  ? 
13      'Harutyunyan, E.H.'   90  ? 
13      'Kuranova, I.P.'      91  ? 
13      'Borisov, V.V.'       92  ? 
13      'Sosfenov, N.I.'      93  ? 
13      'Pavlovsky, A.G.'     94  ? 
13      'Grebenko, A.I.'      95  ? 
13      'Konareva, N.V.'      96  ? 
14      'Vainshtein, B.K.'    97  ? 
14      'Arutyunyan, E.G.'    98  ? 
14      'Kuranova, I.P.'      99  ? 
14      'Borisov, V.V.'       100 ? 
14      'Sosfenov, N.I.'      101 ? 
14      'Pavlovskii, A.G.'    102 ? 
14      'Grebenko, A.I.'      103 ? 
14      'Konareva, N.V.'      104 ? 
15      'Vainshtein, B.K.'    105 ? 
15      'Arutyunyan, E.G.'    106 ? 
15      'Kuranova, I.P.'      107 ? 
15      'Borisov, V.V.'       108 ? 
15      'Sosfenov, N.I.'      109 ? 
15      'Pavlovskii, A.G.'    110 ? 
15      'Grebenko, A.I.'      111 ? 
15      'Konareva, N.V.'      112 ? 
16      'Vainshtein, B.K.'    113 ? 
16      'Arutiunian, E.G.'    114 ? 
16      'Kuranova, I.P.'      115 ? 
16      'Borisov, V.V.'       116 ? 
16      'Sosfenov, N.I.'      117 ? 
16      'Pavlovskii, A.G.'    118 ? 
16      'Grebenko, A.I.'      119 ? 
16      'Konareva, N.V.'      120 ? 
17      'Vainshtein, B.K.'    121 ? 
17      'Arutyunyan, E.G.'    122 ? 
17      'Kuranova, I.P.'      123 ? 
17      'Borisov, V.V.'       124 ? 
17      'Sosfenov, N.I.'      125 ? 
17      'Pavlovskii, A.G.'    126 ? 
17      'Grebenko, A.I.'      127 ? 
17      'Konareva, N.V.'      128 ? 
18      'Arutyunyan, E.G.'    129 ? 
18      'Zaitsev, V.N.'       130 ? 
18      'Zhiznevskaya, G.Ya.' 131 ? 
18      'Borodenko, L.I.'     132 ? 
19      'Arutyunyan, E.G.'    133 ? 
19      'Zaitsev, V.N.'       134 ? 
19      'Zhiznevskaya, G.Ya.' 135 ? 
19      'Borodenko, L.I.'     136 ? 
# 
loop_
_entity.id 
_entity.type 
_entity.src_method 
_entity.pdbx_description 
_entity.formula_weight 
_entity.pdbx_number_of_molecules 
_entity.pdbx_ec 
_entity.pdbx_mutation 
_entity.pdbx_fragment 
_entity.details 
1 polymer     man 'LEGHEMOGLOBIN (CARBONMONOXY)'    16674.070 1   ? ? ? ? 
2 non-polymer syn 'PROTOPORPHYRIN IX CONTAINING FE' 616.487   1   ? ? ? ? 
3 non-polymer syn 'CARBON MONOXIDE'                 28.010    1   ? ? ? ? 
4 water       nat water                             18.015    153 ? ? ? ? 
# 
_entity_poly.entity_id                      1 
_entity_poly.type                           'polypeptide(L)' 
_entity_poly.nstd_linkage                   no 
_entity_poly.nstd_monomer                   no 
_entity_poly.pdbx_seq_one_letter_code       
;GALTESQAALVKSSWEEFNANIPKHTHRFFILVLEIAPAAKDLFSFLKGTSEVPQNNPELQAHAGKVFKLVYEAAIQLEV
TGVVVTDATLKNLGSVHVSKGVADAHFPVVKEAILKTIKEVVGAKWSEELNSAWTIAYDELAIVIKKEMDDAA
;
_entity_poly.pdbx_seq_one_letter_code_can   
;GALTESQAALVKSSWEEFNANIPKHTHRFFILVLEIAPAAKDLFSFLKGTSEVPQNNPELQAHAGKVFKLVYEAAIQLEV
TGVVVTDATLKNLGSVHVSKGVADAHFPVVKEAILKTIKEVVGAKWSEELNSAWTIAYDELAIVIKKEMDDAA
;
_entity_poly.pdbx_strand_id                 A 
_entity_poly.pdbx_target_identifier         ? 
# 
loop_
_pdbx_entity_nonpoly.entity_id 
_pdbx_entity_nonpoly.name 
_pdbx_entity_nonpoly.comp_id 
2 'PROTOPORPHYRIN IX CONTAINING FE' HEM 
3 'CARBON MONOXIDE'                 CMO 
4 water                             HOH 
# 
loop_
_entity_poly_seq.entity_id 
_entity_poly_seq.num 
_entity_poly_seq.mon_id 
_entity_poly_seq.hetero 
1 1   GLY n 
1 2   ALA n 
1 3   LEU n 
1 4   THR n 
1 5   GLU n 
1 6   SER n 
1 7   GLN n 
1 8   ALA n 
1 9   ALA n 
1 10  LEU n 
1 11  VAL n 
1 12  LYS n 
1 13  SER n 
1 14  SER n 
1 15  TRP n 
1 16  GLU n 
1 17  GLU n 
1 18  PHE n 
1 19  ASN n 
1 20  ALA n 
1 21  ASN n 
1 22  ILE n 
1 23  PRO n 
1 24  LYS n 
1 25  HIS n 
1 26  THR n 
1 27  HIS n 
1 28  ARG n 
1 29  PHE n 
1 30  PHE n 
1 31  ILE n 
1 32  LEU n 
1 33  VAL n 
1 34  LEU n 
1 35  GLU n 
1 36  ILE n 
1 37  ALA n 
1 38  PRO n 
1 39  ALA n 
1 40  ALA n 
1 41  LYS n 
1 42  ASP n 
1 43  LEU n 
1 44  PHE n 
1 45  SER n 
1 46  PHE n 
1 47  LEU n 
1 48  LYS n 
1 49  GLY n 
1 50  THR n 
1 51  SER n 
1 52  GLU n 
1 53  VAL n 
1 54  PRO n 
1 55  GLN n 
1 56  ASN n 
1 57  ASN n 
1 58  PRO n 
1 59  GLU n 
1 60  LEU n 
1 61  GLN n 
1 62  ALA n 
1 63  HIS n 
1 64  ALA n 
1 65  GLY n 
1 66  LYS n 
1 67  VAL n 
1 68  PHE n 
1 69  LYS n 
1 70  LEU n 
1 71  VAL n 
1 72  TYR n 
1 73  GLU n 
1 74  ALA n 
1 75  ALA n 
1 76  ILE n 
1 77  GLN n 
1 78  LEU n 
1 79  GLU n 
1 80  VAL n 
1 81  THR n 
1 82  GLY n 
1 83  VAL n 
1 84  VAL n 
1 85  VAL n 
1 86  THR n 
1 87  ASP n 
1 88  ALA n 
1 89  THR n 
1 90  LEU n 
1 91  LYS n 
1 92  ASN n 
1 93  LEU n 
1 94  GLY n 
1 95  SER n 
1 96  VAL n 
1 97  HIS n 
1 98  VAL n 
1 99  SER n 
1 100 LYS n 
1 101 GLY n 
1 102 VAL n 
1 103 ALA n 
1 104 ASP n 
1 105 ALA n 
1 106 HIS n 
1 107 PHE n 
1 108 PRO n 
1 109 VAL n 
1 110 VAL n 
1 111 LYS n 
1 112 GLU n 
1 113 ALA n 
1 114 ILE n 
1 115 LEU n 
1 116 LYS n 
1 117 THR n 
1 118 ILE n 
1 119 LYS n 
1 120 GLU n 
1 121 VAL n 
1 122 VAL n 
1 123 GLY n 
1 124 ALA n 
1 125 LYS n 
1 126 TRP n 
1 127 SER n 
1 128 GLU n 
1 129 GLU n 
1 130 LEU n 
1 131 ASN n 
1 132 SER n 
1 133 ALA n 
1 134 TRP n 
1 135 THR n 
1 136 ILE n 
1 137 ALA n 
1 138 TYR n 
1 139 ASP n 
1 140 GLU n 
1 141 LEU n 
1 142 ALA n 
1 143 ILE n 
1 144 VAL n 
1 145 ILE n 
1 146 LYS n 
1 147 LYS n 
1 148 GLU n 
1 149 MET n 
1 150 ASP n 
1 151 ASP n 
1 152 ALA n 
1 153 ALA n 
# 
_entity_src_gen.entity_id                          1 
_entity_src_gen.pdbx_src_id                        1 
_entity_src_gen.pdbx_alt_source_flag               sample 
_entity_src_gen.pdbx_seq_type                      ? 
_entity_src_gen.pdbx_beg_seq_num                   ? 
_entity_src_gen.pdbx_end_seq_num                   ? 
_entity_src_gen.gene_src_common_name               'yellow lupine' 
_entity_src_gen.gene_src_genus                     Lupinus 
_entity_src_gen.pdbx_gene_src_gene                 ? 
_entity_src_gen.gene_src_species                   ? 
_entity_src_gen.gene_src_strain                    ? 
_entity_src_gen.gene_src_tissue                    ? 
_entity_src_gen.gene_src_tissue_fraction           ? 
_entity_src_gen.gene_src_details                   ? 
_entity_src_gen.pdbx_gene_src_fragment             ? 
_entity_src_gen.pdbx_gene_src_scientific_name      'Lupinus luteus' 
_entity_src_gen.pdbx_gene_src_ncbi_taxonomy_id     3873 
_entity_src_gen.pdbx_gene_src_variant              ? 
_entity_src_gen.pdbx_gene_src_cell_line            ? 
_entity_src_gen.pdbx_gene_src_atcc                 ? 
_entity_src_gen.pdbx_gene_src_organ                ? 
_entity_src_gen.pdbx_gene_src_organelle            ? 
_entity_src_gen.pdbx_gene_src_cell                 ? 
_entity_src_gen.pdbx_gene_src_cellular_location    ? 
_entity_src_gen.host_org_common_name               ? 
_entity_src_gen.pdbx_host_org_scientific_name      ? 
_entity_src_gen.pdbx_host_org_ncbi_taxonomy_id     ? 
_entity_src_gen.host_org_genus                     ? 
_entity_src_gen.pdbx_host_org_gene                 ? 
_entity_src_gen.pdbx_host_org_organ                ? 
_entity_src_gen.host_org_species                   ? 
_entity_src_gen.pdbx_host_org_tissue               ? 
_entity_src_gen.pdbx_host_org_tissue_fraction      ? 
_entity_src_gen.pdbx_host_org_strain               ? 
_entity_src_gen.pdbx_host_org_variant              ? 
_entity_src_gen.pdbx_host_org_cell_line            ? 
_entity_src_gen.pdbx_host_org_atcc                 ? 
_entity_src_gen.pdbx_host_org_culture_collection   ? 
_entity_src_gen.pdbx_host_org_cell                 ? 
_entity_src_gen.pdbx_host_org_organelle            ? 
_entity_src_gen.pdbx_host_org_cellular_location    ? 
_entity_src_gen.pdbx_host_org_vector_type          ? 
_entity_src_gen.pdbx_host_org_vector               ? 
_entity_src_gen.host_org_details                   ? 
_entity_src_gen.expression_system_id               ? 
_entity_src_gen.plasmid_name                       ? 
_entity_src_gen.plasmid_details                    ? 
_entity_src_gen.pdbx_description                   ? 
# 
loop_
_chem_comp.id 
_chem_comp.type 
_chem_comp.mon_nstd_flag 
_chem_comp.name 
_chem_comp.pdbx_synonyms 
_chem_comp.formula 
_chem_comp.formula_weight 
ALA 'L-peptide linking' y ALANINE                           ?    'C3 H7 N O2'       89.093  
ARG 'L-peptide linking' y ARGININE                          ?    'C6 H15 N4 O2 1'   175.209 
ASN 'L-peptide linking' y ASPARAGINE                        ?    'C4 H8 N2 O3'      132.118 
ASP 'L-peptide linking' y 'ASPARTIC ACID'                   ?    'C4 H7 N O4'       133.103 
CMO non-polymer         . 'CARBON MONOXIDE'                 ?    'C O'              28.010  
GLN 'L-peptide linking' y GLUTAMINE                         ?    'C5 H10 N2 O3'     146.144 
GLU 'L-peptide linking' y 'GLUTAMIC ACID'                   ?    'C5 H9 N O4'       147.129 
GLY 'peptide linking'   y GLYCINE                           ?    'C2 H5 N O2'       75.067  
HEM non-polymer         . 'PROTOPORPHYRIN IX CONTAINING FE' HEME 'C34 H32 Fe N4 O4' 616.487 
HIS 'L-peptide linking' y HISTIDINE                         ?    'C6 H10 N3 O2 1'   156.162 
HOH non-polymer         . WATER                             ?    'H2 O'             18.015  
ILE 'L-peptide linking' y ISOLEUCINE                        ?    'C6 H13 N O2'      131.173 
LEU 'L-peptide linking' y LEUCINE                           ?    'C6 H13 N O2'      131.173 
LYS 'L-peptide linking' y LYSINE                            ?    'C6 H15 N2 O2 1'   147.195 
MET 'L-peptide linking' y METHIONINE                        ?    'C5 H11 N O2 S'    149.211 
PHE 'L-peptide linking' y PHENYLALANINE                     ?    'C9 H11 N O2'      165.189 
PRO 'L-peptide linking' y PROLINE                           ?    'C5 H9 N O2'       115.130 
SER 'L-peptide linking' y SERINE                            ?    'C3 H7 N O3'       105.093 
THR 'L-peptide linking' y THREONINE                         ?    'C4 H9 N O3'       119.119 
TRP 'L-peptide linking' y TRYPTOPHAN                        ?    'C11 H12 N2 O2'    204.225 
TYR 'L-peptide linking' y TYROSINE                          ?    'C9 H11 N O3'      181.189 
VAL 'L-peptide linking' y VALINE                            ?    'C5 H11 N O2'      117.146 
# 
loop_
_pdbx_poly_seq_scheme.asym_id 
_pdbx_poly_seq_scheme.entity_id 
_pdbx_poly_seq_scheme.seq_id 
_pdbx_poly_seq_scheme.mon_id 
_pdbx_poly_seq_scheme.ndb_seq_num 
_pdbx_poly_seq_scheme.pdb_seq_num 
_pdbx_poly_seq_scheme.auth_seq_num 
_pdbx_poly_seq_scheme.pdb_mon_id 
_pdbx_poly_seq_scheme.auth_mon_id 
_pdbx_poly_seq_scheme.pdb_strand_id 
_pdbx_poly_seq_scheme.pdb_ins_code 
_pdbx_poly_seq_scheme.hetero 
A 1 1   GLY 1   1   1   GLY GLY A . n 
A 1 2   ALA 2   2   2   ALA ALA A . n 
A 1 3   LEU 3   3   3   LEU LEU A . n 
A 1 4   THR 4   4   4   THR THR A . n 
A 1 5   GLU 5   5   5   GLU GLU A . n 
A 1 6   SER 6   6   6   SER SER A . n 
A 1 7   GLN 7   7   7   GLN GLN A . n 
A 1 8   ALA 8   8   8   ALA ALA A . n 
A 1 9   ALA 9   9   9   ALA ALA A . n 
A 1 10  LEU 10  10  10  LEU LEU A . n 
A 1 11  VAL 11  11  11  VAL VAL A . n 
A 1 12  LYS 12  12  12  LYS LYS A . n 
A 1 13  SER 13  13  13  SER SER A . n 
A 1 14  SER 14  14  14  SER SER A . n 
A 1 15  TRP 15  15  15  TRP TRP A . n 
A 1 16  GLU 16  16  16  GLU GLU A . n 
A 1 17  GLU 17  17  17  GLU GLU A . n 
A 1 18  PHE 18  18  18  PHE PHE A . n 
A 1 19  ASN 19  19  19  ASN ASN A . n 
A 1 20  ALA 20  20  20  ALA ALA A . n 
A 1 21  ASN 21  21  21  ASN ASN A . n 
A 1 22  ILE 22  22  22  ILE ILE A . n 
A 1 23  PRO 23  23  23  PRO PRO A . n 
A 1 24  LYS 24  24  24  LYS LYS A . n 
A 1 25  HIS 25  25  25  HIS HIS A . n 
A 1 26  THR 26  26  26  THR THR A . n 
A 1 27  HIS 27  27  27  HIS HIS A . n 
A 1 28  ARG 28  28  28  ARG ARG A . n 
A 1 29  PHE 29  29  29  PHE PHE A . n 
A 1 30  PHE 30  30  30  PHE PHE A . n 
A 1 31  ILE 31  31  31  ILE ILE A . n 
A 1 32  LEU 32  32  32  LEU LEU A . n 
A 1 33  VAL 33  33  33  VAL VAL A . n 
A 1 34  LEU 34  34  34  LEU LEU A . n 
A 1 35  GLU 35  35  35  GLU GLU A . n 
A 1 36  ILE 36  36  36  ILE ILE A . n 
A 1 37  ALA 37  37  37  ALA ALA A . n 
A 1 38  PRO 38  38  38  PRO PRO A . n 
A 1 39  ALA 39  39  39  ALA ALA A . n 
A 1 40  ALA 40  40  40  ALA ALA A . n 
A 1 41  LYS 41  41  41  LYS LYS A . n 
A 1 42  ASP 42  42  42  ASP ASP A . n 
A 1 43  LEU 43  43  43  LEU LEU A . n 
A 1 44  PHE 44  44  44  PHE PHE A . n 
A 1 45  SER 45  45  45  SER SER A . n 
A 1 46  PHE 46  46  46  PHE PHE A . n 
A 1 47  LEU 47  47  47  LEU LEU A . n 
A 1 48  LYS 48  48  48  LYS LYS A . n 
A 1 49  GLY 49  49  49  GLY GLY A . n 
A 1 50  THR 50  50  50  THR THR A . n 
A 1 51  SER 51  51  51  SER SER A . n 
A 1 52  GLU 52  52  52  GLU GLU A . n 
A 1 53  VAL 53  53  53  VAL VAL A . n 
A 1 54  PRO 54  54  54  PRO PRO A . n 
A 1 55  GLN 55  55  55  GLN GLN A . n 
A 1 56  ASN 56  56  56  ASN ASN A . n 
A 1 57  ASN 57  57  57  ASN ASN A . n 
A 1 58  PRO 58  58  58  PRO PRO A . n 
A 1 59  GLU 59  59  59  GLU GLU A . n 
A 1 60  LEU 60  60  60  LEU LEU A . n 
A 1 61  GLN 61  61  61  GLN GLN A . n 
A 1 62  ALA 62  62  62  ALA ALA A . n 
A 1 63  HIS 63  63  63  HIS HIS A . n 
A 1 64  ALA 64  64  64  ALA ALA A . n 
A 1 65  GLY 65  65  65  GLY GLY A . n 
A 1 66  LYS 66  66  66  LYS LYS A . n 
A 1 67  VAL 67  67  67  VAL VAL A . n 
A 1 68  PHE 68  68  68  PHE PHE A . n 
A 1 69  LYS 69  69  69  LYS LYS A . n 
A 1 70  LEU 70  70  70  LEU LEU A . n 
A 1 71  VAL 71  71  71  VAL VAL A . n 
A 1 72  TYR 72  72  72  TYR TYR A . n 
A 1 73  GLU 73  73  73  GLU GLU A . n 
A 1 74  ALA 74  74  74  ALA ALA A . n 
A 1 75  ALA 75  75  75  ALA ALA A . n 
A 1 76  ILE 76  76  76  ILE ILE A . n 
A 1 77  GLN 77  77  77  GLN GLN A . n 
A 1 78  LEU 78  78  78  LEU LEU A . n 
A 1 79  GLU 79  79  79  GLU GLU A . n 
A 1 80  VAL 80  80  80  VAL VAL A . n 
A 1 81  THR 81  81  81  THR THR A . n 
A 1 82  GLY 82  82  82  GLY GLY A . n 
A 1 83  VAL 83  83  83  VAL VAL A . n 
A 1 84  VAL 84  84  84  VAL VAL A . n 
A 1 85  VAL 85  85  85  VAL VAL A . n 
A 1 86  THR 86  86  86  THR THR A . n 
A 1 87  ASP 87  87  87  ASP ASP A . n 
A 1 88  ALA 88  88  88  ALA ALA A . n 
A 1 89  THR 89  89  89  THR THR A . n 
A 1 90  LEU 90  90  90  LEU LEU A . n 
A 1 91  LYS 91  91  91  LYS LYS A . n 
A 1 92  ASN 92  92  92  ASN ASN A . n 
A 1 93  LEU 93  93  93  LEU LEU A . n 
A 1 94  GLY 94  94  94  GLY GLY A . n 
A 1 95  SER 95  95  95  SER SER A . n 
A 1 96  VAL 96  96  96  VAL VAL A . n 
A 1 97  HIS 97  97  97  HIS HIS A . n 
A 1 98  VAL 98  98  98  VAL VAL A . n 
A 1 99  SER 99  99  99  SER SER A . n 
A 1 100 LYS 100 100 100 LYS LYS A . n 
A 1 101 GLY 101 101 101 GLY GLY A . n 
A 1 102 VAL 102 102 102 VAL VAL A . n 
A 1 103 ALA 103 103 103 ALA ALA A . n 
A 1 104 ASP 104 104 104 ASP ASP A . n 
A 1 105 ALA 105 105 105 ALA ALA A . n 
A 1 106 HIS 106 106 106 HIS HIS A . n 
A 1 107 PHE 107 107 107 PHE PHE A . n 
A 1 108 PRO 108 108 108 PRO PRO A . n 
A 1 109 VAL 109 109 109 VAL VAL A . n 
A 1 110 VAL 110 110 110 VAL VAL A . n 
A 1 111 LYS 111 111 111 LYS LYS A . n 
A 1 112 GLU 112 112 112 GLU GLU A . n 
A 1 113 ALA 113 113 113 ALA ALA A . n 
A 1 114 ILE 114 114 114 ILE ILE A . n 
A 1 115 LEU 115 115 115 LEU LEU A . n 
A 1 116 LYS 116 116 116 LYS LYS A . n 
A 1 117 THR 117 117 117 THR THR A . n 
A 1 118 ILE 118 118 118 ILE ILE A . n 
A 1 119 LYS 119 119 119 LYS LYS A . n 
A 1 120 GLU 120 120 120 GLU GLU A . n 
A 1 121 VAL 121 121 121 VAL VAL A . n 
A 1 122 VAL 122 122 122 VAL VAL A . n 
A 1 123 GLY 123 123 123 GLY GLY A . n 
A 1 124 ALA 124 124 124 ALA ALA A . n 
A 1 125 LYS 125 125 125 LYS LYS A . n 
A 1 126 TRP 126 126 126 TRP TRP A . n 
A 1 127 SER 127 127 127 SER SER A . n 
A 1 128 GLU 128 128 128 GLU GLU A . n 
A 1 129 GLU 129 129 129 GLU GLU A . n 
A 1 130 LEU 130 130 130 LEU LEU A . n 
A 1 131 ASN 131 131 131 ASN ASN A . n 
A 1 132 SER 132 132 132 SER SER A . n 
A 1 133 ALA 133 133 133 ALA ALA A . n 
A 1 134 TRP 134 134 134 TRP TRP A . n 
A 1 135 THR 135 135 135 THR THR A . n 
A 1 136 ILE 136 136 136 ILE ILE A . n 
A 1 137 ALA 137 137 137 ALA ALA A . n 
A 1 138 TYR 138 138 138 TYR TYR A . n 
A 1 139 ASP 139 139 139 ASP ASP A . n 
A 1 140 GLU 140 140 140 GLU GLU A . n 
A 1 141 LEU 141 141 141 LEU LEU A . n 
A 1 142 ALA 142 142 142 ALA ALA A . n 
A 1 143 ILE 143 143 143 ILE ILE A . n 
A 1 144 VAL 144 144 144 VAL VAL A . n 
A 1 145 ILE 145 145 145 ILE ILE A . n 
A 1 146 LYS 146 146 146 LYS LYS A . n 
A 1 147 LYS 147 147 147 LYS LYS A . n 
A 1 148 GLU 148 148 148 GLU GLU A . n 
A 1 149 MET 149 149 149 MET MET A . n 
A 1 150 ASP 150 150 150 ASP ASP A . n 
A 1 151 ASP 151 151 151 ASP ASP A . n 
A 1 152 ALA 152 152 152 ALA ALA A . n 
A 1 153 ALA 153 153 153 ALA ALA A . n 
# 
loop_
_pdbx_nonpoly_scheme.asym_id 
_pdbx_nonpoly_scheme.entity_id 
_pdbx_nonpoly_scheme.mon_id 
_pdbx_nonpoly_scheme.ndb_seq_num 
_pdbx_nonpoly_scheme.pdb_seq_num 
_pdbx_nonpoly_scheme.auth_seq_num 
_pdbx_nonpoly_scheme.pdb_mon_id 
_pdbx_nonpoly_scheme.auth_mon_id 
_pdbx_nonpoly_scheme.pdb_strand_id 
_pdbx_nonpoly_scheme.pdb_ins_code 
B 2 HEM 1   154 154 HEM HEM A . 
C 3 CMO 1   155 154 CMO CMO A . 
D 4 HOH 1   156 156 HOH HOH A . 
D 4 HOH 2   157 157 HOH HOH A . 
D 4 HOH 3   158 158 HOH HOH A . 
D 4 HOH 4   159 159 HOH HOH A . 
D 4 HOH 5   160 160 HOH HOH A . 
D 4 HOH 6   161 161 HOH HOH A . 
D 4 HOH 7   162 162 HOH HOH A . 
D 4 HOH 8   163 163 HOH HOH A . 
D 4 HOH 9   164 164 HOH HOH A . 
D 4 HOH 10  165 165 HOH HOH A . 
D 4 HOH 11  166 166 HOH HOH A . 
D 4 HOH 12  167 167 HOH HOH A . 
D 4 HOH 13  168 168 HOH HOH A . 
D 4 HOH 14  169 169 HOH HOH A . 
D 4 HOH 15  170 170 HOH HOH A . 
D 4 HOH 16  171 171 HOH HOH A . 
D 4 HOH 17  172 172 HOH HOH A . 
D 4 HOH 18  173 173 HOH HOH A . 
D 4 HOH 19  174 174 HOH HOH A . 
D 4 HOH 20  175 175 HOH HOH A . 
D 4 HOH 21  176 176 HOH HOH A . 
D 4 HOH 22  177 177 HOH HOH A . 
D 4 HOH 23  178 178 HOH HOH A . 
D 4 HOH 24  179 179 HOH HOH A . 
D 4 HOH 25  180 180 HOH HOH A . 
D 4 HOH 26  181 181 HOH HOH A . 
D 4 HOH 27  182 182 HOH HOH A . 
D 4 HOH 28  183 183 HOH HOH A . 
D 4 HOH 29  184 184 HOH HOH A . 
D 4 HOH 30  185 185 HOH HOH A . 
D 4 HOH 31  186 186 HOH HOH A . 
D 4 HOH 32  187 187 HOH HOH A . 
D 4 HOH 33  188 188 HOH HOH A . 
D 4 HOH 34  189 189 HOH HOH A . 
D 4 HOH 35  190 190 HOH HOH A . 
D 4 HOH 36  191 191 HOH HOH A . 
D 4 HOH 37  192 192 HOH HOH A . 
D 4 HOH 38  193 193 HOH HOH A . 
D 4 HOH 39  195 195 HOH HOH A . 
D 4 HOH 40  196 196 HOH HOH A . 
D 4 HOH 41  197 197 HOH HOH A . 
D 4 HOH 42  198 198 HOH HOH A . 
D 4 HOH 43  199 199 HOH HOH A . 
D 4 HOH 44  200 200 HOH HOH A . 
D 4 HOH 45  201 201 HOH HOH A . 
D 4 HOH 46  206 206 HOH HOH A . 
D 4 HOH 47  207 207 HOH HOH A . 
D 4 HOH 48  209 209 HOH HOH A . 
D 4 HOH 49  210 210 HOH HOH A . 
D 4 HOH 50  211 211 HOH HOH A . 
D 4 HOH 51  212 212 HOH HOH A . 
D 4 HOH 52  213 213 HOH HOH A . 
D 4 HOH 53  214 214 HOH HOH A . 
D 4 HOH 54  215 215 HOH HOH A . 
D 4 HOH 55  217 217 HOH HOH A . 
D 4 HOH 56  218 218 HOH HOH A . 
D 4 HOH 57  219 219 HOH HOH A . 
D 4 HOH 58  222 222 HOH HOH A . 
D 4 HOH 59  225 225 HOH HOH A . 
D 4 HOH 60  226 226 HOH HOH A . 
D 4 HOH 61  228 228 HOH HOH A . 
D 4 HOH 62  229 229 HOH HOH A . 
D 4 HOH 63  230 230 HOH HOH A . 
D 4 HOH 64  232 232 HOH HOH A . 
D 4 HOH 65  233 233 HOH HOH A . 
D 4 HOH 66  234 234 HOH HOH A . 
D 4 HOH 67  238 238 HOH HOH A . 
D 4 HOH 68  239 239 HOH HOH A . 
D 4 HOH 69  242 242 HOH HOH A . 
D 4 HOH 70  245 245 HOH HOH A . 
D 4 HOH 71  246 246 HOH HOH A . 
D 4 HOH 72  247 247 HOH HOH A . 
D 4 HOH 73  250 250 HOH HOH A . 
D 4 HOH 74  251 251 HOH HOH A . 
D 4 HOH 75  252 252 HOH HOH A . 
D 4 HOH 76  253 253 HOH HOH A . 
D 4 HOH 77  254 254 HOH HOH A . 
D 4 HOH 78  256 256 HOH HOH A . 
D 4 HOH 79  257 257 HOH HOH A . 
D 4 HOH 80  258 258 HOH HOH A . 
D 4 HOH 81  260 260 HOH HOH A . 
D 4 HOH 82  262 262 HOH HOH A . 
D 4 HOH 83  263 263 HOH HOH A . 
D 4 HOH 84  265 265 HOH HOH A . 
D 4 HOH 85  266 266 HOH HOH A . 
D 4 HOH 86  267 267 HOH HOH A . 
D 4 HOH 87  268 268 HOH HOH A . 
D 4 HOH 88  269 269 HOH HOH A . 
D 4 HOH 89  270 270 HOH HOH A . 
D 4 HOH 90  271 271 HOH HOH A . 
D 4 HOH 91  273 273 HOH HOH A . 
D 4 HOH 92  276 276 HOH HOH A . 
D 4 HOH 93  277 277 HOH HOH A . 
D 4 HOH 94  278 278 HOH HOH A . 
D 4 HOH 95  281 281 HOH HOH A . 
D 4 HOH 96  282 282 HOH HOH A . 
D 4 HOH 97  286 286 HOH HOH A . 
D 4 HOH 98  287 287 HOH HOH A . 
D 4 HOH 99  288 288 HOH HOH A . 
D 4 HOH 100 291 291 HOH HOH A . 
D 4 HOH 101 292 292 HOH HOH A . 
D 4 HOH 102 300 300 HOH HOH A . 
D 4 HOH 103 301 301 HOH HOH A . 
D 4 HOH 104 310 310 HOH HOH A . 
D 4 HOH 105 311 311 HOH HOH A . 
D 4 HOH 106 312 312 HOH HOH A . 
D 4 HOH 107 313 313 HOH HOH A . 
D 4 HOH 108 314 314 HOH HOH A . 
D 4 HOH 109 315 315 HOH HOH A . 
D 4 HOH 110 316 316 HOH HOH A . 
D 4 HOH 111 318 318 HOH HOH A . 
D 4 HOH 112 319 319 HOH HOH A . 
D 4 HOH 113 322 322 HOH HOH A . 
D 4 HOH 114 325 325 HOH HOH A . 
D 4 HOH 115 326 326 HOH HOH A . 
D 4 HOH 116 327 327 HOH HOH A . 
D 4 HOH 117 328 328 HOH HOH A . 
D 4 HOH 118 331 331 HOH HOH A . 
D 4 HOH 119 333 333 HOH HOH A . 
D 4 HOH 120 336 336 HOH HOH A . 
D 4 HOH 121 339 339 HOH HOH A . 
D 4 HOH 122 342 342 HOH HOH A . 
D 4 HOH 123 344 344 HOH HOH A . 
D 4 HOH 124 345 345 HOH HOH A . 
D 4 HOH 125 351 351 HOH HOH A . 
D 4 HOH 126 353 353 HOH HOH A . 
D 4 HOH 127 358 358 HOH HOH A . 
D 4 HOH 128 368 368 HOH HOH A . 
D 4 HOH 129 371 371 HOH HOH A . 
D 4 HOH 130 376 376 HOH HOH A . 
D 4 HOH 131 377 377 HOH HOH A . 
D 4 HOH 132 382 382 HOH HOH A . 
D 4 HOH 133 390 390 HOH HOH A . 
D 4 HOH 134 393 393 HOH HOH A . 
D 4 HOH 135 395 395 HOH HOH A . 
D 4 HOH 136 396 396 HOH HOH A . 
D 4 HOH 137 397 397 HOH HOH A . 
D 4 HOH 138 401 401 HOH HOH A . 
D 4 HOH 139 402 402 HOH HOH A . 
D 4 HOH 140 403 403 HOH HOH A . 
D 4 HOH 141 406 406 HOH HOH A . 
D 4 HOH 142 407 407 HOH HOH A . 
D 4 HOH 143 412 412 HOH HOH A . 
D 4 HOH 144 415 415 HOH HOH A . 
D 4 HOH 145 418 418 HOH HOH A . 
D 4 HOH 146 421 421 HOH HOH A . 
D 4 HOH 147 429 429 HOH HOH A . 
D 4 HOH 148 430 430 HOH HOH A . 
D 4 HOH 149 431 431 HOH HOH A . 
D 4 HOH 150 433 433 HOH HOH A . 
D 4 HOH 151 434 434 HOH HOH A . 
D 4 HOH 152 436 436 HOH HOH A . 
D 4 HOH 153 437 437 HOH HOH A . 
# 
_software.name             PROLSQ 
_software.classification   refinement 
_software.version          . 
_software.citation_id      ? 
_software.pdbx_ordinal     1 
# 
_cell.entry_id           1GDI 
_cell.length_a           93.190 
_cell.length_b           51.950 
_cell.length_c           38.300 
_cell.angle_alpha        90.00 
_cell.angle_beta         98.80 
_cell.angle_gamma        90.00 
_cell.Z_PDB              4 
_cell.pdbx_unique_axis   ? 
# 
_symmetry.entry_id                         1GDI 
_symmetry.space_group_name_H-M             'C 1 2 1' 
_symmetry.pdbx_full_space_group_name_H-M   ? 
_symmetry.cell_setting                     ? 
_symmetry.Int_Tables_number                5 
# 
_exptl.entry_id          1GDI 
_exptl.method            'X-RAY DIFFRACTION' 
_exptl.crystals_number   ? 
# 
_exptl_crystal.id                    1 
_exptl_crystal.density_meas          ? 
_exptl_crystal.density_Matthews      2.75 
_exptl_crystal.density_percent_sol   55.22 
_exptl_crystal.description           ? 
# 
_diffrn.id                     1 
_diffrn.ambient_temp           ? 
_diffrn.ambient_temp_details   ? 
_diffrn.crystal_id             1 
# 
_diffrn_radiation.diffrn_id                        1 
_diffrn_radiation.wavelength_id                    1 
_diffrn_radiation.pdbx_monochromatic_or_laue_m_l   ? 
_diffrn_radiation.monochromator                    ? 
_diffrn_radiation.pdbx_diffrn_protocol             ? 
_diffrn_radiation.pdbx_scattering_type             x-ray 
# 
_diffrn_radiation_wavelength.id           1 
_diffrn_radiation_wavelength.wavelength   . 
_diffrn_radiation_wavelength.wt           1.0 
# 
_refine.entry_id                                 1GDI 
_refine.ls_number_reflns_obs                     11516 
_refine.ls_number_reflns_all                     ? 
_refine.pdbx_ls_sigma_I                          ? 
_refine.pdbx_ls_sigma_F                          1.0 
_refine.pdbx_data_cutoff_high_absF               ? 
_refine.pdbx_data_cutoff_low_absF                ? 
_refine.pdbx_data_cutoff_high_rms_absF           ? 
_refine.ls_d_res_low                             8.0 
_refine.ls_d_res_high                            1.8 
_refine.ls_percent_reflns_obs                    ? 
_refine.ls_R_factor_obs                          0.1830000 
_refine.ls_R_factor_all                          ? 
_refine.ls_R_factor_R_work                       ? 
_refine.ls_R_factor_R_free                       ? 
_refine.ls_R_factor_R_free_error                 ? 
_refine.ls_R_factor_R_free_error_details         ? 
_refine.ls_percent_reflns_R_free                 ? 
_refine.ls_number_reflns_R_free                  ? 
_refine.ls_number_parameters                     ? 
_refine.ls_number_restraints                     ? 
_refine.occupancy_min                            ? 
_refine.occupancy_max                            ? 
_refine.B_iso_mean                               ? 
_refine.aniso_B[1][1]                            ? 
_refine.aniso_B[2][2]                            ? 
_refine.aniso_B[3][3]                            ? 
_refine.aniso_B[1][2]                            ? 
_refine.aniso_B[1][3]                            ? 
_refine.aniso_B[2][3]                            ? 
_refine.solvent_model_details                    ? 
_refine.solvent_model_param_ksol                 ? 
_refine.solvent_model_param_bsol                 ? 
_refine.pdbx_ls_cross_valid_method               ? 
_refine.details                                  
;THE FIRST AND LAST RESIDUES OF THE PROTEIN CHAIN ARE
POORLY REVEALED IN THE ELECTRON DENSITY SYNTHESIS.
;
_refine.pdbx_starting_model                      ? 
_refine.pdbx_method_to_determine_struct          ? 
_refine.pdbx_isotropic_thermal_model             ? 
_refine.pdbx_stereochemistry_target_values       ? 
_refine.pdbx_stereochem_target_val_spec_case     ? 
_refine.pdbx_R_Free_selection_details            ? 
_refine.pdbx_overall_ESU_R                       ? 
_refine.pdbx_overall_ESU_R_Free                  ? 
_refine.overall_SU_ML                            ? 
_refine.overall_SU_B                             ? 
_refine.pdbx_refine_id                           'X-RAY DIFFRACTION' 
_refine.pdbx_diffrn_id                           1 
_refine.pdbx_TLS_residual_ADP_flag               ? 
_refine.correlation_coeff_Fo_to_Fc               ? 
_refine.correlation_coeff_Fo_to_Fc_free          ? 
_refine.pdbx_solvent_vdw_probe_radii             ? 
_refine.pdbx_solvent_ion_probe_radii             ? 
_refine.pdbx_solvent_shrinkage_radii             ? 
_refine.pdbx_overall_phase_error                 ? 
_refine.overall_SU_R_Cruickshank_DPI             ? 
_refine.pdbx_overall_SU_R_free_Cruickshank_DPI   ? 
_refine.pdbx_overall_SU_R_Blow_DPI               ? 
_refine.pdbx_overall_SU_R_free_Blow_DPI          ? 
# 
_refine_hist.pdbx_refine_id                   'X-RAY DIFFRACTION' 
_refine_hist.cycle_id                         LAST 
_refine_hist.pdbx_number_atoms_protein        1177 
_refine_hist.pdbx_number_atoms_nucleic_acid   0 
_refine_hist.pdbx_number_atoms_ligand         45 
_refine_hist.number_atoms_solvent             153 
_refine_hist.number_atoms_total               1375 
_refine_hist.d_res_high                       1.8 
_refine_hist.d_res_low                        8.0 
# 
_struct.entry_id                  1GDI 
_struct.title                     
'CRYSTAL STRUCTURE OF FERRIC COMPLEXES OF THE YELLOW LUPIN LEGHEMOGLOBIN WITH ISOQUINOLINE AT 1.8 ANGSTROMS RESOLUTION (RUSSIAN)' 
_struct.pdbx_model_details        ? 
_struct.pdbx_CASP_flag            ? 
_struct.pdbx_model_type_details   ? 
# 
_struct_keywords.entry_id        1GDI 
_struct_keywords.pdbx_keywords   'OXYGEN TRANSPORT' 
_struct_keywords.text            'OXYGEN TRANSPORT' 
# 
loop_
_struct_asym.id 
_struct_asym.pdbx_blank_PDB_chainid_flag 
_struct_asym.pdbx_modified 
_struct_asym.entity_id 
_struct_asym.details 
A N N 1 ? 
B N N 2 ? 
C N N 3 ? 
D N N 4 ? 
# 
_struct_ref.id                         1 
_struct_ref.db_name                    UNP 
_struct_ref.db_code                    LGB2_LUPLU 
_struct_ref.entity_id                  1 
_struct_ref.pdbx_db_accession          P02240 
_struct_ref.pdbx_align_begin           1 
_struct_ref.pdbx_seq_one_letter_code   
;GALTESQAALVKSSWEEFNANIPKHTHRFFILVLEIAPAAKDLFSFLKGTSEVPQNNPELQAHAGKVFKLVYEAAIQLQV
TGVVVTDATLKNLGSVHVSKGVADAHFPVVKEAILKTIKEVVGAKWSEELNSAWTIAYDELAIVIKKEMNDAA
;
_struct_ref.pdbx_db_isoform            ? 
# 
_struct_ref_seq.align_id                      1 
_struct_ref_seq.ref_id                        1 
_struct_ref_seq.pdbx_PDB_id_code              1GDI 
_struct_ref_seq.pdbx_strand_id                A 
_struct_ref_seq.seq_align_beg                 1 
_struct_ref_seq.pdbx_seq_align_beg_ins_code   ? 
_struct_ref_seq.seq_align_end                 153 
_struct_ref_seq.pdbx_seq_align_end_ins_code   ? 
_struct_ref_seq.pdbx_db_accession             P02240 
_struct_ref_seq.db_align_beg                  1 
_struct_ref_seq.pdbx_db_align_beg_ins_code    ? 
_struct_ref_seq.db_align_end                  153 
_struct_ref_seq.pdbx_db_align_end_ins_code    ? 
_struct_ref_seq.pdbx_auth_seq_align_beg       1 
_struct_ref_seq.pdbx_auth_seq_align_end       153 
# 
loop_
_struct_ref_seq_dif.align_id 
_struct_ref_seq_dif.pdbx_pdb_id_code 
_struct_ref_seq_dif.mon_id 
_struct_ref_seq_dif.pdbx_pdb_strand_id 
_struct_ref_seq_dif.seq_num 
_struct_ref_seq_dif.pdbx_pdb_ins_code 
_struct_ref_seq_dif.pdbx_seq_db_name 
_struct_ref_seq_dif.pdbx_seq_db_accession_code 
_struct_ref_seq_dif.db_mon_id 
_struct_ref_seq_dif.pdbx_seq_db_seq_num 
_struct_ref_seq_dif.details 
_struct_ref_seq_dif.pdbx_auth_seq_num 
_struct_ref_seq_dif.pdbx_ordinal 
1 1GDI GLU A 79  ? UNP P02240 GLN 79  conflict 79  1 
1 1GDI ASP A 150 ? UNP P02240 ASN 150 conflict 150 2 
# 
_pdbx_struct_assembly.id                   1 
_pdbx_struct_assembly.details              author_defined_assembly 
_pdbx_struct_assembly.method_details       ? 
_pdbx_struct_assembly.oligomeric_details   monomeric 
_pdbx_struct_assembly.oligomeric_count     1 
# 
_pdbx_struct_assembly_gen.assembly_id       1 
_pdbx_struct_assembly_gen.oper_expression   1 
_pdbx_struct_assembly_gen.asym_id_list      A,B,C,D 
# 
_pdbx_struct_oper_list.id                   1 
_pdbx_struct_oper_list.type                 'identity operation' 
_pdbx_struct_oper_list.name                 1_555 
_pdbx_struct_oper_list.symmetry_operation   x,y,z 
_pdbx_struct_oper_list.matrix[1][1]         1.0000000000 
_pdbx_struct_oper_list.matrix[1][2]         0.0000000000 
_pdbx_struct_oper_list.matrix[1][3]         0.0000000000 
_pdbx_struct_oper_list.vector[1]            0.0000000000 
_pdbx_struct_oper_list.matrix[2][1]         0.0000000000 
_pdbx_struct_oper_list.matrix[2][2]         1.0000000000 
_pdbx_struct_oper_list.matrix[2][3]         0.0000000000 
_pdbx_struct_oper_list.vector[2]            0.0000000000 
_pdbx_struct_oper_list.matrix[3][1]         0.0000000000 
_pdbx_struct_oper_list.matrix[3][2]         0.0000000000 
_pdbx_struct_oper_list.matrix[3][3]         1.0000000000 
_pdbx_struct_oper_list.vector[3]            0.0000000000 
# 
_struct_biol.id   1 
# 
loop_
_struct_conf.conf_type_id 
_struct_conf.id 
_struct_conf.pdbx_PDB_helix_id 
_struct_conf.beg_label_comp_id 
_struct_conf.beg_label_asym_id 
_struct_conf.beg_label_seq_id 
_struct_conf.pdbx_beg_PDB_ins_code 
_struct_conf.end_label_comp_id 
_struct_conf.end_label_asym_id 
_struct_conf.end_label_seq_id 
_struct_conf.pdbx_end_PDB_ins_code 
_struct_conf.beg_auth_comp_id 
_struct_conf.beg_auth_asym_id 
_struct_conf.beg_auth_seq_id 
_struct_conf.end_auth_comp_id 
_struct_conf.end_auth_asym_id 
_struct_conf.end_auth_seq_id 
_struct_conf.pdbx_PDB_helix_class 
_struct_conf.details 
_struct_conf.pdbx_PDB_helix_length 
HELX_P HELX_P1 A THR A 4   ? ALA A 20  ? THR A 4   ALA A 20  1 ? 17 
HELX_P HELX_P2 B ASN A 21  ? ILE A 36  ? ASN A 21  ILE A 36  1 ? 16 
HELX_P HELX_P3 C ALA A 37  ? LEU A 43  ? ALA A 37  LEU A 43  1 ? 7  
HELX_P HELX_P4 D PHE A 44  ? LYS A 48  ? PHE A 44  LYS A 48  1 ? 5  
HELX_P HELX_P5 E ASN A 57  ? GLY A 82  ? ASN A 57  GLY A 82  1 ? 26 
HELX_P HELX_P6 F ALA A 88  ? GLY A 101 ? ALA A 88  GLY A 101 1 ? 14 
HELX_P HELX_P7 G ASP A 104 ? GLY A 123 ? ASP A 104 GLY A 123 1 ? 20 
HELX_P HELX_P8 H SER A 127 ? ALA A 152 ? SER A 127 ALA A 152 1 ? 26 
# 
_struct_conf_type.id          HELX_P 
_struct_conf_type.criteria    ? 
_struct_conf_type.reference   ? 
# 
loop_
_struct_conn.id 
_struct_conn.conn_type_id 
_struct_conn.pdbx_leaving_atom_flag 
_struct_conn.pdbx_PDB_id 
_struct_conn.ptnr1_label_asym_id 
_struct_conn.ptnr1_label_comp_id 
_struct_conn.ptnr1_label_seq_id 
_struct_conn.ptnr1_label_atom_id 
_struct_conn.pdbx_ptnr1_label_alt_id 
_struct_conn.pdbx_ptnr1_PDB_ins_code 
_struct_conn.pdbx_ptnr1_standard_comp_id 
_struct_conn.ptnr1_symmetry 
_struct_conn.ptnr2_label_asym_id 
_struct_conn.ptnr2_label_comp_id 
_struct_conn.ptnr2_label_seq_id 
_struct_conn.ptnr2_label_atom_id 
_struct_conn.pdbx_ptnr2_label_alt_id 
_struct_conn.pdbx_ptnr2_PDB_ins_code 
_struct_conn.ptnr1_auth_asym_id 
_struct_conn.ptnr1_auth_comp_id 
_struct_conn.ptnr1_auth_seq_id 
_struct_conn.ptnr2_auth_asym_id 
_struct_conn.ptnr2_auth_comp_id 
_struct_conn.ptnr2_auth_seq_id 
_struct_conn.ptnr2_symmetry 
_struct_conn.pdbx_ptnr3_label_atom_id 
_struct_conn.pdbx_ptnr3_label_seq_id 
_struct_conn.pdbx_ptnr3_label_comp_id 
_struct_conn.pdbx_ptnr3_label_asym_id 
_struct_conn.pdbx_ptnr3_label_alt_id 
_struct_conn.pdbx_ptnr3_PDB_ins_code 
_struct_conn.details 
_struct_conn.pdbx_dist_value 
_struct_conn.pdbx_value_order 
_struct_conn.pdbx_role 
metalc1 metalc ? ? A HIS 97 NE2 ? ? ? 1_555 B HEM . FE ? ? A HIS 97  A HEM 154 1_555 ? ? ? ? ? ? ? 2.089 ? ? 
metalc2 metalc ? ? B HEM .  FE  ? ? ? 1_555 C CMO . C  ? ? A HEM 154 A CMO 155 1_555 ? ? ? ? ? ? ? 2.170 ? ? 
# 
_struct_conn_type.id          metalc 
_struct_conn_type.criteria    ? 
_struct_conn_type.reference   ? 
# 
loop_
_pdbx_struct_conn_angle.id 
_pdbx_struct_conn_angle.ptnr1_label_atom_id 
_pdbx_struct_conn_angle.ptnr1_label_alt_id 
_pdbx_struct_conn_angle.ptnr1_label_asym_id 
_pdbx_struct_conn_angle.ptnr1_label_comp_id 
_pdbx_struct_conn_angle.ptnr1_label_seq_id 
_pdbx_struct_conn_angle.ptnr1_auth_atom_id 
_pdbx_struct_conn_angle.ptnr1_auth_asym_id 
_pdbx_struct_conn_angle.ptnr1_auth_comp_id 
_pdbx_struct_conn_angle.ptnr1_auth_seq_id 
_pdbx_struct_conn_angle.ptnr1_PDB_ins_code 
_pdbx_struct_conn_angle.ptnr1_symmetry 
_pdbx_struct_conn_angle.ptnr2_label_atom_id 
_pdbx_struct_conn_angle.ptnr2_label_alt_id 
_pdbx_struct_conn_angle.ptnr2_label_asym_id 
_pdbx_struct_conn_angle.ptnr2_label_comp_id 
_pdbx_struct_conn_angle.ptnr2_label_seq_id 
_pdbx_struct_conn_angle.ptnr2_auth_atom_id 
_pdbx_struct_conn_angle.ptnr2_auth_asym_id 
_pdbx_struct_conn_angle.ptnr2_auth_comp_id 
_pdbx_struct_conn_angle.ptnr2_auth_seq_id 
_pdbx_struct_conn_angle.ptnr2_PDB_ins_code 
_pdbx_struct_conn_angle.ptnr2_symmetry 
_pdbx_struct_conn_angle.ptnr3_label_atom_id 
_pdbx_struct_conn_angle.ptnr3_label_alt_id 
_pdbx_struct_conn_angle.ptnr3_label_asym_id 
_pdbx_struct_conn_angle.ptnr3_label_comp_id 
_pdbx_struct_conn_angle.ptnr3_label_seq_id 
_pdbx_struct_conn_angle.ptnr3_auth_atom_id 
_pdbx_struct_conn_angle.ptnr3_auth_asym_id 
_pdbx_struct_conn_angle.ptnr3_auth_comp_id 
_pdbx_struct_conn_angle.ptnr3_auth_seq_id 
_pdbx_struct_conn_angle.ptnr3_PDB_ins_code 
_pdbx_struct_conn_angle.ptnr3_symmetry 
_pdbx_struct_conn_angle.value 
_pdbx_struct_conn_angle.value_esd 
1  NE2 ? A HIS 97 ? A HIS 97  ? 1_555 FE ? B HEM . ? A HEM 154 ? 1_555 NA ? B HEM . ? A HEM 154 ? 1_555 93.4  ? 
2  NE2 ? A HIS 97 ? A HIS 97  ? 1_555 FE ? B HEM . ? A HEM 154 ? 1_555 NB ? B HEM . ? A HEM 154 ? 1_555 93.7  ? 
3  NA  ? B HEM .  ? A HEM 154 ? 1_555 FE ? B HEM . ? A HEM 154 ? 1_555 NB ? B HEM . ? A HEM 154 ? 1_555 90.8  ? 
4  NE2 ? A HIS 97 ? A HIS 97  ? 1_555 FE ? B HEM . ? A HEM 154 ? 1_555 NC ? B HEM . ? A HEM 154 ? 1_555 82.2  ? 
5  NA  ? B HEM .  ? A HEM 154 ? 1_555 FE ? B HEM . ? A HEM 154 ? 1_555 NC ? B HEM . ? A HEM 154 ? 1_555 173.3 ? 
6  NB  ? B HEM .  ? A HEM 154 ? 1_555 FE ? B HEM . ? A HEM 154 ? 1_555 NC ? B HEM . ? A HEM 154 ? 1_555 84.5  ? 
7  NE2 ? A HIS 97 ? A HIS 97  ? 1_555 FE ? B HEM . ? A HEM 154 ? 1_555 ND ? B HEM . ? A HEM 154 ? 1_555 83.6  ? 
8  NA  ? B HEM .  ? A HEM 154 ? 1_555 FE ? B HEM . ? A HEM 154 ? 1_555 ND ? B HEM . ? A HEM 154 ? 1_555 95.5  ? 
9  NB  ? B HEM .  ? A HEM 154 ? 1_555 FE ? B HEM . ? A HEM 154 ? 1_555 ND ? B HEM . ? A HEM 154 ? 1_555 173.3 ? 
10 NC  ? B HEM .  ? A HEM 154 ? 1_555 FE ? B HEM . ? A HEM 154 ? 1_555 ND ? B HEM . ? A HEM 154 ? 1_555 89.1  ? 
11 NE2 ? A HIS 97 ? A HIS 97  ? 1_555 FE ? B HEM . ? A HEM 154 ? 1_555 C  ? C CMO . ? A CMO 155 ? 1_555 173.5 ? 
12 NA  ? B HEM .  ? A HEM 154 ? 1_555 FE ? B HEM . ? A HEM 154 ? 1_555 C  ? C CMO . ? A CMO 155 ? 1_555 93.1  ? 
13 NB  ? B HEM .  ? A HEM 154 ? 1_555 FE ? B HEM . ? A HEM 154 ? 1_555 C  ? C CMO . ? A CMO 155 ? 1_555 85.4  ? 
14 NC  ? B HEM .  ? A HEM 154 ? 1_555 FE ? B HEM . ? A HEM 154 ? 1_555 C  ? C CMO . ? A CMO 155 ? 1_555 91.3  ? 
15 ND  ? B HEM .  ? A HEM 154 ? 1_555 FE ? B HEM . ? A HEM 154 ? 1_555 C  ? C CMO . ? A CMO 155 ? 1_555 96.6  ? 
# 
loop_
_struct_site.id 
_struct_site.pdbx_evidence_code 
_struct_site.pdbx_auth_asym_id 
_struct_site.pdbx_auth_comp_id 
_struct_site.pdbx_auth_seq_id 
_struct_site.pdbx_auth_ins_code 
_struct_site.pdbx_num_residues 
_struct_site.details 
AC1 Software A HEM 154 ? 15 'BINDING SITE FOR RESIDUE HEM A 154' 
AC2 Software A CMO 155 ? 3  'BINDING SITE FOR RESIDUE CMO A 155' 
# 
loop_
_struct_site_gen.id 
_struct_site_gen.site_id 
_struct_site_gen.pdbx_num_res 
_struct_site_gen.label_comp_id 
_struct_site_gen.label_asym_id 
_struct_site_gen.label_seq_id 
_struct_site_gen.pdbx_auth_ins_code 
_struct_site_gen.auth_comp_id 
_struct_site_gen.auth_asym_id 
_struct_site_gen.auth_seq_id 
_struct_site_gen.label_atom_id 
_struct_site_gen.label_alt_id 
_struct_site_gen.symmetry 
_struct_site_gen.details 
1  AC1 15 LEU A 43  ? LEU A 43  . ? 1_555 ? 
2  AC1 15 PHE A 44  ? PHE A 44  . ? 1_555 ? 
3  AC1 15 SER A 45  ? SER A 45  . ? 1_555 ? 
4  AC1 15 HIS A 63  ? HIS A 63  . ? 1_555 ? 
5  AC1 15 LYS A 66  ? LYS A 66  . ? 1_555 ? 
6  AC1 15 LEU A 93  ? LEU A 93  . ? 1_555 ? 
7  AC1 15 HIS A 97  ? HIS A 97  . ? 1_555 ? 
8  AC1 15 LYS A 100 ? LYS A 100 . ? 1_555 ? 
9  AC1 15 VAL A 102 ? VAL A 102 . ? 1_555 ? 
10 AC1 15 HIS A 106 ? HIS A 106 . ? 1_555 ? 
11 AC1 15 PHE A 107 ? PHE A 107 . ? 1_555 ? 
12 AC1 15 VAL A 110 ? VAL A 110 . ? 1_555 ? 
13 AC1 15 TYR A 138 ? TYR A 138 . ? 1_555 ? 
14 AC1 15 CMO C .   ? CMO A 155 . ? 1_555 ? 
15 AC1 15 HOH D .   ? HOH A 434 . ? 1_555 ? 
16 AC2 3  HIS A 63  ? HIS A 63  . ? 1_555 ? 
17 AC2 3  VAL A 67  ? VAL A 67  . ? 1_555 ? 
18 AC2 3  HEM B .   ? HEM A 154 . ? 1_555 ? 
# 
_pdbx_validate_close_contact.id               1 
_pdbx_validate_close_contact.PDB_model_num    1 
_pdbx_validate_close_contact.auth_atom_id_1   O 
_pdbx_validate_close_contact.auth_asym_id_1   A 
_pdbx_validate_close_contact.auth_comp_id_1   HOH 
_pdbx_validate_close_contact.auth_seq_id_1    179 
_pdbx_validate_close_contact.PDB_ins_code_1   ? 
_pdbx_validate_close_contact.label_alt_id_1   ? 
_pdbx_validate_close_contact.auth_atom_id_2   O 
_pdbx_validate_close_contact.auth_asym_id_2   A 
_pdbx_validate_close_contact.auth_comp_id_2   HOH 
_pdbx_validate_close_contact.auth_seq_id_2    430 
_pdbx_validate_close_contact.PDB_ins_code_2   ? 
_pdbx_validate_close_contact.label_alt_id_2   ? 
_pdbx_validate_close_contact.dist             2.11 
# 
loop_
_pdbx_validate_symm_contact.id 
_pdbx_validate_symm_contact.PDB_model_num 
_pdbx_validate_symm_contact.auth_atom_id_1 
_pdbx_validate_symm_contact.auth_asym_id_1 
_pdbx_validate_symm_contact.auth_comp_id_1 
_pdbx_validate_symm_contact.auth_seq_id_1 
_pdbx_validate_symm_contact.PDB_ins_code_1 
_pdbx_validate_symm_contact.label_alt_id_1 
_pdbx_validate_symm_contact.site_symmetry_1 
_pdbx_validate_symm_contact.auth_atom_id_2 
_pdbx_validate_symm_contact.auth_asym_id_2 
_pdbx_validate_symm_contact.auth_comp_id_2 
_pdbx_validate_symm_contact.auth_seq_id_2 
_pdbx_validate_symm_contact.PDB_ins_code_2 
_pdbx_validate_symm_contact.label_alt_id_2 
_pdbx_validate_symm_contact.site_symmetry_2 
_pdbx_validate_symm_contact.dist 
1 1 CA A ALA 124 ? ? 1_555 O A HOH 412 ? ? 2_657 1.66 
2 1 CB A ALA 124 ? ? 1_555 O A HOH 412 ? ? 2_657 1.82 
3 1 OG A SER 127 ? ? 1_555 O A HOH 311 ? ? 2_657 1.88 
4 1 O  A HOH 164 ? ? 1_555 O A HOH 351 ? ? 1_556 2.17 
5 1 O  A ALA 2   ? ? 1_555 O A HOH 301 ? ? 1_556 2.17 
# 
loop_
_pdbx_validate_rmsd_angle.id 
_pdbx_validate_rmsd_angle.PDB_model_num 
_pdbx_validate_rmsd_angle.auth_atom_id_1 
_pdbx_validate_rmsd_angle.auth_asym_id_1 
_pdbx_validate_rmsd_angle.auth_comp_id_1 
_pdbx_validate_rmsd_angle.auth_seq_id_1 
_pdbx_validate_rmsd_angle.PDB_ins_code_1 
_pdbx_validate_rmsd_angle.label_alt_id_1 
_pdbx_validate_rmsd_angle.auth_atom_id_2 
_pdbx_validate_rmsd_angle.auth_asym_id_2 
_pdbx_validate_rmsd_angle.auth_comp_id_2 
_pdbx_validate_rmsd_angle.auth_seq_id_2 
_pdbx_validate_rmsd_angle.PDB_ins_code_2 
_pdbx_validate_rmsd_angle.label_alt_id_2 
_pdbx_validate_rmsd_angle.auth_atom_id_3 
_pdbx_validate_rmsd_angle.auth_asym_id_3 
_pdbx_validate_rmsd_angle.auth_comp_id_3 
_pdbx_validate_rmsd_angle.auth_seq_id_3 
_pdbx_validate_rmsd_angle.PDB_ins_code_3 
_pdbx_validate_rmsd_angle.label_alt_id_3 
_pdbx_validate_rmsd_angle.angle_value 
_pdbx_validate_rmsd_angle.angle_target_value 
_pdbx_validate_rmsd_angle.angle_deviation 
_pdbx_validate_rmsd_angle.angle_standard_deviation 
_pdbx_validate_rmsd_angle.linker_flag 
1  1 CG  A GLU 16  ? ? CD A GLU 16  ? ? OE1 A GLU 16  ? ? 132.38 118.30 14.08  2.00 N 
2  1 CB  A ASN 19  ? ? CA A ASN 19  ? ? C   A ASN 19  ? ? 123.25 110.40 12.85  2.00 N 
3  1 N   A ASN 19  ? ? CA A ASN 19  ? ? CB  A ASN 19  ? ? 97.03  110.60 -13.57 1.80 N 
4  1 CB  A LYS 24  ? ? CG A LYS 24  ? ? CD  A LYS 24  ? ? 128.79 111.60 17.19  2.60 N 
5  1 CG  A LYS 24  ? ? CD A LYS 24  ? ? CE  A LYS 24  ? ? 135.22 111.90 23.32  3.00 N 
6  1 CD  A ARG 28  ? ? NE A ARG 28  ? ? CZ  A ARG 28  ? ? 145.20 123.60 21.60  1.40 N 
7  1 CB  A PHE 30  ? ? CG A PHE 30  ? ? CD1 A PHE 30  ? ? 116.41 120.80 -4.39  0.70 N 
8  1 CA  A GLU 35  ? ? CB A GLU 35  ? ? CG  A GLU 35  ? ? 130.41 113.40 17.01  2.20 N 
9  1 CB  A ASP 42  ? ? CG A ASP 42  ? ? OD1 A ASP 42  ? ? 111.38 118.30 -6.92  0.90 N 
10 1 CB  A PHE 44  ? ? CG A PHE 44  ? ? CD1 A PHE 44  ? ? 116.53 120.80 -4.27  0.70 N 
11 1 OE1 A GLU 79  ? ? CD A GLU 79  ? ? OE2 A GLU 79  ? ? 115.32 123.30 -7.98  1.20 N 
12 1 CG  A GLU 79  ? ? CD A GLU 79  ? ? OE1 A GLU 79  ? ? 140.08 118.30 21.78  2.00 N 
13 1 CG  A GLU 79  ? ? CD A GLU 79  ? ? OE2 A GLU 79  ? ? 104.23 118.30 -14.07 2.00 N 
14 1 CA  A VAL 85  ? ? CB A VAL 85  ? ? CG1 A VAL 85  ? ? 122.31 110.90 11.41  1.50 N 
15 1 CA  A LEU 93  ? ? CB A LEU 93  ? ? CG  A LEU 93  ? ? 132.86 115.30 17.56  2.30 N 
16 1 O   A SER 132 ? ? C  A SER 132 ? ? N   A ALA 133 ? ? 111.82 122.70 -10.88 1.60 Y 
17 1 CB  A ASP 151 ? ? CA A ASP 151 ? ? C   A ASP 151 ? ? 124.22 110.40 13.82  2.00 N 
18 1 CB  A ASP 151 ? ? CG A ASP 151 ? ? OD1 A ASP 151 ? ? 125.44 118.30 7.14   0.90 N 
# 
loop_
_pdbx_validate_torsion.id 
_pdbx_validate_torsion.PDB_model_num 
_pdbx_validate_torsion.auth_comp_id 
_pdbx_validate_torsion.auth_asym_id 
_pdbx_validate_torsion.auth_seq_id 
_pdbx_validate_torsion.PDB_ins_code 
_pdbx_validate_torsion.label_alt_id 
_pdbx_validate_torsion.phi 
_pdbx_validate_torsion.psi 
1 1 ALA A 2  ? ? 177.38 51.72  
2 1 LEU A 3  ? ? 63.25  87.90  
3 1 SER A 51 ? ? -97.37 -62.16 
4 1 ALA A 88 ? ? -33.46 -70.28 
# 
_pdbx_validate_main_chain_plane.id                       1 
_pdbx_validate_main_chain_plane.PDB_model_num            1 
_pdbx_validate_main_chain_plane.auth_comp_id             PRO 
_pdbx_validate_main_chain_plane.auth_asym_id             A 
_pdbx_validate_main_chain_plane.auth_seq_id              38 
_pdbx_validate_main_chain_plane.PDB_ins_code             ? 
_pdbx_validate_main_chain_plane.label_alt_id             ? 
_pdbx_validate_main_chain_plane.improper_torsion_angle   -16.25 
# 
loop_
_chem_comp_atom.comp_id 
_chem_comp_atom.atom_id 
_chem_comp_atom.type_symbol 
_chem_comp_atom.pdbx_aromatic_flag 
_chem_comp_atom.pdbx_stereo_config 
_chem_comp_atom.pdbx_ordinal 
ALA N    N  N N 1   
ALA CA   C  N S 2   
ALA C    C  N N 3   
ALA O    O  N N 4   
ALA CB   C  N N 5   
ALA OXT  O  N N 6   
ALA H    H  N N 7   
ALA H2   H  N N 8   
ALA HA   H  N N 9   
ALA HB1  H  N N 10  
ALA HB2  H  N N 11  
ALA HB3  H  N N 12  
ALA HXT  H  N N 13  
ARG N    N  N N 14  
ARG CA   C  N S 15  
ARG C    C  N N 16  
ARG O    O  N N 17  
ARG CB   C  N N 18  
ARG CG   C  N N 19  
ARG CD   C  N N 20  
ARG NE   N  N N 21  
ARG CZ   C  N N 22  
ARG NH1  N  N N 23  
ARG NH2  N  N N 24  
ARG OXT  O  N N 25  
ARG H    H  N N 26  
ARG H2   H  N N 27  
ARG HA   H  N N 28  
ARG HB2  H  N N 29  
ARG HB3  H  N N 30  
ARG HG2  H  N N 31  
ARG HG3  H  N N 32  
ARG HD2  H  N N 33  
ARG HD3  H  N N 34  
ARG HE   H  N N 35  
ARG HH11 H  N N 36  
ARG HH12 H  N N 37  
ARG HH21 H  N N 38  
ARG HH22 H  N N 39  
ARG HXT  H  N N 40  
ASN N    N  N N 41  
ASN CA   C  N S 42  
ASN C    C  N N 43  
ASN O    O  N N 44  
ASN CB   C  N N 45  
ASN CG   C  N N 46  
ASN OD1  O  N N 47  
ASN ND2  N  N N 48  
ASN OXT  O  N N 49  
ASN H    H  N N 50  
ASN H2   H  N N 51  
ASN HA   H  N N 52  
ASN HB2  H  N N 53  
ASN HB3  H  N N 54  
ASN HD21 H  N N 55  
ASN HD22 H  N N 56  
ASN HXT  H  N N 57  
ASP N    N  N N 58  
ASP CA   C  N S 59  
ASP C    C  N N 60  
ASP O    O  N N 61  
ASP CB   C  N N 62  
ASP CG   C  N N 63  
ASP OD1  O  N N 64  
ASP OD2  O  N N 65  
ASP OXT  O  N N 66  
ASP H    H  N N 67  
ASP H2   H  N N 68  
ASP HA   H  N N 69  
ASP HB2  H  N N 70  
ASP HB3  H  N N 71  
ASP HD2  H  N N 72  
ASP HXT  H  N N 73  
CMO C    C  N N 74  
CMO O    O  N N 75  
GLN N    N  N N 76  
GLN CA   C  N S 77  
GLN C    C  N N 78  
GLN O    O  N N 79  
GLN CB   C  N N 80  
GLN CG   C  N N 81  
GLN CD   C  N N 82  
GLN OE1  O  N N 83  
GLN NE2  N  N N 84  
GLN OXT  O  N N 85  
GLN H    H  N N 86  
GLN H2   H  N N 87  
GLN HA   H  N N 88  
GLN HB2  H  N N 89  
GLN HB3  H  N N 90  
GLN HG2  H  N N 91  
GLN HG3  H  N N 92  
GLN HE21 H  N N 93  
GLN HE22 H  N N 94  
GLN HXT  H  N N 95  
GLU N    N  N N 96  
GLU CA   C  N S 97  
GLU C    C  N N 98  
GLU O    O  N N 99  
GLU CB   C  N N 100 
GLU CG   C  N N 101 
GLU CD   C  N N 102 
GLU OE1  O  N N 103 
GLU OE2  O  N N 104 
GLU OXT  O  N N 105 
GLU H    H  N N 106 
GLU H2   H  N N 107 
GLU HA   H  N N 108 
GLU HB2  H  N N 109 
GLU HB3  H  N N 110 
GLU HG2  H  N N 111 
GLU HG3  H  N N 112 
GLU HE2  H  N N 113 
GLU HXT  H  N N 114 
GLY N    N  N N 115 
GLY CA   C  N N 116 
GLY C    C  N N 117 
GLY O    O  N N 118 
GLY OXT  O  N N 119 
GLY H    H  N N 120 
GLY H2   H  N N 121 
GLY HA2  H  N N 122 
GLY HA3  H  N N 123 
GLY HXT  H  N N 124 
HEM CHA  C  N N 125 
HEM CHB  C  N N 126 
HEM CHC  C  N N 127 
HEM CHD  C  N N 128 
HEM C1A  C  Y N 129 
HEM C2A  C  Y N 130 
HEM C3A  C  Y N 131 
HEM C4A  C  Y N 132 
HEM CMA  C  N N 133 
HEM CAA  C  N N 134 
HEM CBA  C  N N 135 
HEM CGA  C  N N 136 
HEM O1A  O  N N 137 
HEM O2A  O  N N 138 
HEM C1B  C  N N 139 
HEM C2B  C  N N 140 
HEM C3B  C  N N 141 
HEM C4B  C  N N 142 
HEM CMB  C  N N 143 
HEM CAB  C  N N 144 
HEM CBB  C  N N 145 
HEM C1C  C  Y N 146 
HEM C2C  C  Y N 147 
HEM C3C  C  Y N 148 
HEM C4C  C  Y N 149 
HEM CMC  C  N N 150 
HEM CAC  C  N N 151 
HEM CBC  C  N N 152 
HEM C1D  C  N N 153 
HEM C2D  C  N N 154 
HEM C3D  C  N N 155 
HEM C4D  C  N N 156 
HEM CMD  C  N N 157 
HEM CAD  C  N N 158 
HEM CBD  C  N N 159 
HEM CGD  C  N N 160 
HEM O1D  O  N N 161 
HEM O2D  O  N N 162 
HEM NA   N  Y N 163 
HEM NB   N  N N 164 
HEM NC   N  Y N 165 
HEM ND   N  N N 166 
HEM FE   FE N N 167 
HEM HHB  H  N N 168 
HEM HHC  H  N N 169 
HEM HHD  H  N N 170 
HEM HMA  H  N N 171 
HEM HMAA H  N N 172 
HEM HMAB H  N N 173 
HEM HAA  H  N N 174 
HEM HAAA H  N N 175 
HEM HBA  H  N N 176 
HEM HBAA H  N N 177 
HEM HMB  H  N N 178 
HEM HMBA H  N N 179 
HEM HMBB H  N N 180 
HEM HAB  H  N N 181 
HEM HBB  H  N N 182 
HEM HBBA H  N N 183 
HEM HMC  H  N N 184 
HEM HMCA H  N N 185 
HEM HMCB H  N N 186 
HEM HAC  H  N N 187 
HEM HBC  H  N N 188 
HEM HBCA H  N N 189 
HEM HMD  H  N N 190 
HEM HMDA H  N N 191 
HEM HMDB H  N N 192 
HEM HAD  H  N N 193 
HEM HADA H  N N 194 
HEM HBD  H  N N 195 
HEM HBDA H  N N 196 
HEM H2A  H  N N 197 
HEM H2D  H  N N 198 
HEM HHA  H  N N 199 
HIS N    N  N N 200 
HIS CA   C  N S 201 
HIS C    C  N N 202 
HIS O    O  N N 203 
HIS CB   C  N N 204 
HIS CG   C  Y N 205 
HIS ND1  N  Y N 206 
HIS CD2  C  Y N 207 
HIS CE1  C  Y N 208 
HIS NE2  N  Y N 209 
HIS OXT  O  N N 210 
HIS H    H  N N 211 
HIS H2   H  N N 212 
HIS HA   H  N N 213 
HIS HB2  H  N N 214 
HIS HB3  H  N N 215 
HIS HD1  H  N N 216 
HIS HD2  H  N N 217 
HIS HE1  H  N N 218 
HIS HE2  H  N N 219 
HIS HXT  H  N N 220 
HOH O    O  N N 221 
HOH H1   H  N N 222 
HOH H2   H  N N 223 
ILE N    N  N N 224 
ILE CA   C  N S 225 
ILE C    C  N N 226 
ILE O    O  N N 227 
ILE CB   C  N S 228 
ILE CG1  C  N N 229 
ILE CG2  C  N N 230 
ILE CD1  C  N N 231 
ILE OXT  O  N N 232 
ILE H    H  N N 233 
ILE H2   H  N N 234 
ILE HA   H  N N 235 
ILE HB   H  N N 236 
ILE HG12 H  N N 237 
ILE HG13 H  N N 238 
ILE HG21 H  N N 239 
ILE HG22 H  N N 240 
ILE HG23 H  N N 241 
ILE HD11 H  N N 242 
ILE HD12 H  N N 243 
ILE HD13 H  N N 244 
ILE HXT  H  N N 245 
LEU N    N  N N 246 
LEU CA   C  N S 247 
LEU C    C  N N 248 
LEU O    O  N N 249 
LEU CB   C  N N 250 
LEU CG   C  N N 251 
LEU CD1  C  N N 252 
LEU CD2  C  N N 253 
LEU OXT  O  N N 254 
LEU H    H  N N 255 
LEU H2   H  N N 256 
LEU HA   H  N N 257 
LEU HB2  H  N N 258 
LEU HB3  H  N N 259 
LEU HG   H  N N 260 
LEU HD11 H  N N 261 
LEU HD12 H  N N 262 
LEU HD13 H  N N 263 
LEU HD21 H  N N 264 
LEU HD22 H  N N 265 
LEU HD23 H  N N 266 
LEU HXT  H  N N 267 
LYS N    N  N N 268 
LYS CA   C  N S 269 
LYS C    C  N N 270 
LYS O    O  N N 271 
LYS CB   C  N N 272 
LYS CG   C  N N 273 
LYS CD   C  N N 274 
LYS CE   C  N N 275 
LYS NZ   N  N N 276 
LYS OXT  O  N N 277 
LYS H    H  N N 278 
LYS H2   H  N N 279 
LYS HA   H  N N 280 
LYS HB2  H  N N 281 
LYS HB3  H  N N 282 
LYS HG2  H  N N 283 
LYS HG3  H  N N 284 
LYS HD2  H  N N 285 
LYS HD3  H  N N 286 
LYS HE2  H  N N 287 
LYS HE3  H  N N 288 
LYS HZ1  H  N N 289 
LYS HZ2  H  N N 290 
LYS HZ3  H  N N 291 
LYS HXT  H  N N 292 
MET N    N  N N 293 
MET CA   C  N S 294 
MET C    C  N N 295 
MET O    O  N N 296 
MET CB   C  N N 297 
MET CG   C  N N 298 
MET SD   S  N N 299 
MET CE   C  N N 300 
MET OXT  O  N N 301 
MET H    H  N N 302 
MET H2   H  N N 303 
MET HA   H  N N 304 
MET HB2  H  N N 305 
MET HB3  H  N N 306 
MET HG2  H  N N 307 
MET HG3  H  N N 308 
MET HE1  H  N N 309 
MET HE2  H  N N 310 
MET HE3  H  N N 311 
MET HXT  H  N N 312 
PHE N    N  N N 313 
PHE CA   C  N S 314 
PHE C    C  N N 315 
PHE O    O  N N 316 
PHE CB   C  N N 317 
PHE CG   C  Y N 318 
PHE CD1  C  Y N 319 
PHE CD2  C  Y N 320 
PHE CE1  C  Y N 321 
PHE CE2  C  Y N 322 
PHE CZ   C  Y N 323 
PHE OXT  O  N N 324 
PHE H    H  N N 325 
PHE H2   H  N N 326 
PHE HA   H  N N 327 
PHE HB2  H  N N 328 
PHE HB3  H  N N 329 
PHE HD1  H  N N 330 
PHE HD2  H  N N 331 
PHE HE1  H  N N 332 
PHE HE2  H  N N 333 
PHE HZ   H  N N 334 
PHE HXT  H  N N 335 
PRO N    N  N N 336 
PRO CA   C  N S 337 
PRO C    C  N N 338 
PRO O    O  N N 339 
PRO CB   C  N N 340 
PRO CG   C  N N 341 
PRO CD   C  N N 342 
PRO OXT  O  N N 343 
PRO H    H  N N 344 
PRO HA   H  N N 345 
PRO HB2  H  N N 346 
PRO HB3  H  N N 347 
PRO HG2  H  N N 348 
PRO HG3  H  N N 349 
PRO HD2  H  N N 350 
PRO HD3  H  N N 351 
PRO HXT  H  N N 352 
SER N    N  N N 353 
SER CA   C  N S 354 
SER C    C  N N 355 
SER O    O  N N 356 
SER CB   C  N N 357 
SER OG   O  N N 358 
SER OXT  O  N N 359 
SER H    H  N N 360 
SER H2   H  N N 361 
SER HA   H  N N 362 
SER HB2  H  N N 363 
SER HB3  H  N N 364 
SER HG   H  N N 365 
SER HXT  H  N N 366 
THR N    N  N N 367 
THR CA   C  N S 368 
THR C    C  N N 369 
THR O    O  N N 370 
THR CB   C  N R 371 
THR OG1  O  N N 372 
THR CG2  C  N N 373 
THR OXT  O  N N 374 
THR H    H  N N 375 
THR H2   H  N N 376 
THR HA   H  N N 377 
THR HB   H  N N 378 
THR HG1  H  N N 379 
THR HG21 H  N N 380 
THR HG22 H  N N 381 
THR HG23 H  N N 382 
THR HXT  H  N N 383 
TRP N    N  N N 384 
TRP CA   C  N S 385 
TRP C    C  N N 386 
TRP O    O  N N 387 
TRP CB   C  N N 388 
TRP CG   C  Y N 389 
TRP CD1  C  Y N 390 
TRP CD2  C  Y N 391 
TRP NE1  N  Y N 392 
TRP CE2  C  Y N 393 
TRP CE3  C  Y N 394 
TRP CZ2  C  Y N 395 
TRP CZ3  C  Y N 396 
TRP CH2  C  Y N 397 
TRP OXT  O  N N 398 
TRP H    H  N N 399 
TRP H2   H  N N 400 
TRP HA   H  N N 401 
TRP HB2  H  N N 402 
TRP HB3  H  N N 403 
TRP HD1  H  N N 404 
TRP HE1  H  N N 405 
TRP HE3  H  N N 406 
TRP HZ2  H  N N 407 
TRP HZ3  H  N N 408 
TRP HH2  H  N N 409 
TRP HXT  H  N N 410 
TYR N    N  N N 411 
TYR CA   C  N S 412 
TYR C    C  N N 413 
TYR O    O  N N 414 
TYR CB   C  N N 415 
TYR CG   C  Y N 416 
TYR CD1  C  Y N 417 
TYR CD2  C  Y N 418 
TYR CE1  C  Y N 419 
TYR CE2  C  Y N 420 
TYR CZ   C  Y N 421 
TYR OH   O  N N 422 
TYR OXT  O  N N 423 
TYR H    H  N N 424 
TYR H2   H  N N 425 
TYR HA   H  N N 426 
TYR HB2  H  N N 427 
TYR HB3  H  N N 428 
TYR HD1  H  N N 429 
TYR HD2  H  N N 430 
TYR HE1  H  N N 431 
TYR HE2  H  N N 432 
TYR HH   H  N N 433 
TYR HXT  H  N N 434 
VAL N    N  N N 435 
VAL CA   C  N S 436 
VAL C    C  N N 437 
VAL O    O  N N 438 
VAL CB   C  N N 439 
VAL CG1  C  N N 440 
VAL CG2  C  N N 441 
VAL OXT  O  N N 442 
VAL H    H  N N 443 
VAL H2   H  N N 444 
VAL HA   H  N N 445 
VAL HB   H  N N 446 
VAL HG11 H  N N 447 
VAL HG12 H  N N 448 
VAL HG13 H  N N 449 
VAL HG21 H  N N 450 
VAL HG22 H  N N 451 
VAL HG23 H  N N 452 
VAL HXT  H  N N 453 
# 
loop_
_chem_comp_bond.comp_id 
_chem_comp_bond.atom_id_1 
_chem_comp_bond.atom_id_2 
_chem_comp_bond.value_order 
_chem_comp_bond.pdbx_aromatic_flag 
_chem_comp_bond.pdbx_stereo_config 
_chem_comp_bond.pdbx_ordinal 
ALA N   CA   sing N N 1   
ALA N   H    sing N N 2   
ALA N   H2   sing N N 3   
ALA CA  C    sing N N 4   
ALA CA  CB   sing N N 5   
ALA CA  HA   sing N N 6   
ALA C   O    doub N N 7   
ALA C   OXT  sing N N 8   
ALA CB  HB1  sing N N 9   
ALA CB  HB2  sing N N 10  
ALA CB  HB3  sing N N 11  
ALA OXT HXT  sing N N 12  
ARG N   CA   sing N N 13  
ARG N   H    sing N N 14  
ARG N   H2   sing N N 15  
ARG CA  C    sing N N 16  
ARG CA  CB   sing N N 17  
ARG CA  HA   sing N N 18  
ARG C   O    doub N N 19  
ARG C   OXT  sing N N 20  
ARG CB  CG   sing N N 21  
ARG CB  HB2  sing N N 22  
ARG CB  HB3  sing N N 23  
ARG CG  CD   sing N N 24  
ARG CG  HG2  sing N N 25  
ARG CG  HG3  sing N N 26  
ARG CD  NE   sing N N 27  
ARG CD  HD2  sing N N 28  
ARG CD  HD3  sing N N 29  
ARG NE  CZ   sing N N 30  
ARG NE  HE   sing N N 31  
ARG CZ  NH1  sing N N 32  
ARG CZ  NH2  doub N N 33  
ARG NH1 HH11 sing N N 34  
ARG NH1 HH12 sing N N 35  
ARG NH2 HH21 sing N N 36  
ARG NH2 HH22 sing N N 37  
ARG OXT HXT  sing N N 38  
ASN N   CA   sing N N 39  
ASN N   H    sing N N 40  
ASN N   H2   sing N N 41  
ASN CA  C    sing N N 42  
ASN CA  CB   sing N N 43  
ASN CA  HA   sing N N 44  
ASN C   O    doub N N 45  
ASN C   OXT  sing N N 46  
ASN CB  CG   sing N N 47  
ASN CB  HB2  sing N N 48  
ASN CB  HB3  sing N N 49  
ASN CG  OD1  doub N N 50  
ASN CG  ND2  sing N N 51  
ASN ND2 HD21 sing N N 52  
ASN ND2 HD22 sing N N 53  
ASN OXT HXT  sing N N 54  
ASP N   CA   sing N N 55  
ASP N   H    sing N N 56  
ASP N   H2   sing N N 57  
ASP CA  C    sing N N 58  
ASP CA  CB   sing N N 59  
ASP CA  HA   sing N N 60  
ASP C   O    doub N N 61  
ASP C   OXT  sing N N 62  
ASP CB  CG   sing N N 63  
ASP CB  HB2  sing N N 64  
ASP CB  HB3  sing N N 65  
ASP CG  OD1  doub N N 66  
ASP CG  OD2  sing N N 67  
ASP OD2 HD2  sing N N 68  
ASP OXT HXT  sing N N 69  
CMO C   O    trip N N 70  
GLN N   CA   sing N N 71  
GLN N   H    sing N N 72  
GLN N   H2   sing N N 73  
GLN CA  C    sing N N 74  
GLN CA  CB   sing N N 75  
GLN CA  HA   sing N N 76  
GLN C   O    doub N N 77  
GLN C   OXT  sing N N 78  
GLN CB  CG   sing N N 79  
GLN CB  HB2  sing N N 80  
GLN CB  HB3  sing N N 81  
GLN CG  CD   sing N N 82  
GLN CG  HG2  sing N N 83  
GLN CG  HG3  sing N N 84  
GLN CD  OE1  doub N N 85  
GLN CD  NE2  sing N N 86  
GLN NE2 HE21 sing N N 87  
GLN NE2 HE22 sing N N 88  
GLN OXT HXT  sing N N 89  
GLU N   CA   sing N N 90  
GLU N   H    sing N N 91  
GLU N   H2   sing N N 92  
GLU CA  C    sing N N 93  
GLU CA  CB   sing N N 94  
GLU CA  HA   sing N N 95  
GLU C   O    doub N N 96  
GLU C   OXT  sing N N 97  
GLU CB  CG   sing N N 98  
GLU CB  HB2  sing N N 99  
GLU CB  HB3  sing N N 100 
GLU CG  CD   sing N N 101 
GLU CG  HG2  sing N N 102 
GLU CG  HG3  sing N N 103 
GLU CD  OE1  doub N N 104 
GLU CD  OE2  sing N N 105 
GLU OE2 HE2  sing N N 106 
GLU OXT HXT  sing N N 107 
GLY N   CA   sing N N 108 
GLY N   H    sing N N 109 
GLY N   H2   sing N N 110 
GLY CA  C    sing N N 111 
GLY CA  HA2  sing N N 112 
GLY CA  HA3  sing N N 113 
GLY C   O    doub N N 114 
GLY C   OXT  sing N N 115 
GLY OXT HXT  sing N N 116 
HEM CHA C1A  sing N N 117 
HEM CHA C4D  doub N N 118 
HEM CHA HHA  sing N N 119 
HEM CHB C4A  sing N N 120 
HEM CHB C1B  doub N N 121 
HEM CHB HHB  sing N N 122 
HEM CHC C4B  sing N N 123 
HEM CHC C1C  doub N N 124 
HEM CHC HHC  sing N N 125 
HEM CHD C4C  doub N N 126 
HEM CHD C1D  sing N N 127 
HEM CHD HHD  sing N N 128 
HEM C1A C2A  doub Y N 129 
HEM C1A NA   sing Y N 130 
HEM C2A C3A  sing Y N 131 
HEM C2A CAA  sing N N 132 
HEM C3A C4A  doub Y N 133 
HEM C3A CMA  sing N N 134 
HEM C4A NA   sing Y N 135 
HEM CMA HMA  sing N N 136 
HEM CMA HMAA sing N N 137 
HEM CMA HMAB sing N N 138 
HEM CAA CBA  sing N N 139 
HEM CAA HAA  sing N N 140 
HEM CAA HAAA sing N N 141 
HEM CBA CGA  sing N N 142 
HEM CBA HBA  sing N N 143 
HEM CBA HBAA sing N N 144 
HEM CGA O1A  doub N N 145 
HEM CGA O2A  sing N N 146 
HEM C1B C2B  sing N N 147 
HEM C1B NB   sing N N 148 
HEM C2B C3B  doub N N 149 
HEM C2B CMB  sing N N 150 
HEM C3B C4B  sing N N 151 
HEM C3B CAB  sing N N 152 
HEM C4B NB   doub N N 153 
HEM CMB HMB  sing N N 154 
HEM CMB HMBA sing N N 155 
HEM CMB HMBB sing N N 156 
HEM CAB CBB  doub N N 157 
HEM CAB HAB  sing N N 158 
HEM CBB HBB  sing N N 159 
HEM CBB HBBA sing N N 160 
HEM C1C C2C  sing Y N 161 
HEM C1C NC   sing Y N 162 
HEM C2C C3C  doub Y N 163 
HEM C2C CMC  sing N N 164 
HEM C3C C4C  sing Y N 165 
HEM C3C CAC  sing N N 166 
HEM C4C NC   sing Y N 167 
HEM CMC HMC  sing N N 168 
HEM CMC HMCA sing N N 169 
HEM CMC HMCB sing N N 170 
HEM CAC CBC  doub N N 171 
HEM CAC HAC  sing N N 172 
HEM CBC HBC  sing N N 173 
HEM CBC HBCA sing N N 174 
HEM C1D C2D  sing N N 175 
HEM C1D ND   doub N N 176 
HEM C2D C3D  doub N N 177 
HEM C2D CMD  sing N N 178 
HEM C3D C4D  sing N N 179 
HEM C3D CAD  sing N N 180 
HEM C4D ND   sing N N 181 
HEM CMD HMD  sing N N 182 
HEM CMD HMDA sing N N 183 
HEM CMD HMDB sing N N 184 
HEM CAD CBD  sing N N 185 
HEM CAD HAD  sing N N 186 
HEM CAD HADA sing N N 187 
HEM CBD CGD  sing N N 188 
HEM CBD HBD  sing N N 189 
HEM CBD HBDA sing N N 190 
HEM CGD O1D  doub N N 191 
HEM CGD O2D  sing N N 192 
HEM O2A H2A  sing N N 193 
HEM O2D H2D  sing N N 194 
HEM FE  NA   sing N N 195 
HEM FE  NB   sing N N 196 
HEM FE  NC   sing N N 197 
HEM FE  ND   sing N N 198 
HIS N   CA   sing N N 199 
HIS N   H    sing N N 200 
HIS N   H2   sing N N 201 
HIS CA  C    sing N N 202 
HIS CA  CB   sing N N 203 
HIS CA  HA   sing N N 204 
HIS C   O    doub N N 205 
HIS C   OXT  sing N N 206 
HIS CB  CG   sing N N 207 
HIS CB  HB2  sing N N 208 
HIS CB  HB3  sing N N 209 
HIS CG  ND1  sing Y N 210 
HIS CG  CD2  doub Y N 211 
HIS ND1 CE1  doub Y N 212 
HIS ND1 HD1  sing N N 213 
HIS CD2 NE2  sing Y N 214 
HIS CD2 HD2  sing N N 215 
HIS CE1 NE2  sing Y N 216 
HIS CE1 HE1  sing N N 217 
HIS NE2 HE2  sing N N 218 
HIS OXT HXT  sing N N 219 
HOH O   H1   sing N N 220 
HOH O   H2   sing N N 221 
ILE N   CA   sing N N 222 
ILE N   H    sing N N 223 
ILE N   H2   sing N N 224 
ILE CA  C    sing N N 225 
ILE CA  CB   sing N N 226 
ILE CA  HA   sing N N 227 
ILE C   O    doub N N 228 
ILE C   OXT  sing N N 229 
ILE CB  CG1  sing N N 230 
ILE CB  CG2  sing N N 231 
ILE CB  HB   sing N N 232 
ILE CG1 CD1  sing N N 233 
ILE CG1 HG12 sing N N 234 
ILE CG1 HG13 sing N N 235 
ILE CG2 HG21 sing N N 236 
ILE CG2 HG22 sing N N 237 
ILE CG2 HG23 sing N N 238 
ILE CD1 HD11 sing N N 239 
ILE CD1 HD12 sing N N 240 
ILE CD1 HD13 sing N N 241 
ILE OXT HXT  sing N N 242 
LEU N   CA   sing N N 243 
LEU N   H    sing N N 244 
LEU N   H2   sing N N 245 
LEU CA  C    sing N N 246 
LEU CA  CB   sing N N 247 
LEU CA  HA   sing N N 248 
LEU C   O    doub N N 249 
LEU C   OXT  sing N N 250 
LEU CB  CG   sing N N 251 
LEU CB  HB2  sing N N 252 
LEU CB  HB3  sing N N 253 
LEU CG  CD1  sing N N 254 
LEU CG  CD2  sing N N 255 
LEU CG  HG   sing N N 256 
LEU CD1 HD11 sing N N 257 
LEU CD1 HD12 sing N N 258 
LEU CD1 HD13 sing N N 259 
LEU CD2 HD21 sing N N 260 
LEU CD2 HD22 sing N N 261 
LEU CD2 HD23 sing N N 262 
LEU OXT HXT  sing N N 263 
LYS N   CA   sing N N 264 
LYS N   H    sing N N 265 
LYS N   H2   sing N N 266 
LYS CA  C    sing N N 267 
LYS CA  CB   sing N N 268 
LYS CA  HA   sing N N 269 
LYS C   O    doub N N 270 
LYS C   OXT  sing N N 271 
LYS CB  CG   sing N N 272 
LYS CB  HB2  sing N N 273 
LYS CB  HB3  sing N N 274 
LYS CG  CD   sing N N 275 
LYS CG  HG2  sing N N 276 
LYS CG  HG3  sing N N 277 
LYS CD  CE   sing N N 278 
LYS CD  HD2  sing N N 279 
LYS CD  HD3  sing N N 280 
LYS CE  NZ   sing N N 281 
LYS CE  HE2  sing N N 282 
LYS CE  HE3  sing N N 283 
LYS NZ  HZ1  sing N N 284 
LYS NZ  HZ2  sing N N 285 
LYS NZ  HZ3  sing N N 286 
LYS OXT HXT  sing N N 287 
MET N   CA   sing N N 288 
MET N   H    sing N N 289 
MET N   H2   sing N N 290 
MET CA  C    sing N N 291 
MET CA  CB   sing N N 292 
MET CA  HA   sing N N 293 
MET C   O    doub N N 294 
MET C   OXT  sing N N 295 
MET CB  CG   sing N N 296 
MET CB  HB2  sing N N 297 
MET CB  HB3  sing N N 298 
MET CG  SD   sing N N 299 
MET CG  HG2  sing N N 300 
MET CG  HG3  sing N N 301 
MET SD  CE   sing N N 302 
MET CE  HE1  sing N N 303 
MET CE  HE2  sing N N 304 
MET CE  HE3  sing N N 305 
MET OXT HXT  sing N N 306 
PHE N   CA   sing N N 307 
PHE N   H    sing N N 308 
PHE N   H2   sing N N 309 
PHE CA  C    sing N N 310 
PHE CA  CB   sing N N 311 
PHE CA  HA   sing N N 312 
PHE C   O    doub N N 313 
PHE C   OXT  sing N N 314 
PHE CB  CG   sing N N 315 
PHE CB  HB2  sing N N 316 
PHE CB  HB3  sing N N 317 
PHE CG  CD1  doub Y N 318 
PHE CG  CD2  sing Y N 319 
PHE CD1 CE1  sing Y N 320 
PHE CD1 HD1  sing N N 321 
PHE CD2 CE2  doub Y N 322 
PHE CD2 HD2  sing N N 323 
PHE CE1 CZ   doub Y N 324 
PHE CE1 HE1  sing N N 325 
PHE CE2 CZ   sing Y N 326 
PHE CE2 HE2  sing N N 327 
PHE CZ  HZ   sing N N 328 
PHE OXT HXT  sing N N 329 
PRO N   CA   sing N N 330 
PRO N   CD   sing N N 331 
PRO N   H    sing N N 332 
PRO CA  C    sing N N 333 
PRO CA  CB   sing N N 334 
PRO CA  HA   sing N N 335 
PRO C   O    doub N N 336 
PRO C   OXT  sing N N 337 
PRO CB  CG   sing N N 338 
PRO CB  HB2  sing N N 339 
PRO CB  HB3  sing N N 340 
PRO CG  CD   sing N N 341 
PRO CG  HG2  sing N N 342 
PRO CG  HG3  sing N N 343 
PRO CD  HD2  sing N N 344 
PRO CD  HD3  sing N N 345 
PRO OXT HXT  sing N N 346 
SER N   CA   sing N N 347 
SER N   H    sing N N 348 
SER N   H2   sing N N 349 
SER CA  C    sing N N 350 
SER CA  CB   sing N N 351 
SER CA  HA   sing N N 352 
SER C   O    doub N N 353 
SER C   OXT  sing N N 354 
SER CB  OG   sing N N 355 
SER CB  HB2  sing N N 356 
SER CB  HB3  sing N N 357 
SER OG  HG   sing N N 358 
SER OXT HXT  sing N N 359 
THR N   CA   sing N N 360 
THR N   H    sing N N 361 
THR N   H2   sing N N 362 
THR CA  C    sing N N 363 
THR CA  CB   sing N N 364 
THR CA  HA   sing N N 365 
THR C   O    doub N N 366 
THR C   OXT  sing N N 367 
THR CB  OG1  sing N N 368 
THR CB  CG2  sing N N 369 
THR CB  HB   sing N N 370 
THR OG1 HG1  sing N N 371 
THR CG2 HG21 sing N N 372 
THR CG2 HG22 sing N N 373 
THR CG2 HG23 sing N N 374 
THR OXT HXT  sing N N 375 
TRP N   CA   sing N N 376 
TRP N   H    sing N N 377 
TRP N   H2   sing N N 378 
TRP CA  C    sing N N 379 
TRP CA  CB   sing N N 380 
TRP CA  HA   sing N N 381 
TRP C   O    doub N N 382 
TRP C   OXT  sing N N 383 
TRP CB  CG   sing N N 384 
TRP CB  HB2  sing N N 385 
TRP CB  HB3  sing N N 386 
TRP CG  CD1  doub Y N 387 
TRP CG  CD2  sing Y N 388 
TRP CD1 NE1  sing Y N 389 
TRP CD1 HD1  sing N N 390 
TRP CD2 CE2  doub Y N 391 
TRP CD2 CE3  sing Y N 392 
TRP NE1 CE2  sing Y N 393 
TRP NE1 HE1  sing N N 394 
TRP CE2 CZ2  sing Y N 395 
TRP CE3 CZ3  doub Y N 396 
TRP CE3 HE3  sing N N 397 
TRP CZ2 CH2  doub Y N 398 
TRP CZ2 HZ2  sing N N 399 
TRP CZ3 CH2  sing Y N 400 
TRP CZ3 HZ3  sing N N 401 
TRP CH2 HH2  sing N N 402 
TRP OXT HXT  sing N N 403 
TYR N   CA   sing N N 404 
TYR N   H    sing N N 405 
TYR N   H2   sing N N 406 
TYR CA  C    sing N N 407 
TYR CA  CB   sing N N 408 
TYR CA  HA   sing N N 409 
TYR C   O    doub N N 410 
TYR C   OXT  sing N N 411 
TYR CB  CG   sing N N 412 
TYR CB  HB2  sing N N 413 
TYR CB  HB3  sing N N 414 
TYR CG  CD1  doub Y N 415 
TYR CG  CD2  sing Y N 416 
TYR CD1 CE1  sing Y N 417 
TYR CD1 HD1  sing N N 418 
TYR CD2 CE2  doub Y N 419 
TYR CD2 HD2  sing N N 420 
TYR CE1 CZ   doub Y N 421 
TYR CE1 HE1  sing N N 422 
TYR CE2 CZ   sing Y N 423 
TYR CE2 HE2  sing N N 424 
TYR CZ  OH   sing N N 425 
TYR OH  HH   sing N N 426 
TYR OXT HXT  sing N N 427 
VAL N   CA   sing N N 428 
VAL N   H    sing N N 429 
VAL N   H2   sing N N 430 
VAL CA  C    sing N N 431 
VAL CA  CB   sing N N 432 
VAL CA  HA   sing N N 433 
VAL C   O    doub N N 434 
VAL C   OXT  sing N N 435 
VAL CB  CG1  sing N N 436 
VAL CB  CG2  sing N N 437 
VAL CB  HB   sing N N 438 
VAL CG1 HG11 sing N N 439 
VAL CG1 HG12 sing N N 440 
VAL CG1 HG13 sing N N 441 
VAL CG2 HG21 sing N N 442 
VAL CG2 HG22 sing N N 443 
VAL CG2 HG23 sing N N 444 
VAL OXT HXT  sing N N 445 
# 
_atom_sites.entry_id                    1GDI 
_atom_sites.fract_transf_matrix[1][1]   0.00163064 
_atom_sites.fract_transf_matrix[1][2]   -0.01037209 
_atom_sites.fract_transf_matrix[1][3]   -0.00277020 
_atom_sites.fract_transf_matrix[2][1]   0.01442989 
_atom_sites.fract_transf_matrix[2][2]   -0.00112079 
_atom_sites.fract_transf_matrix[2][3]   0.01269040 
_atom_sites.fract_transf_matrix[3][1]   -0.01622315 
_atom_sites.fract_transf_matrix[3][2]   -0.01143863 
_atom_sites.fract_transf_matrix[3][3]   0.01743664 
_atom_sites.fract_transf_vector[1]      0.284098 
_atom_sites.fract_transf_vector[2]      -0.575321 
_atom_sites.fract_transf_vector[3]      0.812535 
# 
loop_
_atom_type.symbol 
C  
FE 
N  
O  
S  
# 
loop_
_atom_site.group_PDB 
_atom_site.id 
_atom_site.type_symbol 
_atom_site.label_atom_id 
_atom_site.label_alt_id 
_atom_site.label_comp_id 
_atom_site.label_asym_id 
_atom_site.label_entity_id 
_atom_site.label_seq_id 
_atom_site.pdbx_PDB_ins_code 
_atom_site.Cartn_x 
_atom_site.Cartn_y 
_atom_site.Cartn_z 
_atom_site.occupancy 
_atom_site.B_iso_or_equiv 
_atom_site.pdbx_formal_charge 
_atom_site.auth_seq_id 
_atom_site.auth_comp_id 
_atom_site.auth_asym_id 
_atom_site.auth_atom_id 
_atom_site.pdbx_PDB_model_num 
ATOM   1    N  N   . GLY A 1 1   ? -10.169 -14.420 7.472   1.00 63.89 ? 1   GLY A N   1 
ATOM   2    C  CA  . GLY A 1 1   ? -10.771 -14.274 8.804   1.00 66.59 ? 1   GLY A CA  1 
ATOM   3    C  C   . GLY A 1 1   ? -10.287 -13.054 9.592   1.00 65.69 ? 1   GLY A C   1 
ATOM   4    O  O   . GLY A 1 1   ? -11.126 -12.179 9.928   1.00 66.22 ? 1   GLY A O   1 
ATOM   5    N  N   . ALA A 1 2   ? -8.999  -13.067 9.981   1.00 62.49 ? 2   ALA A N   1 
ATOM   6    C  CA  . ALA A 1 2   ? -8.309  -12.005 10.724  1.00 53.37 ? 2   ALA A CA  1 
ATOM   7    C  C   . ALA A 1 2   ? -6.858  -12.354 11.070  1.00 45.57 ? 2   ALA A C   1 
ATOM   8    O  O   . ALA A 1 2   ? -6.431  -12.211 12.232  1.00 42.82 ? 2   ALA A O   1 
ATOM   9    C  CB  . ALA A 1 2   ? -9.057  -11.608 12.016  1.00 54.92 ? 2   ALA A CB  1 
ATOM   10   N  N   . LEU A 1 3   ? -6.102  -12.752 10.105  1.00 39.00 ? 3   LEU A N   1 
ATOM   11   C  CA  . LEU A 1 3   ? -4.686  -13.073 10.070  1.00 30.20 ? 3   LEU A CA  1 
ATOM   12   C  C   . LEU A 1 3   ? -4.174  -14.230 10.901  1.00 29.01 ? 3   LEU A C   1 
ATOM   13   O  O   . LEU A 1 3   ? -3.600  -14.204 11.994  1.00 22.10 ? 3   LEU A O   1 
ATOM   14   C  CB  . LEU A 1 3   ? -3.983  -11.727 10.425  1.00 31.36 ? 3   LEU A CB  1 
ATOM   15   C  CG  . LEU A 1 3   ? -3.252  -11.048 9.272   1.00 31.55 ? 3   LEU A CG  1 
ATOM   16   C  CD1 . LEU A 1 3   ? -1.896  -11.716 9.036   1.00 26.71 ? 3   LEU A CD1 1 
ATOM   17   C  CD2 . LEU A 1 3   ? -4.101  -11.134 8.010   1.00 29.19 ? 3   LEU A CD2 1 
ATOM   18   N  N   . THR A 1 4   ? -4.255  -15.390 10.214  1.00 22.38 ? 4   THR A N   1 
ATOM   19   C  CA  . THR A 1 4   ? -3.769  -16.660 10.688  1.00 23.44 ? 4   THR A CA  1 
ATOM   20   C  C   . THR A 1 4   ? -2.296  -16.673 10.354  1.00 20.87 ? 4   THR A C   1 
ATOM   21   O  O   . THR A 1 4   ? -1.897  -15.886 9.478   1.00 22.36 ? 4   THR A O   1 
ATOM   22   C  CB  . THR A 1 4   ? -4.519  -17.825 9.998   1.00 26.63 ? 4   THR A CB  1 
ATOM   23   O  OG1 . THR A 1 4   ? -3.923  -17.807 8.642   1.00 32.52 ? 4   THR A OG1 1 
ATOM   24   C  CG2 . THR A 1 4   ? -6.039  -17.634 10.018  1.00 29.22 ? 4   THR A CG2 1 
ATOM   25   N  N   . GLU A 1 5   ? -1.534  -17.523 10.945  1.00 17.34 ? 5   GLU A N   1 
ATOM   26   C  CA  . GLU A 1 5   ? -0.115  -17.646 10.706  1.00 21.96 ? 5   GLU A CA  1 
ATOM   27   C  C   . GLU A 1 5   ? 0.234   -18.010 9.272   1.00 21.72 ? 5   GLU A C   1 
ATOM   28   O  O   . GLU A 1 5   ? 1.339   -17.670 8.849   1.00 16.42 ? 5   GLU A O   1 
ATOM   29   C  CB  . GLU A 1 5   ? 0.487   -18.746 11.575  1.00 34.46 ? 5   GLU A CB  1 
ATOM   30   C  CG  . GLU A 1 5   ? 1.997   -18.684 11.844  1.00 49.19 ? 5   GLU A CG  1 
ATOM   31   C  CD  . GLU A 1 5   ? 2.328   -18.427 13.306  1.00 55.88 ? 5   GLU A CD  1 
ATOM   32   O  OE1 . GLU A 1 5   ? 2.215   -19.506 13.951  1.00 59.62 ? 5   GLU A OE1 1 
ATOM   33   O  OE2 . GLU A 1 5   ? 2.609   -17.297 13.716  1.00 59.72 ? 5   GLU A OE2 1 
ATOM   34   N  N   . SER A 1 6   ? -0.657  -18.710 8.594   1.00 21.31 ? 6   SER A N   1 
ATOM   35   C  CA  . SER A 1 6   ? -0.393  -19.148 7.202   1.00 22.33 ? 6   SER A CA  1 
ATOM   36   C  C   . SER A 1 6   ? -0.669  -17.929 6.312   1.00 16.02 ? 6   SER A C   1 
ATOM   37   O  O   . SER A 1 6   ? 0.213   -17.827 5.448   1.00 12.63 ? 6   SER A O   1 
ATOM   38   C  CB  . SER A 1 6   ? -1.119  -20.415 6.749   1.00 18.79 ? 6   SER A CB  1 
ATOM   39   O  OG  . SER A 1 6   ? -2.501  -20.313 6.864   1.00 27.71 ? 6   SER A OG  1 
ATOM   40   N  N   . GLN A 1 7   ? -1.598  -17.081 6.665   1.00 13.51 ? 7   GLN A N   1 
ATOM   41   C  CA  . GLN A 1 7   ? -1.905  -15.881 5.909   1.00 15.33 ? 7   GLN A CA  1 
ATOM   42   C  C   . GLN A 1 7   ? -0.721  -14.912 6.049   1.00 16.53 ? 7   GLN A C   1 
ATOM   43   O  O   . GLN A 1 7   ? -0.378  -14.239 5.079   1.00 13.68 ? 7   GLN A O   1 
ATOM   44   C  CB  . GLN A 1 7   ? -3.153  -15.139 6.332   1.00 12.02 ? 7   GLN A CB  1 
ATOM   45   C  CG  . GLN A 1 7   ? -4.426  -15.760 5.701   1.00 17.11 ? 7   GLN A CG  1 
ATOM   46   C  CD  . GLN A 1 7   ? -5.643  -15.292 6.499   1.00 21.53 ? 7   GLN A CD  1 
ATOM   47   O  OE1 . GLN A 1 7   ? -5.589  -15.098 7.738   1.00 23.76 ? 7   GLN A OE1 1 
ATOM   48   N  NE2 . GLN A 1 7   ? -6.829  -15.063 5.930   1.00 24.10 ? 7   GLN A NE2 1 
ATOM   49   N  N   . ALA A 1 8   ? -0.235  -14.797 7.257   1.00 17.14 ? 8   ALA A N   1 
ATOM   50   C  CA  . ALA A 1 8   ? 0.865   -13.913 7.620   1.00 18.13 ? 8   ALA A CA  1 
ATOM   51   C  C   . ALA A 1 8   ? 2.123   -14.353 6.875   1.00 14.68 ? 8   ALA A C   1 
ATOM   52   O  O   . ALA A 1 8   ? 2.771   -13.491 6.306   1.00 11.47 ? 8   ALA A O   1 
ATOM   53   C  CB  . ALA A 1 8   ? 1.068   -13.811 9.160   1.00 15.51 ? 8   ALA A CB  1 
ATOM   54   N  N   . ALA A 1 9   ? 2.406   -15.642 6.718   1.00 15.66 ? 9   ALA A N   1 
ATOM   55   C  CA  . ALA A 1 9   ? 3.563   -16.149 6.000   1.00 13.22 ? 9   ALA A CA  1 
ATOM   56   C  C   . ALA A 1 9   ? 3.471   -15.854 4.496   1.00 15.70 ? 9   ALA A C   1 
ATOM   57   O  O   . ALA A 1 9   ? 4.441   -15.391 3.890   1.00 13.94 ? 9   ALA A O   1 
ATOM   58   C  CB  . ALA A 1 9   ? 3.736   -17.662 6.261   1.00 9.42  ? 9   ALA A CB  1 
ATOM   59   N  N   . LEU A 1 10  ? 2.273   -15.858 3.965   1.00 15.93 ? 10  LEU A N   1 
ATOM   60   C  CA  . LEU A 1 10  ? 1.956   -15.612 2.560   1.00 15.66 ? 10  LEU A CA  1 
ATOM   61   C  C   . LEU A 1 10  ? 2.239   -14.145 2.264   1.00 13.53 ? 10  LEU A C   1 
ATOM   62   O  O   . LEU A 1 10  ? 2.754   -13.854 1.188   1.00 15.18 ? 10  LEU A O   1 
ATOM   63   C  CB  . LEU A 1 10  ? 0.518   -16.121 2.294   1.00 16.77 ? 10  LEU A CB  1 
ATOM   64   C  CG  . LEU A 1 10  ? 0.396   -17.557 1.804   1.00 18.37 ? 10  LEU A CG  1 
ATOM   65   C  CD1 . LEU A 1 10  ? -0.977  -18.181 1.986   1.00 20.09 ? 10  LEU A CD1 1 
ATOM   66   C  CD2 . LEU A 1 10  ? 0.732   -17.515 0.300   1.00 24.05 ? 10  LEU A CD2 1 
ATOM   67   N  N   . VAL A 1 11  ? 1.813   -13.262 3.140   1.00 13.93 ? 11  VAL A N   1 
ATOM   68   C  CA  . VAL A 1 11  ? 2.103   -11.805 3.017   1.00 15.68 ? 11  VAL A CA  1 
ATOM   69   C  C   . VAL A 1 11  ? 3.634   -11.578 3.072   1.00 14.24 ? 11  VAL A C   1 
ATOM   70   O  O   . VAL A 1 11  ? 4.173   -10.950 2.137   1.00 14.87 ? 11  VAL A O   1 
ATOM   71   C  CB  . VAL A 1 11  ? 1.255   -10.992 4.025   1.00 10.19 ? 11  VAL A CB  1 
ATOM   72   C  CG1 . VAL A 1 11  ? 1.812   -9.610  4.250   1.00 14.94 ? 11  VAL A CG1 1 
ATOM   73   C  CG2 . VAL A 1 11  ? -0.208  -10.950 3.619   1.00 8.65  ? 11  VAL A CG2 1 
ATOM   74   N  N   . LYS A 1 12  ? 4.373   -12.120 4.002   1.00 13.85 ? 12  LYS A N   1 
ATOM   75   C  CA  . LYS A 1 12  ? 5.820   -11.999 4.162   1.00 10.56 ? 12  LYS A CA  1 
ATOM   76   C  C   . LYS A 1 12  ? 6.586   -12.470 2.968   1.00 10.14 ? 12  LYS A C   1 
ATOM   77   O  O   . LYS A 1 12  ? 7.497   -11.738 2.501   1.00 16.13 ? 12  LYS A O   1 
ATOM   78   C  CB  . LYS A 1 12  ? 6.283   -12.778 5.397   1.00 11.75 ? 12  LYS A CB  1 
ATOM   79   C  CG  . LYS A 1 12  ? 7.794   -12.810 5.518   1.00 9.76  ? 12  LYS A CG  1 
ATOM   80   C  CD  . LYS A 1 12  ? 8.158   -12.927 6.982   1.00 15.53 ? 12  LYS A CD  1 
ATOM   81   C  CE  . LYS A 1 12  ? 9.675   -12.798 7.165   1.00 23.70 ? 12  LYS A CE  1 
ATOM   82   N  NZ  . LYS A 1 12  ? 10.046  -11.396 6.742   1.00 31.54 ? 12  LYS A NZ  1 
ATOM   83   N  N   . SER A 1 13  ? 6.196   -13.538 2.356   1.00 14.30 ? 13  SER A N   1 
ATOM   84   C  CA  . SER A 1 13  ? 6.730   -14.160 1.190   1.00 14.65 ? 13  SER A CA  1 
ATOM   85   C  C   . SER A 1 13  ? 6.523   -13.309 -0.056  1.00 10.42 ? 13  SER A C   1 
ATOM   86   O  O   . SER A 1 13  ? 7.515   -13.132 -0.741  1.00 17.28 ? 13  SER A O   1 
ATOM   87   C  CB  . SER A 1 13  ? 6.075   -15.522 0.815   1.00 15.49 ? 13  SER A CB  1 
ATOM   88   O  OG  . SER A 1 13  ? 7.035   -16.444 1.240   1.00 22.56 ? 13  SER A OG  1 
ATOM   89   N  N   . SER A 1 14  ? 5.260   -13.046 -0.330  1.00 12.73 ? 14  SER A N   1 
ATOM   90   C  CA  . SER A 1 14  ? 4.944   -12.182 -1.474  1.00 9.61  ? 14  SER A CA  1 
ATOM   91   C  C   . SER A 1 14  ? 5.647   -10.849 -1.339  1.00 9.96  ? 14  SER A C   1 
ATOM   92   O  O   . SER A 1 14  ? 6.002   -10.120 -2.305  1.00 12.79 ? 14  SER A O   1 
ATOM   93   C  CB  . SER A 1 14  ? 3.429   -12.001 -1.588  1.00 7.06  ? 14  SER A CB  1 
ATOM   94   O  OG  . SER A 1 14  ? 3.011   -11.451 -0.328  1.00 13.35 ? 14  SER A OG  1 
ATOM   95   N  N   . TRP A 1 15  ? 5.780   -10.348 -0.098  1.00 13.28 ? 15  TRP A N   1 
ATOM   96   C  CA  . TRP A 1 15  ? 6.413   -9.060  0.168   1.00 13.11 ? 15  TRP A CA  1 
ATOM   97   C  C   . TRP A 1 15  ? 7.869   -9.193  -0.196  1.00 11.68 ? 15  TRP A C   1 
ATOM   98   O  O   . TRP A 1 15  ? 8.528   -8.283  -0.745  1.00 12.76 ? 15  TRP A O   1 
ATOM   99   C  CB  . TRP A 1 15  ? 6.190   -8.628  1.620   1.00 9.43  ? 15  TRP A CB  1 
ATOM   100  C  CG  . TRP A 1 15  ? 6.980   -7.424  1.922   1.00 11.17 ? 15  TRP A CG  1 
ATOM   101  C  CD1 . TRP A 1 15  ? 6.718   -6.130  1.451   1.00 13.42 ? 15  TRP A CD1 1 
ATOM   102  C  CD2 . TRP A 1 15  ? 8.265   -7.378  2.555   1.00 12.86 ? 15  TRP A CD2 1 
ATOM   103  N  NE1 . TRP A 1 15  ? 7.735   -5.316  1.818   1.00 17.02 ? 15  TRP A NE1 1 
ATOM   104  C  CE2 . TRP A 1 15  ? 8.679   -6.045  2.498   1.00 16.33 ? 15  TRP A CE2 1 
ATOM   105  C  CE3 . TRP A 1 15  ? 9.014   -8.294  3.233   1.00 16.13 ? 15  TRP A CE3 1 
ATOM   106  C  CZ2 . TRP A 1 15  ? 9.913   -5.627  3.004   1.00 21.72 ? 15  TRP A CZ2 1 
ATOM   107  C  CZ3 . TRP A 1 15  ? 10.182  -7.883  3.834   1.00 21.29 ? 15  TRP A CZ3 1 
ATOM   108  C  CH2 . TRP A 1 15  ? 10.647  -6.576  3.693   1.00 22.45 ? 15  TRP A CH2 1 
ATOM   109  N  N   . GLU A 1 16  ? 8.399   -10.367 0.127   1.00 16.80 ? 16  GLU A N   1 
ATOM   110  C  CA  . GLU A 1 16  ? 9.832   -10.579 -0.223  1.00 12.98 ? 16  GLU A CA  1 
ATOM   111  C  C   . GLU A 1 16  ? 9.925   -10.675 -1.721  1.00 9.70  ? 16  GLU A C   1 
ATOM   112  O  O   . GLU A 1 16  ? 10.945  -10.066 -2.189  1.00 15.66 ? 16  GLU A O   1 
ATOM   113  C  CB  . GLU A 1 16  ? 10.463  -11.773 0.478   1.00 11.70 ? 16  GLU A CB  1 
ATOM   114  C  CG  . GLU A 1 16  ? 10.532  -11.507 1.972   1.00 16.12 ? 16  GLU A CG  1 
ATOM   115  C  CD  . GLU A 1 16  ? 10.981  -12.577 2.886   1.00 21.88 ? 16  GLU A CD  1 
ATOM   116  O  OE1 . GLU A 1 16  ? 10.749  -13.778 2.926   1.00 23.90 ? 16  GLU A OE1 1 
ATOM   117  O  OE2 . GLU A 1 16  ? 11.625  -12.014 3.822   1.00 27.07 ? 16  GLU A OE2 1 
ATOM   118  N  N   . GLU A 1 17  ? 9.031   -11.315 -2.439  1.00 8.68  ? 17  GLU A N   1 
ATOM   119  C  CA  . GLU A 1 17  ? 9.165   -11.236 -3.923  1.00 10.25 ? 17  GLU A CA  1 
ATOM   120  C  C   . GLU A 1 17  ? 8.990   -9.829  -4.497  1.00 11.19 ? 17  GLU A C   1 
ATOM   121  O  O   . GLU A 1 17  ? 9.678   -9.510  -5.540  1.00 12.36 ? 17  GLU A O   1 
ATOM   122  C  CB  . GLU A 1 17  ? 8.192   -12.146 -4.649  1.00 13.11 ? 17  GLU A CB  1 
ATOM   123  C  CG  . GLU A 1 17  ? 8.475   -13.643 -4.411  1.00 22.18 ? 17  GLU A CG  1 
ATOM   124  C  CD  . GLU A 1 17  ? 7.363   -14.503 -4.948  1.00 28.41 ? 17  GLU A CD  1 
ATOM   125  O  OE1 . GLU A 1 17  ? 7.085   -14.620 -6.129  1.00 26.83 ? 17  GLU A OE1 1 
ATOM   126  O  OE2 . GLU A 1 17  ? 6.699   -14.914 -3.948  1.00 32.17 ? 17  GLU A OE2 1 
ATOM   127  N  N   . PHE A 1 18  ? 8.250   -8.933  -3.900  1.00 9.04  ? 18  PHE A N   1 
ATOM   128  C  CA  . PHE A 1 18  ? 8.009   -7.565  -4.279  1.00 11.68 ? 18  PHE A CA  1 
ATOM   129  C  C   . PHE A 1 18  ? 9.337   -6.804  -4.253  1.00 12.76 ? 18  PHE A C   1 
ATOM   130  O  O   . PHE A 1 18  ? 9.774   -6.107  -5.165  1.00 14.27 ? 18  PHE A O   1 
ATOM   131  C  CB  . PHE A 1 18  ? 6.998   -6.800  -3.392  1.00 8.62  ? 18  PHE A CB  1 
ATOM   132  C  CG  . PHE A 1 18  ? 6.834   -5.319  -3.747  1.00 13.00 ? 18  PHE A CG  1 
ATOM   133  C  CD1 . PHE A 1 18  ? 5.955   -4.965  -4.836  1.00 9.59  ? 18  PHE A CD1 1 
ATOM   134  C  CD2 . PHE A 1 18  ? 7.402   -4.289  -3.013  1.00 7.03  ? 18  PHE A CD2 1 
ATOM   135  C  CE1 . PHE A 1 18  ? 5.763   -3.635  -5.072  1.00 11.94 ? 18  PHE A CE1 1 
ATOM   136  C  CE2 . PHE A 1 18  ? 7.340   -2.947  -3.370  1.00 1.32  ? 18  PHE A CE2 1 
ATOM   137  C  CZ  . PHE A 1 18  ? 6.444   -2.657  -4.386  1.00 1.93  ? 18  PHE A CZ  1 
ATOM   138  N  N   . ASN A 1 19  ? 9.985   -6.931  -3.130  1.00 14.10 ? 19  ASN A N   1 
ATOM   139  C  CA  . ASN A 1 19  ? 11.223  -6.147  -2.825  1.00 13.57 ? 19  ASN A CA  1 
ATOM   140  C  C   . ASN A 1 19  ? 12.462  -6.707  -3.460  1.00 15.03 ? 19  ASN A C   1 
ATOM   141  O  O   . ASN A 1 19  ? 13.563  -6.146  -3.478  1.00 17.97 ? 19  ASN A O   1 
ATOM   142  C  CB  . ASN A 1 19  ? 11.021  -6.060  -1.305  1.00 20.00 ? 19  ASN A CB  1 
ATOM   143  C  CG  . ASN A 1 19  ? 12.092  -5.232  -0.616  1.00 29.15 ? 19  ASN A CG  1 
ATOM   144  O  OD1 . ASN A 1 19  ? 12.056  -3.969  -0.524  1.00 25.58 ? 19  ASN A OD1 1 
ATOM   145  N  ND2 . ASN A 1 19  ? 13.039  -6.064  -0.157  1.00 27.00 ? 19  ASN A ND2 1 
ATOM   146  N  N   . ALA A 1 20  ? 12.384  -7.807  -4.199  1.00 11.04 ? 20  ALA A N   1 
ATOM   147  C  CA  . ALA A 1 20  ? 13.492  -8.393  -4.933  1.00 14.46 ? 20  ALA A CA  1 
ATOM   148  C  C   . ALA A 1 20  ? 13.623  -7.526  -6.201  1.00 15.64 ? 20  ALA A C   1 
ATOM   149  O  O   . ALA A 1 20  ? 14.725  -7.535  -6.756  1.00 18.92 ? 20  ALA A O   1 
ATOM   150  C  CB  . ALA A 1 20  ? 13.241  -9.846  -5.203  1.00 13.51 ? 20  ALA A CB  1 
ATOM   151  N  N   . ASN A 1 21  ? 12.491  -6.963  -6.680  1.00 11.12 ? 21  ASN A N   1 
ATOM   152  C  CA  . ASN A 1 21  ? 12.666  -6.048  -7.884  1.00 10.61 ? 21  ASN A CA  1 
ATOM   153  C  C   . ASN A 1 21  ? 11.948  -4.719  -7.602  1.00 12.05 ? 21  ASN A C   1 
ATOM   154  O  O   . ASN A 1 21  ? 10.886  -4.479  -8.192  1.00 8.93  ? 21  ASN A O   1 
ATOM   155  C  CB  . ASN A 1 21  ? 12.180  -6.713  -9.135  1.00 13.74 ? 21  ASN A CB  1 
ATOM   156  C  CG  . ASN A 1 21  ? 12.654  -6.118  -10.430 1.00 20.72 ? 21  ASN A CG  1 
ATOM   157  O  OD1 . ASN A 1 21  ? 12.567  -6.732  -11.515 1.00 25.11 ? 21  ASN A OD1 1 
ATOM   158  N  ND2 . ASN A 1 21  ? 13.086  -4.848  -10.368 1.00 17.79 ? 21  ASN A ND2 1 
ATOM   159  N  N   . ILE A 1 22  ? 12.557  -3.841  -6.810  1.00 8.79  ? 22  ILE A N   1 
ATOM   160  C  CA  . ILE A 1 22  ? 11.846  -2.590  -6.484  1.00 10.99 ? 22  ILE A CA  1 
ATOM   161  C  C   . ILE A 1 22  ? 11.564  -1.746  -7.703  1.00 7.90  ? 22  ILE A C   1 
ATOM   162  O  O   . ILE A 1 22  ? 10.398  -1.325  -7.810  1.00 10.19 ? 22  ILE A O   1 
ATOM   163  C  CB  . ILE A 1 22  ? 12.602  -1.774  -5.401  1.00 8.24  ? 22  ILE A CB  1 
ATOM   164  C  CG1 . ILE A 1 22  ? 12.346  -2.281  -3.992  1.00 7.36  ? 22  ILE A CG1 1 
ATOM   165  C  CG2 . ILE A 1 22  ? 12.252  -0.237  -5.561  1.00 9.34  ? 22  ILE A CG2 1 
ATOM   166  C  CD1 . ILE A 1 22  ? 10.948  -2.345  -3.342  1.00 7.55  ? 22  ILE A CD1 1 
ATOM   167  N  N   . PRO A 1 23  ? 12.488  -1.583  -8.612  1.00 12.49 ? 23  PRO A N   1 
ATOM   168  C  CA  . PRO A 1 23  ? 12.319  -0.690  -9.790  1.00 13.91 ? 23  PRO A CA  1 
ATOM   169  C  C   . PRO A 1 23  ? 11.136  -1.027  -10.660 1.00 14.55 ? 23  PRO A C   1 
ATOM   170  O  O   . PRO A 1 23  ? 10.225  -0.210  -11.026 1.00 16.23 ? 23  PRO A O   1 
ATOM   171  C  CB  . PRO A 1 23  ? 13.702  -0.712  -10.465 1.00 14.12 ? 23  PRO A CB  1 
ATOM   172  C  CG  . PRO A 1 23  ? 14.688  -1.091  -9.374  1.00 10.81 ? 23  PRO A CG  1 
ATOM   173  C  CD  . PRO A 1 23  ? 13.918  -2.014  -8.477  1.00 13.67 ? 23  PRO A CD  1 
ATOM   174  N  N   . LYS A 1 24  ? 10.985  -2.313  -10.943 1.00 17.43 ? 24  LYS A N   1 
ATOM   175  C  CA  . LYS A 1 24  ? 9.917   -2.861  -11.725 1.00 13.58 ? 24  LYS A CA  1 
ATOM   176  C  C   . LYS A 1 24  ? 8.594   -2.777  -10.999 1.00 10.29 ? 24  LYS A C   1 
ATOM   177  O  O   . LYS A 1 24  ? 7.617   -2.249  -11.594 1.00 17.07 ? 24  LYS A O   1 
ATOM   178  C  CB  . LYS A 1 24  ? 10.202  -4.343  -12.059 1.00 14.00 ? 24  LYS A CB  1 
ATOM   179  C  CG  . LYS A 1 24  ? 9.320   -5.034  -13.015 1.00 22.61 ? 24  LYS A CG  1 
ATOM   180  C  CD  . LYS A 1 24  ? 9.264   -6.464  -13.347 1.00 27.24 ? 24  LYS A CD  1 
ATOM   181  C  CE  . LYS A 1 24  ? 9.340   -7.689  -12.600 1.00 33.79 ? 24  LYS A CE  1 
ATOM   182  N  NZ  . LYS A 1 24  ? 8.168   -8.613  -12.441 1.00 38.07 ? 24  LYS A NZ  1 
ATOM   183  N  N   . HIS A 1 25  ? 8.568   -3.350  -9.778  1.00 11.95 ? 25  HIS A N   1 
ATOM   184  C  CA  . HIS A 1 25  ? 7.269   -3.473  -9.069  1.00 7.53  ? 25  HIS A CA  1 
ATOM   185  C  C   . HIS A 1 25  ? 6.736   -2.131  -8.610  1.00 3.68  ? 25  HIS A C   1 
ATOM   186  O  O   . HIS A 1 25  ? 5.499   -1.910  -8.864  1.00 2.62  ? 25  HIS A O   1 
ATOM   187  C  CB  . HIS A 1 25  ? 7.242   -4.486  -7.899  1.00 4.52  ? 25  HIS A CB  1 
ATOM   188  C  CG  . HIS A 1 25  ? 7.751   -5.837  -8.353  1.00 7.54  ? 25  HIS A CG  1 
ATOM   189  N  ND1 . HIS A 1 25  ? 7.444   -6.444  -9.542  1.00 3.93  ? 25  HIS A ND1 1 
ATOM   190  C  CD2 . HIS A 1 25  ? 8.623   -6.631  -7.707  1.00 7.42  ? 25  HIS A CD2 1 
ATOM   191  C  CE1 . HIS A 1 25  ? 8.056   -7.607  -9.562  1.00 3.73  ? 25  HIS A CE1 1 
ATOM   192  N  NE2 . HIS A 1 25  ? 8.832   -7.719  -8.483  1.00 7.19  ? 25  HIS A NE2 1 
ATOM   193  N  N   . THR A 1 26  ? 7.603   -1.210  -8.204  1.00 3.49  ? 26  THR A N   1 
ATOM   194  C  CA  . THR A 1 26  ? 7.045   0.125   -7.869  1.00 8.98  ? 26  THR A CA  1 
ATOM   195  C  C   . THR A 1 26  ? 6.703   0.906   -9.140  1.00 10.02 ? 26  THR A C   1 
ATOM   196  O  O   . THR A 1 26  ? 5.750   1.725   -9.158  1.00 4.84  ? 26  THR A O   1 
ATOM   197  C  CB  . THR A 1 26  ? 7.941   0.940   -6.881  1.00 14.97 ? 26  THR A CB  1 
ATOM   198  O  OG1 . THR A 1 26  ? 9.093   1.232   -7.699  1.00 13.86 ? 26  THR A OG1 1 
ATOM   199  C  CG2 . THR A 1 26  ? 8.332   0.243   -5.564  1.00 10.12 ? 26  THR A CG2 1 
ATOM   200  N  N   . HIS A 1 27  ? 7.262   0.649   -10.293 1.00 10.29 ? 27  HIS A N   1 
ATOM   201  C  CA  . HIS A 1 27  ? 6.849   1.374   -11.504 1.00 7.75  ? 27  HIS A CA  1 
ATOM   202  C  C   . HIS A 1 27  ? 5.435   0.983   -11.859 1.00 8.77  ? 27  HIS A C   1 
ATOM   203  O  O   . HIS A 1 27  ? 4.596   1.816   -12.242 1.00 1.32  ? 27  HIS A O   1 
ATOM   204  C  CB  . HIS A 1 27  ? 7.882   1.108   -12.645 1.00 9.15  ? 27  HIS A CB  1 
ATOM   205  C  CG  . HIS A 1 27  ? 7.358   1.499   -13.996 1.00 5.53  ? 27  HIS A CG  1 
ATOM   206  N  ND1 . HIS A 1 27  ? 7.254   2.827   -14.407 1.00 12.48 ? 27  HIS A ND1 1 
ATOM   207  C  CD2 . HIS A 1 27  ? 6.969   0.730   -15.047 1.00 6.22  ? 27  HIS A CD2 1 
ATOM   208  C  CE1 . HIS A 1 27  ? 6.806   2.849   -15.673 1.00 4.78  ? 27  HIS A CE1 1 
ATOM   209  N  NE2 . HIS A 1 27  ? 6.620   1.586   -16.046 1.00 14.12 ? 27  HIS A NE2 1 
ATOM   210  N  N   . ARG A 1 28  ? 5.205   -0.332  -11.811 1.00 8.33  ? 28  ARG A N   1 
ATOM   211  C  CA  . ARG A 1 28  ? 4.025   -1.091  -12.086 1.00 7.74  ? 28  ARG A CA  1 
ATOM   212  C  C   . ARG A 1 28  ? 2.885   -0.647  -11.211 1.00 4.30  ? 28  ARG A C   1 
ATOM   213  O  O   . ARG A 1 28  ? 1.767   -0.351  -11.714 1.00 5.18  ? 28  ARG A O   1 
ATOM   214  C  CB  . ARG A 1 28  ? 4.395   -2.546  -11.893 1.00 7.80  ? 28  ARG A CB  1 
ATOM   215  C  CG  . ARG A 1 28  ? 3.377   -3.473  -12.524 1.00 17.76 ? 28  ARG A CG  1 
ATOM   216  C  CD  . ARG A 1 28  ? 2.938   -2.918  -13.834 1.00 18.36 ? 28  ARG A CD  1 
ATOM   217  N  NE  . ARG A 1 28  ? 1.765   -3.458  -14.343 1.00 26.36 ? 28  ARG A NE  1 
ATOM   218  C  CZ  . ARG A 1 28  ? 0.864   -3.373  -15.289 1.00 28.62 ? 28  ARG A CZ  1 
ATOM   219  N  NH1 . ARG A 1 28  ? 0.925   -2.456  -16.262 1.00 28.84 ? 28  ARG A NH1 1 
ATOM   220  N  NH2 . ARG A 1 28  ? -0.144  -4.292  -15.322 1.00 31.60 ? 28  ARG A NH2 1 
ATOM   221  N  N   . PHE A 1 29  ? 3.087   -0.588  -9.904  1.00 4.96  ? 29  PHE A N   1 
ATOM   222  C  CA  . PHE A 1 29  ? 2.094   -0.057  -8.979  1.00 2.60  ? 29  PHE A CA  1 
ATOM   223  C  C   . PHE A 1 29  ? 1.530   1.273   -9.346  1.00 7.53  ? 29  PHE A C   1 
ATOM   224  O  O   . PHE A 1 29  ? 0.258   1.465   -9.415  1.00 4.88  ? 29  PHE A O   1 
ATOM   225  C  CB  . PHE A 1 29  ? 2.808   -0.086  -7.562  1.00 6.92  ? 29  PHE A CB  1 
ATOM   226  C  CG  . PHE A 1 29  ? 2.090   0.658   -6.523  1.00 8.20  ? 29  PHE A CG  1 
ATOM   227  C  CD1 . PHE A 1 29  ? 0.878   0.234   -5.957  1.00 14.11 ? 29  PHE A CD1 1 
ATOM   228  C  CD2 . PHE A 1 29  ? 2.608   1.945   -6.151  1.00 13.57 ? 29  PHE A CD2 1 
ATOM   229  C  CE1 . PHE A 1 29  ? 0.251   0.986   -4.967  1.00 9.77  ? 29  PHE A CE1 1 
ATOM   230  C  CE2 . PHE A 1 29  ? 2.001   2.696   -5.136  1.00 12.31 ? 29  PHE A CE2 1 
ATOM   231  C  CZ  . PHE A 1 29  ? 0.746   2.237   -4.576  1.00 14.13 ? 29  PHE A CZ  1 
ATOM   232  N  N   . PHE A 1 30  ? 2.359   2.284   -9.682  1.00 8.87  ? 30  PHE A N   1 
ATOM   233  C  CA  . PHE A 1 30  ? 1.854   3.625   -10.103 1.00 3.35  ? 30  PHE A CA  1 
ATOM   234  C  C   . PHE A 1 30  ? 1.190   3.506   -11.426 1.00 1.32  ? 30  PHE A C   1 
ATOM   235  O  O   . PHE A 1 30  ? 0.206   4.258   -11.688 1.00 5.47  ? 30  PHE A O   1 
ATOM   236  C  CB  . PHE A 1 30  ? 2.922   4.759   -10.047 1.00 2.92  ? 30  PHE A CB  1 
ATOM   237  C  CG  . PHE A 1 30  ? 3.125   5.275   -8.643  1.00 4.17  ? 30  PHE A CG  1 
ATOM   238  C  CD1 . PHE A 1 30  ? 2.090   6.036   -8.108  1.00 8.79  ? 30  PHE A CD1 1 
ATOM   239  C  CD2 . PHE A 1 30  ? 4.196   4.799   -7.808  1.00 1.32  ? 30  PHE A CD2 1 
ATOM   240  C  CE1 . PHE A 1 30  ? 2.092   6.473   -6.809  1.00 5.70  ? 30  PHE A CE1 1 
ATOM   241  C  CE2 . PHE A 1 30  ? 4.227   5.292   -6.503  1.00 1.32  ? 30  PHE A CE2 1 
ATOM   242  C  CZ  . PHE A 1 30  ? 3.246   6.152   -6.014  1.00 1.35  ? 30  PHE A CZ  1 
ATOM   243  N  N   . ILE A 1 31  ? 1.599   2.720   -12.402 1.00 4.23  ? 31  ILE A N   1 
ATOM   244  C  CA  . ILE A 1 31  ? 0.773   2.518   -13.596 1.00 8.30  ? 31  ILE A CA  1 
ATOM   245  C  C   . ILE A 1 31  ? -0.616  2.064   -13.211 1.00 7.38  ? 31  ILE A C   1 
ATOM   246  O  O   . ILE A 1 31  ? -1.562  2.433   -13.961 1.00 6.12  ? 31  ILE A O   1 
ATOM   247  C  CB  . ILE A 1 31  ? 1.449   1.529   -14.599 1.00 9.93  ? 31  ILE A CB  1 
ATOM   248  C  CG1 . ILE A 1 31  ? 2.758   2.171   -15.130 1.00 10.96 ? 31  ILE A CG1 1 
ATOM   249  C  CG2 . ILE A 1 31  ? 0.537   1.103   -15.775 1.00 10.90 ? 31  ILE A CG2 1 
ATOM   250  C  CD1 . ILE A 1 31  ? 2.635   2.707   -16.563 1.00 16.32 ? 31  ILE A CD1 1 
ATOM   251  N  N   . LEU A 1 32  ? -0.734  1.109   -12.270 1.00 5.71  ? 32  LEU A N   1 
ATOM   252  C  CA  . LEU A 1 32  ? -2.015  0.552   -11.819 1.00 4.55  ? 32  LEU A CA  1 
ATOM   253  C  C   . LEU A 1 32  ? -2.787  1.625   -11.057 1.00 6.89  ? 32  LEU A C   1 
ATOM   254  O  O   . LEU A 1 32  ? -3.980  1.646   -11.442 1.00 13.68 ? 32  LEU A O   1 
ATOM   255  C  CB  . LEU A 1 32  ? -1.915  -0.774  -11.009 1.00 5.52  ? 32  LEU A CB  1 
ATOM   256  C  CG  . LEU A 1 32  ? -1.180  -1.883  -11.774 1.00 7.36  ? 32  LEU A CG  1 
ATOM   257  C  CD1 . LEU A 1 32  ? -0.697  -2.954  -10.807 1.00 13.37 ? 32  LEU A CD1 1 
ATOM   258  C  CD2 . LEU A 1 32  ? -2.127  -2.439  -12.793 1.00 9.17  ? 32  LEU A CD2 1 
ATOM   259  N  N   . VAL A 1 33  ? -2.163  2.587   -10.382 1.00 11.20 ? 33  VAL A N   1 
ATOM   260  C  CA  . VAL A 1 33  ? -2.879  3.705   -9.784  1.00 12.28 ? 33  VAL A CA  1 
ATOM   261  C  C   . VAL A 1 33  ? -3.531  4.585   -10.864 1.00 15.03 ? 33  VAL A C   1 
ATOM   262  O  O   . VAL A 1 33  ? -4.720  4.950   -10.698 1.00 11.79 ? 33  VAL A O   1 
ATOM   263  C  CB  . VAL A 1 33  ? -2.042  4.618   -8.852  1.00 9.35  ? 33  VAL A CB  1 
ATOM   264  C  CG1 . VAL A 1 33  ? -2.749  5.925   -8.474  1.00 7.15  ? 33  VAL A CG1 1 
ATOM   265  C  CG2 . VAL A 1 33  ? -1.636  3.936   -7.569  1.00 9.41  ? 33  VAL A CG2 1 
ATOM   266  N  N   . LEU A 1 34  ? -2.803  4.874   -11.931 1.00 11.84 ? 34  LEU A N   1 
ATOM   267  C  CA  . LEU A 1 34  ? -3.371  5.880   -12.923 1.00 15.20 ? 34  LEU A CA  1 
ATOM   268  C  C   . LEU A 1 34  ? -4.393  5.234   -13.833 1.00 13.19 ? 34  LEU A C   1 
ATOM   269  O  O   . LEU A 1 34  ? -5.272  5.970   -14.337 1.00 16.59 ? 34  LEU A O   1 
ATOM   270  C  CB  . LEU A 1 34  ? -2.172  6.596   -13.564 1.00 12.95 ? 34  LEU A CB  1 
ATOM   271  C  CG  . LEU A 1 34  ? -1.521  7.814   -12.926 1.00 14.58 ? 34  LEU A CG  1 
ATOM   272  C  CD1 . LEU A 1 34  ? -1.654  7.865   -11.408 1.00 11.21 ? 34  LEU A CD1 1 
ATOM   273  C  CD2 . LEU A 1 34  ? -0.027  7.809   -13.225 1.00 9.88  ? 34  LEU A CD2 1 
ATOM   274  N  N   . GLU A 1 35  ? -4.360  3.916   -13.971 1.00 14.89 ? 35  GLU A N   1 
ATOM   275  C  CA  . GLU A 1 35  ? -5.315  3.150   -14.769 1.00 15.58 ? 35  GLU A CA  1 
ATOM   276  C  C   . GLU A 1 35  ? -6.653  3.072   -14.023 1.00 10.85 ? 35  GLU A C   1 
ATOM   277  O  O   . GLU A 1 35  ? -7.706  3.187   -14.710 1.00 13.28 ? 35  GLU A O   1 
ATOM   278  C  CB  . GLU A 1 35  ? -4.849  1.771   -15.064 1.00 21.07 ? 35  GLU A CB  1 
ATOM   279  C  CG  . GLU A 1 35  ? -3.562  1.282   -15.705 1.00 30.39 ? 35  GLU A CG  1 
ATOM   280  C  CD  . GLU A 1 35  ? -3.684  0.021   -16.547 1.00 31.31 ? 35  GLU A CD  1 
ATOM   281  O  OE1 . GLU A 1 35  ? -4.595  -0.798  -16.205 1.00 31.00 ? 35  GLU A OE1 1 
ATOM   282  O  OE2 . GLU A 1 35  ? -3.007  -0.153  -17.536 1.00 33.78 ? 35  GLU A OE2 1 
ATOM   283  N  N   . ILE A 1 36  ? -6.666  3.128   -12.721 1.00 8.95  ? 36  ILE A N   1 
ATOM   284  C  CA  . ILE A 1 36  ? -7.880  3.121   -11.894 1.00 7.98  ? 36  ILE A CA  1 
ATOM   285  C  C   . ILE A 1 36  ? -8.483  4.535   -11.696 1.00 5.84  ? 36  ILE A C   1 
ATOM   286  O  O   . ILE A 1 36  ? -9.684  4.765   -11.906 1.00 7.39  ? 36  ILE A O   1 
ATOM   287  C  CB  . ILE A 1 36  ? -7.662  2.469   -10.516 1.00 7.63  ? 36  ILE A CB  1 
ATOM   288  C  CG1 . ILE A 1 36  ? -7.292  0.936   -10.634 1.00 12.25 ? 36  ILE A CG1 1 
ATOM   289  C  CG2 . ILE A 1 36  ? -8.883  2.590   -9.595  1.00 7.73  ? 36  ILE A CG2 1 
ATOM   290  C  CD1 . ILE A 1 36  ? -6.543  0.497   -9.320  1.00 13.68 ? 36  ILE A CD1 1 
ATOM   291  N  N   . ALA A 1 37  ? -7.619  5.493   -11.454 1.00 4.76  ? 37  ALA A N   1 
ATOM   292  C  CA  . ALA A 1 37  ? -7.968  6.905   -11.247 1.00 8.89  ? 37  ALA A CA  1 
ATOM   293  C  C   . ALA A 1 37  ? -6.941  7.867   -11.807 1.00 8.37  ? 37  ALA A C   1 
ATOM   294  O  O   . ALA A 1 37  ? -6.041  8.292   -11.030 1.00 11.59 ? 37  ALA A O   1 
ATOM   295  C  CB  . ALA A 1 37  ? -8.180  7.132   -9.700  1.00 8.42  ? 37  ALA A CB  1 
ATOM   296  N  N   . PRO A 1 38  ? -6.973  8.102   -13.124 1.00 9.26  ? 38  PRO A N   1 
ATOM   297  C  CA  . PRO A 1 38  ? -6.051  9.058   -13.791 1.00 7.71  ? 38  PRO A CA  1 
ATOM   298  C  C   . PRO A 1 38  ? -5.969  10.405  -13.133 1.00 5.97  ? 38  PRO A C   1 
ATOM   299  O  O   . PRO A 1 38  ? -4.756  10.752  -12.925 1.00 10.02 ? 38  PRO A O   1 
ATOM   300  C  CB  . PRO A 1 38  ? -6.515  9.118   -15.224 1.00 3.39  ? 38  PRO A CB  1 
ATOM   301  C  CG  . PRO A 1 38  ? -7.782  8.360   -15.371 1.00 5.85  ? 38  PRO A CG  1 
ATOM   302  C  CD  . PRO A 1 38  ? -7.967  7.574   -14.074 1.00 8.41  ? 38  PRO A CD  1 
ATOM   303  N  N   . ALA A 1 39  ? -6.913  10.901  -12.382 1.00 7.34  ? 39  ALA A N   1 
ATOM   304  C  CA  . ALA A 1 39  ? -6.896  12.144  -11.668 1.00 4.16  ? 39  ALA A CA  1 
ATOM   305  C  C   . ALA A 1 39  ? -5.907  12.162  -10.519 1.00 7.91  ? 39  ALA A C   1 
ATOM   306  O  O   . ALA A 1 39  ? -5.494  13.328  -10.202 1.00 10.18 ? 39  ALA A O   1 
ATOM   307  C  CB  . ALA A 1 39  ? -8.261  12.551  -11.079 1.00 8.33  ? 39  ALA A CB  1 
ATOM   308  N  N   . ALA A 1 40  ? -5.567  11.050  -9.982  1.00 13.71 ? 40  ALA A N   1 
ATOM   309  C  CA  . ALA A 1 40  ? -4.630  10.896  -8.830  1.00 9.29  ? 40  ALA A CA  1 
ATOM   310  C  C   . ALA A 1 40  ? -3.205  11.275  -9.173  1.00 11.11 ? 40  ALA A C   1 
ATOM   311  O  O   . ALA A 1 40  ? -2.384  11.578  -8.237  1.00 10.12 ? 40  ALA A O   1 
ATOM   312  C  CB  . ALA A 1 40  ? -4.716  9.457   -8.370  1.00 13.54 ? 40  ALA A CB  1 
ATOM   313  N  N   . LYS A 1 41  ? -2.887  11.407  -10.425 1.00 9.68  ? 41  LYS A N   1 
ATOM   314  C  CA  . LYS A 1 41  ? -1.494  11.735  -10.854 1.00 10.41 ? 41  LYS A CA  1 
ATOM   315  C  C   . LYS A 1 41  ? -1.032  12.959  -10.106 1.00 11.73 ? 41  LYS A C   1 
ATOM   316  O  O   . LYS A 1 41  ? 0.032   12.983  -9.450  1.00 8.32  ? 41  LYS A O   1 
ATOM   317  C  CB  . LYS A 1 41  ? -1.485  11.834  -12.364 1.00 7.93  ? 41  LYS A CB  1 
ATOM   318  C  CG  . LYS A 1 41  ? -0.081  12.141  -12.960 1.00 19.64 ? 41  LYS A CG  1 
ATOM   319  C  CD  . LYS A 1 41  ? -0.378  12.646  -14.399 1.00 20.39 ? 41  LYS A CD  1 
ATOM   320  C  CE  . LYS A 1 41  ? 0.877   12.978  -15.143 1.00 27.09 ? 41  LYS A CE  1 
ATOM   321  N  NZ  . LYS A 1 41  ? 0.733   14.337  -15.809 1.00 27.89 ? 41  LYS A NZ  1 
ATOM   322  N  N   . ASP A 1 42  ? -1.855  14.011  -10.128 1.00 11.50 ? 42  ASP A N   1 
ATOM   323  C  CA  . ASP A 1 42  ? -1.601  15.253  -9.464  1.00 13.68 ? 42  ASP A CA  1 
ATOM   324  C  C   . ASP A 1 42  ? -1.387  15.211  -7.974  1.00 16.04 ? 42  ASP A C   1 
ATOM   325  O  O   . ASP A 1 42  ? -0.872  16.281  -7.564  1.00 13.25 ? 42  ASP A O   1 
ATOM   326  C  CB  . ASP A 1 42  ? -2.803  16.218  -9.714  1.00 21.58 ? 42  ASP A CB  1 
ATOM   327  C  CG  . ASP A 1 42  ? -3.091  16.119  -11.211 1.00 27.61 ? 42  ASP A CG  1 
ATOM   328  O  OD1 . ASP A 1 42  ? -2.159  16.633  -11.895 1.00 29.88 ? 42  ASP A OD1 1 
ATOM   329  O  OD2 . ASP A 1 42  ? -3.990  15.350  -11.581 1.00 27.89 ? 42  ASP A OD2 1 
ATOM   330  N  N   . LEU A 1 43  ? -1.654  14.218  -7.178  1.00 15.23 ? 43  LEU A N   1 
ATOM   331  C  CA  . LEU A 1 43  ? -1.419  14.235  -5.743  1.00 8.75  ? 43  LEU A CA  1 
ATOM   332  C  C   . LEU A 1 43  ? 0.021   13.905  -5.448  1.00 10.62 ? 43  LEU A C   1 
ATOM   333  O  O   . LEU A 1 43  ? 0.484   14.363  -4.439  1.00 15.10 ? 43  LEU A O   1 
ATOM   334  C  CB  . LEU A 1 43  ? -2.315  13.207  -5.014  1.00 15.91 ? 43  LEU A CB  1 
ATOM   335  C  CG  . LEU A 1 43  ? -3.819  13.401  -5.381  1.00 11.38 ? 43  LEU A CG  1 
ATOM   336  C  CD1 . LEU A 1 43  ? -4.455  12.100  -4.971  1.00 13.60 ? 43  LEU A CD1 1 
ATOM   337  C  CD2 . LEU A 1 43  ? -4.287  14.652  -4.686  1.00 10.82 ? 43  LEU A CD2 1 
ATOM   338  N  N   . PHE A 1 44  ? 0.648   13.344  -6.428  1.00 9.42  ? 44  PHE A N   1 
ATOM   339  C  CA  . PHE A 1 44  ? 2.001   12.806  -6.325  1.00 14.68 ? 44  PHE A CA  1 
ATOM   340  C  C   . PHE A 1 44  ? 3.097   13.726  -6.834  1.00 16.87 ? 44  PHE A C   1 
ATOM   341  O  O   . PHE A 1 44  ? 3.251   13.822  -8.048  1.00 17.80 ? 44  PHE A O   1 
ATOM   342  C  CB  . PHE A 1 44  ? 1.924   11.440  -7.089  1.00 16.21 ? 44  PHE A CB  1 
ATOM   343  C  CG  . PHE A 1 44  ? 1.210   10.422  -6.227  1.00 13.13 ? 44  PHE A CG  1 
ATOM   344  C  CD1 . PHE A 1 44  ? 1.818   10.105  -4.986  1.00 8.94  ? 44  PHE A CD1 1 
ATOM   345  C  CD2 . PHE A 1 44  ? -0.042  9.962   -6.586  1.00 12.09 ? 44  PHE A CD2 1 
ATOM   346  C  CE1 . PHE A 1 44  ? 1.148   9.161   -4.190  1.00 13.41 ? 44  PHE A CE1 1 
ATOM   347  C  CE2 . PHE A 1 44  ? -0.729  9.099   -5.738  1.00 14.86 ? 44  PHE A CE2 1 
ATOM   348  C  CZ  . PHE A 1 44  ? -0.129  8.727   -4.520  1.00 11.06 ? 44  PHE A CZ  1 
ATOM   349  N  N   . SER A 1 45  ? 3.901   14.242  -5.916  1.00 14.44 ? 45  SER A N   1 
ATOM   350  C  CA  . SER A 1 45  ? 4.993   15.189  -6.163  1.00 17.65 ? 45  SER A CA  1 
ATOM   351  C  C   . SER A 1 45  ? 5.946   14.816  -7.296  1.00 16.45 ? 45  SER A C   1 
ATOM   352  O  O   . SER A 1 45  ? 6.172   15.709  -8.170  1.00 16.35 ? 45  SER A O   1 
ATOM   353  C  CB  . SER A 1 45  ? 5.801   15.448  -4.865  1.00 13.59 ? 45  SER A CB  1 
ATOM   354  O  OG  . SER A 1 45  ? 6.736   14.405  -4.662  1.00 19.33 ? 45  SER A OG  1 
ATOM   355  N  N   . PHE A 1 46  ? 6.391   13.595  -7.414  1.00 15.35 ? 46  PHE A N   1 
ATOM   356  C  CA  . PHE A 1 46  ? 7.300   13.114  -8.455  1.00 10.63 ? 46  PHE A CA  1 
ATOM   357  C  C   . PHE A 1 46  ? 6.589   12.623  -9.686  1.00 16.44 ? 46  PHE A C   1 
ATOM   358  O  O   . PHE A 1 46  ? 7.277   12.075  -10.585 1.00 12.42 ? 46  PHE A O   1 
ATOM   359  C  CB  . PHE A 1 46  ? 8.192   11.978  -7.913  1.00 15.36 ? 46  PHE A CB  1 
ATOM   360  C  CG  . PHE A 1 46  ? 7.417   11.133  -6.922  1.00 15.37 ? 46  PHE A CG  1 
ATOM   361  C  CD1 . PHE A 1 46  ? 6.570   10.125  -7.410  1.00 14.87 ? 46  PHE A CD1 1 
ATOM   362  C  CD2 . PHE A 1 46  ? 7.500   11.403  -5.572  1.00 14.71 ? 46  PHE A CD2 1 
ATOM   363  C  CE1 . PHE A 1 46  ? 5.826   9.324   -6.557  1.00 11.63 ? 46  PHE A CE1 1 
ATOM   364  C  CE2 . PHE A 1 46  ? 6.758   10.642  -4.677  1.00 13.16 ? 46  PHE A CE2 1 
ATOM   365  C  CZ  . PHE A 1 46  ? 5.936   9.622   -5.167  1.00 16.41 ? 46  PHE A CZ  1 
ATOM   366  N  N   . LEU A 1 47  ? 5.255   12.728  -9.718  1.00 20.33 ? 47  LEU A N   1 
ATOM   367  C  CA  . LEU A 1 47  ? 4.525   12.230  -10.886 1.00 21.03 ? 47  LEU A CA  1 
ATOM   368  C  C   . LEU A 1 47  ? 4.063   13.465  -11.674 1.00 28.14 ? 47  LEU A C   1 
ATOM   369  O  O   . LEU A 1 47  ? 3.826   13.389  -12.870 1.00 26.47 ? 47  LEU A O   1 
ATOM   370  C  CB  . LEU A 1 47  ? 3.353   11.373  -10.533 1.00 22.40 ? 47  LEU A CB  1 
ATOM   371  C  CG  . LEU A 1 47  ? 3.404   9.966   -10.040 1.00 21.26 ? 47  LEU A CG  1 
ATOM   372  C  CD1 . LEU A 1 47  ? 2.086   9.267   -10.493 1.00 23.58 ? 47  LEU A CD1 1 
ATOM   373  C  CD2 . LEU A 1 47  ? 4.598   9.204   -10.581 1.00 24.10 ? 47  LEU A CD2 1 
ATOM   374  N  N   . LYS A 1 48  ? 3.706   14.450  -10.884 1.00 35.07 ? 48  LYS A N   1 
ATOM   375  C  CA  . LYS A 1 48  ? 3.231   15.718  -11.509 1.00 43.56 ? 48  LYS A CA  1 
ATOM   376  C  C   . LYS A 1 48  ? 4.249   16.208  -12.534 1.00 43.33 ? 48  LYS A C   1 
ATOM   377  O  O   . LYS A 1 48  ? 5.481   16.020  -12.397 1.00 46.92 ? 48  LYS A O   1 
ATOM   378  C  CB  . LYS A 1 48  ? 2.942   16.748  -10.438 1.00 44.22 ? 48  LYS A CB  1 
ATOM   379  C  CG  . LYS A 1 48  ? 2.019   16.247  -9.303  1.00 48.35 ? 48  LYS A CG  1 
ATOM   380  C  CD  . LYS A 1 48  ? 1.983   17.360  -8.223  1.00 50.53 ? 48  LYS A CD  1 
ATOM   381  C  CE  . LYS A 1 48  ? 1.831   16.783  -6.854  1.00 52.76 ? 48  LYS A CE  1 
ATOM   382  N  NZ  . LYS A 1 48  ? 2.118   17.657  -5.707  1.00 56.90 ? 48  LYS A NZ  1 
ATOM   383  N  N   . GLY A 1 49  ? 3.743   16.689  -13.664 1.00 45.82 ? 49  GLY A N   1 
ATOM   384  C  CA  . GLY A 1 49  ? 4.553   17.233  -14.743 1.00 45.20 ? 49  GLY A CA  1 
ATOM   385  C  C   . GLY A 1 49  ? 5.381   16.270  -15.567 1.00 48.38 ? 49  GLY A C   1 
ATOM   386  O  O   . GLY A 1 49  ? 6.321   16.716  -16.290 1.00 47.92 ? 49  GLY A O   1 
ATOM   387  N  N   . THR A 1 50  ? 5.093   14.992  -15.480 1.00 45.89 ? 50  THR A N   1 
ATOM   388  C  CA  . THR A 1 50  ? 5.688   13.879  -16.202 1.00 45.03 ? 50  THR A CA  1 
ATOM   389  C  C   . THR A 1 50  ? 4.603   13.422  -17.201 1.00 46.16 ? 50  THR A C   1 
ATOM   390  O  O   . THR A 1 50  ? 3.430   13.797  -17.045 1.00 46.14 ? 50  THR A O   1 
ATOM   391  C  CB  . THR A 1 50  ? 6.197   12.663  -15.354 1.00 42.78 ? 50  THR A CB  1 
ATOM   392  O  OG1 . THR A 1 50  ? 4.963   12.008  -14.871 1.00 44.78 ? 50  THR A OG1 1 
ATOM   393  C  CG2 . THR A 1 50  ? 7.101   12.929  -14.151 1.00 42.54 ? 50  THR A CG2 1 
ATOM   394  N  N   . SER A 1 51  ? 4.971   12.626  -18.174 1.00 47.85 ? 51  SER A N   1 
ATOM   395  C  CA  . SER A 1 51  ? 4.028   12.144  -19.187 1.00 49.11 ? 51  SER A CA  1 
ATOM   396  C  C   . SER A 1 51  ? 3.576   10.760  -18.759 1.00 47.08 ? 51  SER A C   1 
ATOM   397  O  O   . SER A 1 51  ? 2.387   10.528  -18.551 1.00 49.86 ? 51  SER A O   1 
ATOM   398  C  CB  . SER A 1 51  ? 4.667   12.096  -20.559 1.00 53.06 ? 51  SER A CB  1 
ATOM   399  O  OG  . SER A 1 51  ? 5.900   11.364  -20.490 1.00 59.56 ? 51  SER A OG  1 
ATOM   400  N  N   . GLU A 1 52  ? 4.596   9.918   -18.715 1.00 42.46 ? 52  GLU A N   1 
ATOM   401  C  CA  . GLU A 1 52  ? 4.496   8.507   -18.295 1.00 36.21 ? 52  GLU A CA  1 
ATOM   402  C  C   . GLU A 1 52  ? 5.188   8.407   -16.924 1.00 29.25 ? 52  GLU A C   1 
ATOM   403  O  O   . GLU A 1 52  ? 6.013   9.303   -16.616 1.00 28.00 ? 52  GLU A O   1 
ATOM   404  C  CB  . GLU A 1 52  ? 5.122   7.540   -19.244 1.00 39.75 ? 52  GLU A CB  1 
ATOM   405  C  CG  . GLU A 1 52  ? 5.552   7.983   -20.642 1.00 50.08 ? 52  GLU A CG  1 
ATOM   406  C  CD  . GLU A 1 52  ? 6.170   6.856   -21.461 1.00 54.36 ? 52  GLU A CD  1 
ATOM   407  O  OE1 . GLU A 1 52  ? 5.739   5.690   -21.408 1.00 59.34 ? 52  GLU A OE1 1 
ATOM   408  O  OE2 . GLU A 1 52  ? 7.128   7.265   -22.165 1.00 54.47 ? 52  GLU A OE2 1 
ATOM   409  N  N   . VAL A 1 53  ? 4.921   7.378   -16.176 1.00 18.79 ? 53  VAL A N   1 
ATOM   410  C  CA  . VAL A 1 53  ? 5.504   7.164   -14.839 1.00 16.54 ? 53  VAL A CA  1 
ATOM   411  C  C   . VAL A 1 53  ? 6.999   6.967   -14.988 1.00 9.07  ? 53  VAL A C   1 
ATOM   412  O  O   . VAL A 1 53  ? 7.452   6.019   -15.726 1.00 14.30 ? 53  VAL A O   1 
ATOM   413  C  CB  . VAL A 1 53  ? 4.827   5.962   -14.123 1.00 10.96 ? 53  VAL A CB  1 
ATOM   414  C  CG1 . VAL A 1 53  ? 5.305   5.753   -12.686 1.00 10.27 ? 53  VAL A CG1 1 
ATOM   415  C  CG2 . VAL A 1 53  ? 3.279   5.949   -14.187 1.00 14.08 ? 53  VAL A CG2 1 
ATOM   416  N  N   . PRO A 1 54  ? 7.787   7.757   -14.302 1.00 10.23 ? 54  PRO A N   1 
ATOM   417  C  CA  . PRO A 1 54  ? 9.241   7.498   -14.412 1.00 8.46  ? 54  PRO A CA  1 
ATOM   418  C  C   . PRO A 1 54  ? 9.510   6.042   -14.114 1.00 8.63  ? 54  PRO A C   1 
ATOM   419  O  O   . PRO A 1 54  ? 8.837   5.352   -13.278 1.00 15.87 ? 54  PRO A O   1 
ATOM   420  C  CB  . PRO A 1 54  ? 9.878   8.550   -13.488 1.00 2.69  ? 54  PRO A CB  1 
ATOM   421  C  CG  . PRO A 1 54  ? 8.803   9.047   -12.609 1.00 2.63  ? 54  PRO A CG  1 
ATOM   422  C  CD  . PRO A 1 54  ? 7.497   8.910   -13.429 1.00 1.32  ? 54  PRO A CD  1 
ATOM   423  N  N   . GLN A 1 55  ? 10.459  5.461   -14.820 1.00 8.68  ? 55  GLN A N   1 
ATOM   424  C  CA  . GLN A 1 55  ? 10.950  4.103   -14.581 1.00 10.27 ? 55  GLN A CA  1 
ATOM   425  C  C   . GLN A 1 55  ? 12.150  4.130   -13.660 1.00 4.26  ? 55  GLN A C   1 
ATOM   426  O  O   . GLN A 1 55  ? 12.268  3.028   -12.953 1.00 7.45  ? 55  GLN A O   1 
ATOM   427  C  CB  . GLN A 1 55  ? 11.292  3.365   -15.868 1.00 14.29 ? 55  GLN A CB  1 
ATOM   428  C  CG  . GLN A 1 55  ? 11.150  4.345   -17.030 1.00 28.42 ? 55  GLN A CG  1 
ATOM   429  C  CD  . GLN A 1 55  ? 9.930   3.995   -17.857 1.00 33.55 ? 55  GLN A CD  1 
ATOM   430  O  OE1 . GLN A 1 55  ? 9.595   2.797   -17.989 1.00 37.87 ? 55  GLN A OE1 1 
ATOM   431  N  NE2 . GLN A 1 55  ? 9.291   5.074   -18.330 1.00 39.13 ? 55  GLN A NE2 1 
ATOM   432  N  N   . ASN A 1 56  ? 13.059  5.049   -13.569 1.00 6.19  ? 56  ASN A N   1 
ATOM   433  C  CA  . ASN A 1 56  ? 14.163  4.907   -12.558 1.00 7.86  ? 56  ASN A CA  1 
ATOM   434  C  C   . ASN A 1 56  ? 14.303  6.117   -11.641 1.00 12.28 ? 56  ASN A C   1 
ATOM   435  O  O   . ASN A 1 56  ? 15.406  6.697   -11.462 1.00 13.48 ? 56  ASN A O   1 
ATOM   436  C  CB  . ASN A 1 56  ? 15.493  4.563   -13.247 1.00 10.47 ? 56  ASN A CB  1 
ATOM   437  C  CG  . ASN A 1 56  ? 15.557  3.344   -14.083 1.00 8.39  ? 56  ASN A CG  1 
ATOM   438  O  OD1 . ASN A 1 56  ? 15.166  3.348   -15.303 1.00 13.38 ? 56  ASN A OD1 1 
ATOM   439  N  ND2 . ASN A 1 56  ? 15.938  2.200   -13.519 1.00 14.12 ? 56  ASN A ND2 1 
ATOM   440  N  N   . ASN A 1 57  ? 13.254  6.465   -10.913 1.00 9.18  ? 57  ASN A N   1 
ATOM   441  C  CA  . ASN A 1 57  ? 13.251  7.641   -10.004 1.00 12.76 ? 57  ASN A CA  1 
ATOM   442  C  C   . ASN A 1 57  ? 13.435  7.223   -8.586  1.00 6.30  ? 57  ASN A C   1 
ATOM   443  O  O   . ASN A 1 57  ? 12.540  6.613   -8.056  1.00 8.67  ? 57  ASN A O   1 
ATOM   444  C  CB  . ASN A 1 57  ? 11.938  8.363   -10.413 1.00 8.42  ? 57  ASN A CB  1 
ATOM   445  C  CG  . ASN A 1 57  ? 11.607  9.537   -9.527  1.00 11.56 ? 57  ASN A CG  1 
ATOM   446  O  OD1 . ASN A 1 57  ? 11.898  9.466   -8.310  1.00 14.06 ? 57  ASN A OD1 1 
ATOM   447  N  ND2 . ASN A 1 57  ? 11.047  10.570  -10.149 1.00 17.95 ? 57  ASN A ND2 1 
ATOM   448  N  N   . PRO A 1 58  ? 14.376  7.717   -7.798  1.00 14.58 ? 58  PRO A N   1 
ATOM   449  C  CA  . PRO A 1 58  ? 14.548  7.246   -6.433  1.00 11.95 ? 58  PRO A CA  1 
ATOM   450  C  C   . PRO A 1 58  ? 13.456  7.613   -5.466  1.00 12.27 ? 58  PRO A C   1 
ATOM   451  O  O   . PRO A 1 58  ? 13.309  6.902   -4.447  1.00 9.49  ? 58  PRO A O   1 
ATOM   452  C  CB  . PRO A 1 58  ? 15.930  7.808   -6.002  1.00 11.49 ? 58  PRO A CB  1 
ATOM   453  C  CG  . PRO A 1 58  ? 16.195  8.905   -6.952  1.00 13.09 ? 58  PRO A CG  1 
ATOM   454  C  CD  . PRO A 1 58  ? 15.509  8.536   -8.261  1.00 9.81  ? 58  PRO A CD  1 
ATOM   455  N  N   . GLU A 1 59  ? 12.733  8.682   -5.654  1.00 12.61 ? 59  GLU A N   1 
ATOM   456  C  CA  . GLU A 1 59  ? 11.682  9.182   -4.743  1.00 15.02 ? 59  GLU A CA  1 
ATOM   457  C  C   . GLU A 1 59  ? 10.409  8.380   -4.975  1.00 14.94 ? 59  GLU A C   1 
ATOM   458  O  O   . GLU A 1 59  ? 9.837   7.934   -3.951  1.00 19.05 ? 59  GLU A O   1 
ATOM   459  C  CB  . GLU A 1 59  ? 11.358  10.634  -4.868  1.00 19.36 ? 59  GLU A CB  1 
ATOM   460  C  CG  . GLU A 1 59  ? 12.291  11.738  -4.397  1.00 30.52 ? 59  GLU A CG  1 
ATOM   461  C  CD  . GLU A 1 59  ? 11.670  13.095  -4.753  1.00 37.53 ? 59  GLU A CD  1 
ATOM   462  O  OE1 . GLU A 1 59  ? 10.541  13.413  -4.342  1.00 39.60 ? 59  GLU A OE1 1 
ATOM   463  O  OE2 . GLU A 1 59  ? 12.381  13.751  -5.552  1.00 39.46 ? 59  GLU A OE2 1 
ATOM   464  N  N   . LEU A 1 60  ? 10.090  8.057   -6.204  1.00 10.16 ? 60  LEU A N   1 
ATOM   465  C  CA  . LEU A 1 60  ? 8.991   7.179   -6.524  1.00 5.88  ? 60  LEU A CA  1 
ATOM   466  C  C   . LEU A 1 60  ? 9.256   5.824   -5.852  1.00 6.79  ? 60  LEU A C   1 
ATOM   467  O  O   . LEU A 1 60  ? 8.344   5.231   -5.245  1.00 8.54  ? 60  LEU A O   1 
ATOM   468  C  CB  . LEU A 1 60  ? 8.777   7.082   -8.050  1.00 6.24  ? 60  LEU A CB  1 
ATOM   469  C  CG  . LEU A 1 60  ? 7.593   6.340   -8.607  1.00 3.14  ? 60  LEU A CG  1 
ATOM   470  C  CD1 . LEU A 1 60  ? 7.159   6.625   -10.035 1.00 1.32  ? 60  LEU A CD1 1 
ATOM   471  C  CD2 . LEU A 1 60  ? 7.952   4.808   -8.612  1.00 2.80  ? 60  LEU A CD2 1 
ATOM   472  N  N   . GLN A 1 61  ? 10.421  5.221   -5.964  1.00 10.91 ? 61  GLN A N   1 
ATOM   473  C  CA  . GLN A 1 61  ? 10.839  3.948   -5.462  1.00 4.38  ? 61  GLN A CA  1 
ATOM   474  C  C   . GLN A 1 61  ? 10.851  3.964   -3.945  1.00 11.57 ? 61  GLN A C   1 
ATOM   475  O  O   . GLN A 1 61  ? 10.221  2.977   -3.488  1.00 9.04  ? 61  GLN A O   1 
ATOM   476  C  CB  . GLN A 1 61  ? 12.209  3.431   -5.969  1.00 7.72  ? 61  GLN A CB  1 
ATOM   477  C  CG  . GLN A 1 61  ? 12.044  3.134   -7.485  1.00 5.36  ? 61  GLN A CG  1 
ATOM   478  C  CD  . GLN A 1 61  ? 13.396  3.041   -8.092  1.00 7.12  ? 61  GLN A CD  1 
ATOM   479  O  OE1 . GLN A 1 61  ? 13.432  2.809   -9.303  1.00 16.17 ? 61  GLN A OE1 1 
ATOM   480  N  NE2 . GLN A 1 61  ? 14.539  2.999   -7.358  1.00 7.26  ? 61  GLN A NE2 1 
ATOM   481  N  N   . ALA A 1 62  ? 11.469  4.900   -3.271  1.00 9.41  ? 62  ALA A N   1 
ATOM   482  C  CA  . ALA A 1 62  ? 11.456  4.913   -1.814  1.00 9.43  ? 62  ALA A CA  1 
ATOM   483  C  C   . ALA A 1 62  ? 10.020  5.097   -1.320  1.00 12.23 ? 62  ALA A C   1 
ATOM   484  O  O   . ALA A 1 62  ? 9.703   4.395   -0.330  1.00 9.15  ? 62  ALA A O   1 
ATOM   485  C  CB  . ALA A 1 62  ? 12.366  5.973   -1.239  1.00 9.92  ? 62  ALA A CB  1 
ATOM   486  N  N   . HIS A 1 63  ? 9.171   5.887   -1.890  1.00 9.12  ? 63  HIS A N   1 
ATOM   487  C  CA  . HIS A 1 63  ? 7.807   6.082   -1.463  1.00 7.62  ? 63  HIS A CA  1 
ATOM   488  C  C   . HIS A 1 63  ? 6.953   4.831   -1.569  1.00 10.17 ? 63  HIS A C   1 
ATOM   489  O  O   . HIS A 1 63  ? 6.368   4.358   -0.565  1.00 9.12  ? 63  HIS A O   1 
ATOM   490  C  CB  . HIS A 1 63  ? 7.270   7.271   -2.328  1.00 1.32  ? 63  HIS A CB  1 
ATOM   491  C  CG  . HIS A 1 63  ? 5.756   7.305   -2.192  1.00 6.97  ? 63  HIS A CG  1 
ATOM   492  N  ND1 . HIS A 1 63  ? 5.062   7.951   -1.237  1.00 11.64 ? 63  HIS A ND1 1 
ATOM   493  C  CD2 . HIS A 1 63  ? 4.797   6.639   -2.894  1.00 6.68  ? 63  HIS A CD2 1 
ATOM   494  C  CE1 . HIS A 1 63  ? 3.744   7.869   -1.446  1.00 7.14  ? 63  HIS A CE1 1 
ATOM   495  N  NE2 . HIS A 1 63  ? 3.565   7.154   -2.499  1.00 14.18 ? 63  HIS A NE2 1 
ATOM   496  N  N   . ALA A 1 64  ? 6.767   4.220   -2.731  1.00 12.55 ? 64  ALA A N   1 
ATOM   497  C  CA  . ALA A 1 64  ? 6.025   3.023   -3.058  1.00 12.54 ? 64  ALA A CA  1 
ATOM   498  C  C   . ALA A 1 64  ? 6.604   1.860   -2.267  1.00 14.53 ? 64  ALA A C   1 
ATOM   499  O  O   . ALA A 1 64  ? 5.864   0.972   -1.793  1.00 16.39 ? 64  ALA A O   1 
ATOM   500  C  CB  . ALA A 1 64  ? 6.041   2.747   -4.559  1.00 9.20  ? 64  ALA A CB  1 
ATOM   501  N  N   . GLY A 1 65  ? 7.866   1.780   -1.927  1.00 11.24 ? 65  GLY A N   1 
ATOM   502  C  CA  . GLY A 1 65  ? 8.514   0.798   -1.106  1.00 7.80  ? 65  GLY A CA  1 
ATOM   503  C  C   . GLY A 1 65  ? 8.119   0.963   0.363   1.00 9.12  ? 65  GLY A C   1 
ATOM   504  O  O   . GLY A 1 65  ? 7.785   -0.051  0.973   1.00 9.28  ? 65  GLY A O   1 
ATOM   505  N  N   . LYS A 1 66  ? 7.992   2.192   0.927   1.00 11.58 ? 66  LYS A N   1 
ATOM   506  C  CA  . LYS A 1 66  ? 7.510   2.341   2.295   1.00 7.77  ? 66  LYS A CA  1 
ATOM   507  C  C   . LYS A 1 66  ? 6.018   1.962   2.414   1.00 10.24 ? 66  LYS A C   1 
ATOM   508  O  O   . LYS A 1 66  ? 5.599   1.490   3.533   1.00 10.77 ? 66  LYS A O   1 
ATOM   509  C  CB  . LYS A 1 66  ? 7.572   3.708   2.956   1.00 10.68 ? 66  LYS A CB  1 
ATOM   510  C  CG  . LYS A 1 66  ? 9.006   4.258   2.955   1.00 19.58 ? 66  LYS A CG  1 
ATOM   511  C  CD  . LYS A 1 66  ? 8.906   5.657   2.260   1.00 20.71 ? 66  LYS A CD  1 
ATOM   512  C  CE  . LYS A 1 66  ? 8.413   6.707   3.242   1.00 25.52 ? 66  LYS A CE  1 
ATOM   513  N  NZ  . LYS A 1 66  ? 9.420   7.481   4.023   1.00 26.96 ? 66  LYS A NZ  1 
ATOM   514  N  N   . VAL A 1 67  ? 5.238   2.270   1.432   1.00 7.85  ? 67  VAL A N   1 
ATOM   515  C  CA  . VAL A 1 67  ? 3.804   1.978   1.389   1.00 12.03 ? 67  VAL A CA  1 
ATOM   516  C  C   . VAL A 1 67  ? 3.525   0.480   1.541   1.00 5.03  ? 67  VAL A C   1 
ATOM   517  O  O   . VAL A 1 67  ? 2.800   0.025   2.427   1.00 7.08  ? 67  VAL A O   1 
ATOM   518  C  CB  . VAL A 1 67  ? 3.163   2.501   0.078   1.00 16.86 ? 67  VAL A CB  1 
ATOM   519  C  CG1 . VAL A 1 67  ? 1.693   2.051   -0.039  1.00 12.55 ? 67  VAL A CG1 1 
ATOM   520  C  CG2 . VAL A 1 67  ? 3.301   4.013   -0.155  1.00 17.29 ? 67  VAL A CG2 1 
ATOM   521  N  N   . PHE A 1 68  ? 4.208   -0.319  0.749   1.00 8.08  ? 68  PHE A N   1 
ATOM   522  C  CA  . PHE A 1 68  ? 4.101   -1.771  0.763   1.00 10.80 ? 68  PHE A CA  1 
ATOM   523  C  C   . PHE A 1 68  ? 4.597   -2.415  2.053   1.00 12.92 ? 68  PHE A C   1 
ATOM   524  O  O   . PHE A 1 68  ? 3.978   -3.381  2.532   1.00 10.72 ? 68  PHE A O   1 
ATOM   525  C  CB  . PHE A 1 68  ? 4.892   -2.297  -0.435  1.00 5.75  ? 68  PHE A CB  1 
ATOM   526  C  CG  . PHE A 1 68  ? 3.999   -2.434  -1.655  1.00 1.32  ? 68  PHE A CG  1 
ATOM   527  C  CD1 . PHE A 1 68  ? 3.751   -1.391  -2.455  1.00 3.10  ? 68  PHE A CD1 1 
ATOM   528  C  CD2 . PHE A 1 68  ? 3.380   -3.643  -1.953  1.00 3.56  ? 68  PHE A CD2 1 
ATOM   529  C  CE1 . PHE A 1 68  ? 3.112   -1.433  -3.656  1.00 3.25  ? 68  PHE A CE1 1 
ATOM   530  C  CE2 . PHE A 1 68  ? 2.563   -3.752  -3.127  1.00 5.65  ? 68  PHE A CE2 1 
ATOM   531  C  CZ  . PHE A 1 68  ? 2.510   -2.694  -3.996  1.00 9.23  ? 68  PHE A CZ  1 
ATOM   532  N  N   . LYS A 1 69  ? 5.622   -1.861  2.618   1.00 6.40  ? 69  LYS A N   1 
ATOM   533  C  CA  . LYS A 1 69  ? 6.310   -2.368  3.770   1.00 8.80  ? 69  LYS A CA  1 
ATOM   534  C  C   . LYS A 1 69  ? 5.453   -2.118  4.974   1.00 6.05  ? 69  LYS A C   1 
ATOM   535  O  O   . LYS A 1 69  ? 5.613   -2.781  6.008   1.00 12.99 ? 69  LYS A O   1 
ATOM   536  C  CB  . LYS A 1 69  ? 7.686   -1.732  3.966   1.00 11.60 ? 69  LYS A CB  1 
ATOM   537  C  CG  . LYS A 1 69  ? 8.551   -2.458  5.000   1.00 16.15 ? 69  LYS A CG  1 
ATOM   538  C  CD  . LYS A 1 69  ? 9.481   -1.554  5.704   1.00 21.29 ? 69  LYS A CD  1 
ATOM   539  C  CE  . LYS A 1 69  ? 8.852   -0.213  6.097   1.00 28.49 ? 69  LYS A CE  1 
ATOM   540  N  NZ  . LYS A 1 69  ? 9.956   0.867   6.046   1.00 37.12 ? 69  LYS A NZ  1 
ATOM   541  N  N   . LEU A 1 70  ? 4.646   -1.100  4.863   1.00 9.45  ? 70  LEU A N   1 
ATOM   542  C  CA  . LEU A 1 70  ? 3.753   -0.688  5.975   1.00 6.81  ? 70  LEU A CA  1 
ATOM   543  C  C   . LEU A 1 70  ? 2.554   -1.634  6.007   1.00 11.54 ? 70  LEU A C   1 
ATOM   544  O  O   . LEU A 1 70  ? 2.195   -2.005  7.168   1.00 9.25  ? 70  LEU A O   1 
ATOM   545  C  CB  . LEU A 1 70  ? 3.511   0.784   5.808   1.00 11.29 ? 70  LEU A CB  1 
ATOM   546  C  CG  . LEU A 1 70  ? 3.663   1.729   6.951   1.00 14.54 ? 70  LEU A CG  1 
ATOM   547  C  CD1 . LEU A 1 70  ? 4.818   1.344   7.879   1.00 13.34 ? 70  LEU A CD1 1 
ATOM   548  C  CD2 . LEU A 1 70  ? 3.914   3.099   6.291   1.00 13.46 ? 70  LEU A CD2 1 
ATOM   549  N  N   . VAL A 1 71  ? 2.036   -2.060  4.866   1.00 4.04  ? 71  VAL A N   1 
ATOM   550  C  CA  . VAL A 1 71  ? 0.916   -2.988  4.844   1.00 4.80  ? 71  VAL A CA  1 
ATOM   551  C  C   . VAL A 1 71  ? 1.388   -4.344  5.323   1.00 5.78  ? 71  VAL A C   1 
ATOM   552  O  O   . VAL A 1 71  ? 0.716   -5.087  6.095   1.00 4.25  ? 71  VAL A O   1 
ATOM   553  C  CB  . VAL A 1 71  ? 0.269   -2.992  3.440   1.00 7.46  ? 71  VAL A CB  1 
ATOM   554  C  CG1 . VAL A 1 71  ? -0.853  -4.040  3.271   1.00 7.25  ? 71  VAL A CG1 1 
ATOM   555  C  CG2 . VAL A 1 71  ? -0.248  -1.598  3.102   1.00 13.26 ? 71  VAL A CG2 1 
ATOM   556  N  N   . TYR A 1 72  ? 2.539   -4.754  4.821   1.00 4.45  ? 72  TYR A N   1 
ATOM   557  C  CA  . TYR A 1 72  ? 3.116   -6.030  5.229   1.00 11.82 ? 72  TYR A CA  1 
ATOM   558  C  C   . TYR A 1 72  ? 3.377   -6.014  6.721   1.00 12.89 ? 72  TYR A C   1 
ATOM   559  O  O   . TYR A 1 72  ? 3.142   -7.065  7.402   1.00 12.58 ? 72  TYR A O   1 
ATOM   560  C  CB  . TYR A 1 72  ? 4.362   -6.379  4.364   1.00 12.02 ? 72  TYR A CB  1 
ATOM   561  C  CG  . TYR A 1 72  ? 5.441   -7.091  5.155   1.00 6.74  ? 72  TYR A CG  1 
ATOM   562  C  CD1 . TYR A 1 72  ? 5.286   -8.410  5.503   1.00 9.49  ? 72  TYR A CD1 1 
ATOM   563  C  CD2 . TYR A 1 72  ? 6.502   -6.399  5.682   1.00 12.80 ? 72  TYR A CD2 1 
ATOM   564  C  CE1 . TYR A 1 72  ? 6.195   -9.089  6.289   1.00 10.11 ? 72  TYR A CE1 1 
ATOM   565  C  CE2 . TYR A 1 72  ? 7.450   -7.042  6.492   1.00 15.45 ? 72  TYR A CE2 1 
ATOM   566  C  CZ  . TYR A 1 72  ? 7.299   -8.404  6.705   1.00 10.02 ? 72  TYR A CZ  1 
ATOM   567  O  OH  . TYR A 1 72  ? 8.195   -9.087  7.437   1.00 14.09 ? 72  TYR A OH  1 
ATOM   568  N  N   . GLU A 1 73  ? 3.822   -4.934  7.303   1.00 14.02 ? 73  GLU A N   1 
ATOM   569  C  CA  . GLU A 1 73  ? 4.099   -4.842  8.754   1.00 12.65 ? 73  GLU A CA  1 
ATOM   570  C  C   . GLU A 1 73  ? 2.819   -4.751  9.562   1.00 11.60 ? 73  GLU A C   1 
ATOM   571  O  O   . GLU A 1 73  ? 2.864   -5.188  10.724  1.00 10.20 ? 73  GLU A O   1 
ATOM   572  C  CB  . GLU A 1 73  ? 4.953   -3.655  9.146   1.00 13.79 ? 73  GLU A CB  1 
ATOM   573  C  CG  . GLU A 1 73  ? 6.465   -3.914  9.203   1.00 16.89 ? 73  GLU A CG  1 
ATOM   574  C  CD  . GLU A 1 73  ? 7.284   -2.659  9.380   1.00 25.50 ? 73  GLU A CD  1 
ATOM   575  O  OE1 . GLU A 1 73  ? 6.704   -1.564  9.642   1.00 26.91 ? 73  GLU A OE1 1 
ATOM   576  O  OE2 . GLU A 1 73  ? 8.510   -2.731  9.221   1.00 32.23 ? 73  GLU A OE2 1 
ATOM   577  N  N   . ALA A 1 74  ? 1.716   -4.301  8.980   1.00 8.51  ? 74  ALA A N   1 
ATOM   578  C  CA  . ALA A 1 74  ? 0.426   -4.268  9.635   1.00 10.85 ? 74  ALA A CA  1 
ATOM   579  C  C   . ALA A 1 74  ? -0.142  -5.694  9.767   1.00 11.01 ? 74  ALA A C   1 
ATOM   580  O  O   . ALA A 1 74  ? -0.723  -6.007  10.805  1.00 12.18 ? 74  ALA A O   1 
ATOM   581  C  CB  . ALA A 1 74  ? -0.570  -3.352  8.921   1.00 10.48 ? 74  ALA A CB  1 
ATOM   582  N  N   . ALA A 1 75  ? 0.014   -6.536  8.786   1.00 14.56 ? 75  ALA A N   1 
ATOM   583  C  CA  . ALA A 1 75  ? -0.394  -7.914  8.681   1.00 10.14 ? 75  ALA A CA  1 
ATOM   584  C  C   . ALA A 1 75  ? 0.385   -8.800  9.631   1.00 10.00 ? 75  ALA A C   1 
ATOM   585  O  O   . ALA A 1 75  ? -0.179  -9.680  10.264  1.00 9.17  ? 75  ALA A O   1 
ATOM   586  C  CB  . ALA A 1 75  ? -0.208  -8.423  7.219   1.00 10.92 ? 75  ALA A CB  1 
ATOM   587  N  N   . ILE A 1 76  ? 1.632   -8.509  9.895   1.00 8.54  ? 76  ILE A N   1 
ATOM   588  C  CA  . ILE A 1 76  ? 2.393   -9.337  10.850  1.00 10.80 ? 76  ILE A CA  1 
ATOM   589  C  C   . ILE A 1 76  ? 1.869   -8.960  12.231  1.00 10.98 ? 76  ILE A C   1 
ATOM   590  O  O   . ILE A 1 76  ? 1.590   -9.822  13.128  1.00 13.29 ? 76  ILE A O   1 
ATOM   591  C  CB  . ILE A 1 76  ? 3.931   -9.193  10.689  1.00 11.64 ? 76  ILE A CB  1 
ATOM   592  C  CG1 . ILE A 1 76  ? 4.590   -10.005 9.583   1.00 10.31 ? 76  ILE A CG1 1 
ATOM   593  C  CG2 . ILE A 1 76  ? 4.648   -9.551  12.053  1.00 15.10 ? 76  ILE A CG2 1 
ATOM   594  C  CD1 . ILE A 1 76  ? 3.849   -11.227 8.982   1.00 11.52 ? 76  ILE A CD1 1 
ATOM   595  N  N   . GLN A 1 77  ? 1.625   -7.673  12.403  1.00 10.65 ? 77  GLN A N   1 
ATOM   596  C  CA  . GLN A 1 77  ? 1.089   -7.166  13.696  1.00 11.61 ? 77  GLN A CA  1 
ATOM   597  C  C   . GLN A 1 77  ? -0.330  -7.641  13.960  1.00 11.01 ? 77  GLN A C   1 
ATOM   598  O  O   . GLN A 1 77  ? -0.617  -7.898  15.180  1.00 13.16 ? 77  GLN A O   1 
ATOM   599  C  CB  . GLN A 1 77  ? 1.156   -5.645  13.793  1.00 12.35 ? 77  GLN A CB  1 
ATOM   600  C  CG  . GLN A 1 77  ? 1.066   -5.140  15.222  1.00 12.92 ? 77  GLN A CG  1 
ATOM   601  C  CD  . GLN A 1 77  ? 1.589   -3.716  15.319  1.00 15.35 ? 77  GLN A CD  1 
ATOM   602  O  OE1 . GLN A 1 77  ? 2.588   -3.445  16.027  1.00 10.45 ? 77  GLN A OE1 1 
ATOM   603  N  NE2 . GLN A 1 77  ? 0.875   -2.818  14.669  1.00 9.94  ? 77  GLN A NE2 1 
ATOM   604  N  N   . LEU A 1 78  ? -1.231  -7.724  13.029  1.00 8.65  ? 78  LEU A N   1 
ATOM   605  C  CA  . LEU A 1 78  ? -2.579  -8.190  13.212  1.00 10.94 ? 78  LEU A CA  1 
ATOM   606  C  C   . LEU A 1 78  ? -2.525  -9.670  13.572  1.00 11.88 ? 78  LEU A C   1 
ATOM   607  O  O   . LEU A 1 78  ? -3.231  -10.301 14.364  1.00 14.00 ? 78  LEU A O   1 
ATOM   608  C  CB  . LEU A 1 78  ? -3.339  -7.928  11.909  1.00 11.13 ? 78  LEU A CB  1 
ATOM   609  C  CG  . LEU A 1 78  ? -4.025  -6.620  11.649  1.00 15.70 ? 78  LEU A CG  1 
ATOM   610  C  CD1 . LEU A 1 78  ? -4.612  -6.703  10.211  1.00 20.36 ? 78  LEU A CD1 1 
ATOM   611  C  CD2 . LEU A 1 78  ? -5.189  -6.283  12.579  1.00 10.02 ? 78  LEU A CD2 1 
ATOM   612  N  N   . GLU A 1 79  ? -1.540  -10.330 12.971  1.00 11.54 ? 79  GLU A N   1 
ATOM   613  C  CA  . GLU A 1 79  ? -1.415  -11.761 13.233  1.00 12.11 ? 79  GLU A CA  1 
ATOM   614  C  C   . GLU A 1 79  ? -0.729  -11.889 14.599  1.00 14.31 ? 79  GLU A C   1 
ATOM   615  O  O   . GLU A 1 79  ? -1.324  -12.730 15.285  1.00 14.07 ? 79  GLU A O   1 
ATOM   616  C  CB  . GLU A 1 79  ? -0.719  -12.580 12.182  1.00 13.74 ? 79  GLU A CB  1 
ATOM   617  C  CG  . GLU A 1 79  ? -0.327  -14.002 12.537  1.00 10.60 ? 79  GLU A CG  1 
ATOM   618  C  CD  . GLU A 1 79  ? 1.079   -14.244 12.933  1.00 13.36 ? 79  GLU A CD  1 
ATOM   619  O  OE1 . GLU A 1 79  ? 2.228   -13.885 12.632  1.00 19.39 ? 79  GLU A OE1 1 
ATOM   620  O  OE2 . GLU A 1 79  ? 1.009   -15.217 13.762  1.00 25.02 ? 79  GLU A OE2 1 
ATOM   621  N  N   . VAL A 1 80  ? 0.145   -11.161 15.137  1.00 9.22  ? 80  VAL A N   1 
ATOM   622  C  CA  . VAL A 1 80  ? 0.802   -11.315 16.399  1.00 13.77 ? 80  VAL A CA  1 
ATOM   623  C  C   . VAL A 1 80  ? 0.045   -10.784 17.619  1.00 13.74 ? 80  VAL A C   1 
ATOM   624  O  O   . VAL A 1 80  ? 0.081   -11.382 18.699  1.00 18.93 ? 80  VAL A O   1 
ATOM   625  C  CB  . VAL A 1 80  ? 2.196   -10.604 16.351  1.00 6.75  ? 80  VAL A CB  1 
ATOM   626  C  CG1 . VAL A 1 80  ? 2.750   -10.400 17.739  1.00 16.36 ? 80  VAL A CG1 1 
ATOM   627  C  CG2 . VAL A 1 80  ? 3.090   -11.403 15.458  1.00 6.79  ? 80  VAL A CG2 1 
ATOM   628  N  N   . THR A 1 81  ? -0.490  -9.581  17.401  1.00 16.55 ? 81  THR A N   1 
ATOM   629  C  CA  . THR A 1 81  ? -1.118  -8.875  18.507  1.00 13.02 ? 81  THR A CA  1 
ATOM   630  C  C   . THR A 1 81  ? -2.603  -8.773  18.427  1.00 11.49 ? 81  THR A C   1 
ATOM   631  O  O   . THR A 1 81  ? -3.245  -8.434  19.462  1.00 19.03 ? 81  THR A O   1 
ATOM   632  C  CB  . THR A 1 81  ? -0.453  -7.441  18.604  1.00 10.84 ? 81  THR A CB  1 
ATOM   633  O  OG1 . THR A 1 81  ? -1.076  -6.614  17.594  1.00 13.69 ? 81  THR A OG1 1 
ATOM   634  C  CG2 . THR A 1 81  ? 1.081   -7.503  18.495  1.00 11.81 ? 81  THR A CG2 1 
ATOM   635  N  N   . GLY A 1 82  ? -3.157  -9.044  17.289  1.00 14.36 ? 82  GLY A N   1 
ATOM   636  C  CA  . GLY A 1 82  ? -4.562  -8.919  17.063  1.00 7.94  ? 82  GLY A CA  1 
ATOM   637  C  C   . GLY A 1 82  ? -5.088  -7.596  16.635  1.00 12.17 ? 82  GLY A C   1 
ATOM   638  O  O   . GLY A 1 82  ? -6.320  -7.466  16.408  1.00 16.61 ? 82  GLY A O   1 
ATOM   639  N  N   . VAL A 1 83  ? -4.340  -6.542  16.577  1.00 14.74 ? 83  VAL A N   1 
ATOM   640  C  CA  . VAL A 1 83  ? -4.710  -5.178  16.190  1.00 14.38 ? 83  VAL A CA  1 
ATOM   641  C  C   . VAL A 1 83  ? -3.606  -4.517  15.354  1.00 10.38 ? 83  VAL A C   1 
ATOM   642  O  O   . VAL A 1 83  ? -2.474  -4.999  15.397  1.00 10.73 ? 83  VAL A O   1 
ATOM   643  C  CB  . VAL A 1 83  ? -4.943  -4.273  17.447  1.00 10.00 ? 83  VAL A CB  1 
ATOM   644  C  CG1 . VAL A 1 83  ? -6.113  -4.566  18.370  1.00 7.50  ? 83  VAL A CG1 1 
ATOM   645  C  CG2 . VAL A 1 83  ? -3.619  -4.276  18.218  1.00 10.32 ? 83  VAL A CG2 1 
ATOM   646  N  N   . VAL A 1 84  ? -3.810  -3.312  14.847  1.00 16.09 ? 84  VAL A N   1 
ATOM   647  C  CA  . VAL A 1 84  ? -2.812  -2.438  14.207  1.00 12.32 ? 84  VAL A CA  1 
ATOM   648  C  C   . VAL A 1 84  ? -2.535  -1.343  15.268  1.00 14.29 ? 84  VAL A C   1 
ATOM   649  O  O   . VAL A 1 84  ? -3.584  -0.835  15.745  1.00 13.06 ? 84  VAL A O   1 
ATOM   650  C  CB  . VAL A 1 84  ? -3.166  -1.741  12.907  1.00 13.47 ? 84  VAL A CB  1 
ATOM   651  C  CG1 . VAL A 1 84  ? -1.979  -0.952  12.340  1.00 13.99 ? 84  VAL A CG1 1 
ATOM   652  C  CG2 . VAL A 1 84  ? -3.697  -2.717  11.875  1.00 16.16 ? 84  VAL A CG2 1 
ATOM   653  N  N   . VAL A 1 85  ? -1.361  -1.183  15.760  1.00 11.97 ? 85  VAL A N   1 
ATOM   654  C  CA  . VAL A 1 85  ? -1.138  -0.106  16.822  1.00 15.54 ? 85  VAL A CA  1 
ATOM   655  C  C   . VAL A 1 85  ? -0.959  1.262   16.174  1.00 19.99 ? 85  VAL A C   1 
ATOM   656  O  O   . VAL A 1 85  ? -0.320  1.414   15.115  1.00 25.58 ? 85  VAL A O   1 
ATOM   657  C  CB  . VAL A 1 85  ? 0.006   -0.497  17.753  1.00 12.56 ? 85  VAL A CB  1 
ATOM   658  C  CG1 . VAL A 1 85  ? 0.338   0.296   19.017  1.00 12.98 ? 85  VAL A CG1 1 
ATOM   659  C  CG2 . VAL A 1 85  ? -0.277  -1.955  18.239  1.00 18.66 ? 85  VAL A CG2 1 
ATOM   660  N  N   . THR A 1 86  ? -1.513  2.262   16.811  1.00 24.35 ? 86  THR A N   1 
ATOM   661  C  CA  . THR A 1 86  ? -1.419  3.702   16.516  1.00 25.50 ? 86  THR A CA  1 
ATOM   662  C  C   . THR A 1 86  ? -0.141  4.208   17.177  1.00 26.08 ? 86  THR A C   1 
ATOM   663  O  O   . THR A 1 86  ? 0.047   4.052   18.402  1.00 28.67 ? 86  THR A O   1 
ATOM   664  C  CB  . THR A 1 86  ? -2.722  4.451   16.967  1.00 24.53 ? 86  THR A CB  1 
ATOM   665  O  OG1 . THR A 1 86  ? -3.860  3.708   16.372  1.00 28.23 ? 86  THR A OG1 1 
ATOM   666  C  CG2 . THR A 1 86  ? -2.818  5.928   16.596  1.00 28.99 ? 86  THR A CG2 1 
ATOM   667  N  N   . ASP A 1 87  ? 0.831   4.652   16.388  1.00 29.20 ? 87  ASP A N   1 
ATOM   668  C  CA  . ASP A 1 87  ? 2.113   5.175   16.950  1.00 29.87 ? 87  ASP A CA  1 
ATOM   669  C  C   . ASP A 1 87  ? 2.465   6.489   16.235  1.00 29.50 ? 87  ASP A C   1 
ATOM   670  O  O   . ASP A 1 87  ? 1.707   6.933   15.365  1.00 27.36 ? 87  ASP A O   1 
ATOM   671  C  CB  . ASP A 1 87  ? 3.206   4.104   16.912  1.00 30.96 ? 87  ASP A CB  1 
ATOM   672  C  CG  . ASP A 1 87  ? 3.591   3.767   15.482  1.00 33.74 ? 87  ASP A CG  1 
ATOM   673  O  OD1 . ASP A 1 87  ? 2.915   4.285   14.568  1.00 37.60 ? 87  ASP A OD1 1 
ATOM   674  O  OD2 . ASP A 1 87  ? 4.515   2.966   15.246  1.00 34.23 ? 87  ASP A OD2 1 
ATOM   675  N  N   . ALA A 1 88  ? 3.508   7.163   16.695  1.00 28.05 ? 88  ALA A N   1 
ATOM   676  C  CA  . ALA A 1 88  ? 3.998   8.444   16.164  1.00 28.55 ? 88  ALA A CA  1 
ATOM   677  C  C   . ALA A 1 88  ? 3.765   8.494   14.650  1.00 27.31 ? 88  ALA A C   1 
ATOM   678  O  O   . ALA A 1 88  ? 2.883   9.195   14.138  1.00 28.81 ? 88  ALA A O   1 
ATOM   679  C  CB  . ALA A 1 88  ? 5.465   8.640   16.510  1.00 22.77 ? 88  ALA A CB  1 
ATOM   680  N  N   . THR A 1 89  ? 4.555   7.664   13.978  1.00 28.06 ? 89  THR A N   1 
ATOM   681  C  CA  . THR A 1 89  ? 4.536   7.428   12.568  1.00 24.13 ? 89  THR A CA  1 
ATOM   682  C  C   . THR A 1 89  ? 3.166   7.396   11.926  1.00 19.95 ? 89  THR A C   1 
ATOM   683  O  O   . THR A 1 89  ? 3.037   8.000   10.849  1.00 22.49 ? 89  THR A O   1 
ATOM   684  C  CB  . THR A 1 89  ? 5.149   6.003   12.230  1.00 22.59 ? 89  THR A CB  1 
ATOM   685  O  OG1 . THR A 1 89  ? 6.581   6.139   12.319  1.00 27.96 ? 89  THR A OG1 1 
ATOM   686  C  CG2 . THR A 1 89  ? 4.664   5.474   10.871  1.00 26.86 ? 89  THR A CG2 1 
ATOM   687  N  N   . LEU A 1 90  ? 2.220   6.662   12.480  1.00 20.31 ? 90  LEU A N   1 
ATOM   688  C  CA  . LEU A 1 90  ? 0.909   6.601   11.778  1.00 18.72 ? 90  LEU A CA  1 
ATOM   689  C  C   . LEU A 1 90  ? 0.181   7.899   12.089  1.00 24.79 ? 90  LEU A C   1 
ATOM   690  O  O   . LEU A 1 90  ? -0.546  8.313   11.156  1.00 26.64 ? 90  LEU A O   1 
ATOM   691  C  CB  . LEU A 1 90  ? 0.181   5.292   12.072  1.00 15.82 ? 90  LEU A CB  1 
ATOM   692  C  CG  . LEU A 1 90  ? 0.853   3.965   11.840  1.00 10.25 ? 90  LEU A CG  1 
ATOM   693  C  CD1 . LEU A 1 90  ? -0.130  2.863   12.305  1.00 12.22 ? 90  LEU A CD1 1 
ATOM   694  C  CD2 . LEU A 1 90  ? 1.186   3.716   10.399  1.00 11.16 ? 90  LEU A CD2 1 
ATOM   695  N  N   . LYS A 1 91  ? 0.396   8.565   13.218  1.00 25.91 ? 91  LYS A N   1 
ATOM   696  C  CA  . LYS A 1 91  ? -0.284  9.887   13.429  1.00 25.92 ? 91  LYS A CA  1 
ATOM   697  C  C   . LYS A 1 91  ? 0.321   10.943  12.504  1.00 22.16 ? 91  LYS A C   1 
ATOM   698  O  O   . LYS A 1 91  ? -0.417  11.808  12.003  1.00 23.26 ? 91  LYS A O   1 
ATOM   699  C  CB  . LYS A 1 91  ? -0.241  10.338  14.876  1.00 29.59 ? 91  LYS A CB  1 
ATOM   700  C  CG  . LYS A 1 91  ? -0.864  9.245   15.760  1.00 28.52 ? 91  LYS A CG  1 
ATOM   701  C  CD  . LYS A 1 91  ? -0.214  9.299   17.141  1.00 33.39 ? 91  LYS A CD  1 
ATOM   702  C  CE  . LYS A 1 91  ? -1.209  9.783   18.181  1.00 36.83 ? 91  LYS A CE  1 
ATOM   703  N  NZ  . LYS A 1 91  ? -2.415  8.888   18.139  1.00 39.75 ? 91  LYS A NZ  1 
ATOM   704  N  N   . ASN A 1 92  ? 1.599   10.923  12.281  1.00 20.85 ? 92  ASN A N   1 
ATOM   705  C  CA  . ASN A 1 92  ? 2.317   11.729  11.342  1.00 24.05 ? 92  ASN A CA  1 
ATOM   706  C  C   . ASN A 1 92  ? 1.731   11.416  9.950   1.00 26.32 ? 92  ASN A C   1 
ATOM   707  O  O   . ASN A 1 92  ? 1.535   12.378  9.219   1.00 30.64 ? 92  ASN A O   1 
ATOM   708  C  CB  . ASN A 1 92  ? 3.794   11.428  11.308  1.00 31.69 ? 92  ASN A CB  1 
ATOM   709  C  CG  . ASN A 1 92  ? 4.578   12.070  10.180  1.00 40.22 ? 92  ASN A CG  1 
ATOM   710  O  OD1 . ASN A 1 92  ? 4.628   13.314  10.078  1.00 44.01 ? 92  ASN A OD1 1 
ATOM   711  N  ND2 . ASN A 1 92  ? 5.300   11.326  9.343   1.00 40.44 ? 92  ASN A ND2 1 
ATOM   712  N  N   . LEU A 1 93  ? 1.575   10.154  9.594   1.00 23.37 ? 93  LEU A N   1 
ATOM   713  C  CA  . LEU A 1 93  ? 1.042   9.704   8.302   1.00 21.06 ? 93  LEU A CA  1 
ATOM   714  C  C   . LEU A 1 93  ? -0.371  10.290  8.116   1.00 17.47 ? 93  LEU A C   1 
ATOM   715  O  O   . LEU A 1 93  ? -0.656  10.630  6.940   1.00 15.15 ? 93  LEU A O   1 
ATOM   716  C  CB  . LEU A 1 93  ? 1.069   8.211   8.130   1.00 21.49 ? 93  LEU A CB  1 
ATOM   717  C  CG  . LEU A 1 93  ? 2.018   7.282   7.433   1.00 25.03 ? 93  LEU A CG  1 
ATOM   718  C  CD1 . LEU A 1 93  ? 2.562   7.764   6.093   1.00 23.18 ? 93  LEU A CD1 1 
ATOM   719  C  CD2 . LEU A 1 93  ? 3.258   7.061   8.288   1.00 26.70 ? 93  LEU A CD2 1 
ATOM   720  N  N   . GLY A 1 94  ? -1.145  10.534  9.124   1.00 15.57 ? 94  GLY A N   1 
ATOM   721  C  CA  . GLY A 1 94  ? -2.478  11.133  9.063   1.00 12.99 ? 94  GLY A CA  1 
ATOM   722  C  C   . GLY A 1 94  ? -2.411  12.600  8.701   1.00 18.20 ? 94  GLY A C   1 
ATOM   723  O  O   . GLY A 1 94  ? -3.055  13.126  7.758   1.00 22.29 ? 94  GLY A O   1 
ATOM   724  N  N   . SER A 1 95  ? -1.385  13.256  9.240   1.00 21.95 ? 95  SER A N   1 
ATOM   725  C  CA  . SER A 1 95  ? -1.244  14.728  8.945   1.00 23.24 ? 95  SER A CA  1 
ATOM   726  C  C   . SER A 1 95  ? -0.786  14.910  7.510   1.00 22.20 ? 95  SER A C   1 
ATOM   727  O  O   . SER A 1 95  ? -1.491  15.623  6.754   1.00 21.55 ? 95  SER A O   1 
ATOM   728  C  CB  . SER A 1 95  ? -0.375  15.354  10.019  1.00 26.61 ? 95  SER A CB  1 
ATOM   729  O  OG  . SER A 1 95  ? 0.757   14.499  10.259  1.00 32.29 ? 95  SER A OG  1 
ATOM   730  N  N   . VAL A 1 96  ? 0.220   14.142  7.081   1.00 15.09 ? 96  VAL A N   1 
ATOM   731  C  CA  . VAL A 1 96  ? 0.707   14.292  5.724   1.00 19.74 ? 96  VAL A CA  1 
ATOM   732  C  C   . VAL A 1 96  ? -0.378  13.989  4.673   1.00 18.78 ? 96  VAL A C   1 
ATOM   733  O  O   . VAL A 1 96  ? -0.430  14.772  3.702   1.00 19.78 ? 96  VAL A O   1 
ATOM   734  C  CB  . VAL A 1 96  ? 2.032   13.508  5.416   1.00 17.77 ? 96  VAL A CB  1 
ATOM   735  C  CG1 . VAL A 1 96  ? 2.864   13.120  6.629   1.00 20.22 ? 96  VAL A CG1 1 
ATOM   736  C  CG2 . VAL A 1 96  ? 1.815   12.318  4.502   1.00 19.91 ? 96  VAL A CG2 1 
ATOM   737  N  N   . HIS A 1 97  ? -1.180  12.956  4.842   1.00 17.68 ? 97  HIS A N   1 
ATOM   738  C  CA  . HIS A 1 97  ? -2.219  12.633  3.872   1.00 15.01 ? 97  HIS A CA  1 
ATOM   739  C  C   . HIS A 1 97  ? -3.250  13.735  3.873   1.00 16.82 ? 97  HIS A C   1 
ATOM   740  O  O   . HIS A 1 97  ? -3.889  13.906  2.840   1.00 18.65 ? 97  HIS A O   1 
ATOM   741  C  CB  . HIS A 1 97  ? -2.984  11.296  4.100   1.00 15.04 ? 97  HIS A CB  1 
ATOM   742  C  CG  . HIS A 1 97  ? -2.064  10.124  3.752   1.00 10.40 ? 97  HIS A CG  1 
ATOM   743  N  ND1 . HIS A 1 97  ? -1.070  9.667   4.542   1.00 5.06  ? 97  HIS A ND1 1 
ATOM   744  C  CD2 . HIS A 1 97  ? -1.900  9.598   2.535   1.00 11.22 ? 97  HIS A CD2 1 
ATOM   745  C  CE1 . HIS A 1 97  ? -0.399  8.791   3.866   1.00 8.80  ? 97  HIS A CE1 1 
ATOM   746  N  NE2 . HIS A 1 97  ? -0.822  8.761   2.585   1.00 7.71  ? 97  HIS A NE2 1 
ATOM   747  N  N   . VAL A 1 98  ? -3.418  14.352  5.022   1.00 18.95 ? 98  VAL A N   1 
ATOM   748  C  CA  . VAL A 1 98  ? -4.345  15.501  5.085   1.00 20.48 ? 98  VAL A CA  1 
ATOM   749  C  C   . VAL A 1 98  ? -3.766  16.674  4.289   1.00 20.59 ? 98  VAL A C   1 
ATOM   750  O  O   . VAL A 1 98  ? -4.426  17.192  3.367   1.00 17.95 ? 98  VAL A O   1 
ATOM   751  C  CB  . VAL A 1 98  ? -4.676  15.765  6.550   1.00 21.68 ? 98  VAL A CB  1 
ATOM   752  C  CG1 . VAL A 1 98  ? -4.880  17.247  6.855   1.00 19.36 ? 98  VAL A CG1 1 
ATOM   753  C  CG2 . VAL A 1 98  ? -5.894  14.960  6.966   1.00 17.28 ? 98  VAL A CG2 1 
ATOM   754  N  N   . SER A 1 99  ? -2.539  17.062  4.515   1.00 24.68 ? 99  SER A N   1 
ATOM   755  C  CA  . SER A 1 99  ? -1.877  18.139  3.778   1.00 24.25 ? 99  SER A CA  1 
ATOM   756  C  C   . SER A 1 99  ? -1.997  17.982  2.261   1.00 22.25 ? 99  SER A C   1 
ATOM   757  O  O   . SER A 1 99  ? -2.140  19.043  1.620   1.00 23.70 ? 99  SER A O   1 
ATOM   758  C  CB  . SER A 1 99  ? -0.375  18.255  4.044   1.00 21.21 ? 99  SER A CB  1 
ATOM   759  O  OG  . SER A 1 99  ? -0.129  18.754  5.341   1.00 29.91 ? 99  SER A OG  1 
ATOM   760  N  N   . LYS A 1 100 ? -1.763  16.843  1.682   1.00 20.15 ? 100 LYS A N   1 
ATOM   761  C  CA  . LYS A 1 100 ? -1.771  16.549  0.258   1.00 19.58 ? 100 LYS A CA  1 
ATOM   762  C  C   . LYS A 1 100 ? -3.110  16.540  -0.440  1.00 19.21 ? 100 LYS A C   1 
ATOM   763  O  O   . LYS A 1 100 ? -3.203  16.292  -1.674  1.00 25.14 ? 100 LYS A O   1 
ATOM   764  C  CB  . LYS A 1 100 ? -1.160  15.131  0.008   1.00 17.85 ? 100 LYS A CB  1 
ATOM   765  C  CG  . LYS A 1 100 ? 0.278   14.922  0.403   1.00 20.03 ? 100 LYS A CG  1 
ATOM   766  C  CD  . LYS A 1 100 ? 1.076   16.180  0.429   1.00 24.56 ? 100 LYS A CD  1 
ATOM   767  C  CE  . LYS A 1 100 ? 2.574   16.007  0.449   1.00 31.75 ? 100 LYS A CE  1 
ATOM   768  N  NZ  . LYS A 1 100 ? 3.169   17.234  1.124   1.00 36.01 ? 100 LYS A NZ  1 
ATOM   769  N  N   . GLY A 1 101 ? -4.207  16.566  0.274   1.00 18.67 ? 101 GLY A N   1 
ATOM   770  C  CA  . GLY A 1 101 ? -5.549  16.516  -0.270  1.00 16.19 ? 101 GLY A CA  1 
ATOM   771  C  C   . GLY A 1 101 ? -6.088  15.115  -0.411  1.00 15.23 ? 101 GLY A C   1 
ATOM   772  O  O   . GLY A 1 101 ? -7.069  14.935  -1.189  1.00 18.79 ? 101 GLY A O   1 
ATOM   773  N  N   . VAL A 1 102 ? -5.631  14.166  0.423   1.00 16.22 ? 102 VAL A N   1 
ATOM   774  C  CA  . VAL A 1 102 ? -6.157  12.764  0.326   1.00 8.82  ? 102 VAL A CA  1 
ATOM   775  C  C   . VAL A 1 102 ? -7.482  12.685  1.048   1.00 11.38 ? 102 VAL A C   1 
ATOM   776  O  O   . VAL A 1 102 ? -7.550  13.250  2.164   1.00 13.70 ? 102 VAL A O   1 
ATOM   777  C  CB  . VAL A 1 102 ? -5.132  11.751  0.863   1.00 4.31  ? 102 VAL A CB  1 
ATOM   778  C  CG1 . VAL A 1 102 ? -5.771  10.287  0.791   1.00 3.98  ? 102 VAL A CG1 1 
ATOM   779  C  CG2 . VAL A 1 102 ? -3.775  11.852  0.246   1.00 5.20  ? 102 VAL A CG2 1 
ATOM   780  N  N   . ALA A 1 103 ? -8.458  12.010  0.549   1.00 9.36  ? 103 ALA A N   1 
ATOM   781  C  CA  . ALA A 1 103 ? -9.780  11.813  1.121   1.00 7.90  ? 103 ALA A CA  1 
ATOM   782  C  C   . ALA A 1 103 ? -10.015 10.291  1.233   1.00 7.25  ? 103 ALA A C   1 
ATOM   783  O  O   . ALA A 1 103 ? -9.391  9.398   0.699   1.00 15.33 ? 103 ALA A O   1 
ATOM   784  C  CB  . ALA A 1 103 ? -10.946 12.360  0.340   1.00 9.21  ? 103 ALA A CB  1 
ATOM   785  N  N   . ASP A 1 104 ? -10.968 10.009  2.099   1.00 12.06 ? 104 ASP A N   1 
ATOM   786  C  CA  . ASP A 1 104 ? -11.431 8.687   2.466   1.00 14.08 ? 104 ASP A CA  1 
ATOM   787  C  C   . ASP A 1 104 ? -11.753 7.924   1.176   1.00 12.80 ? 104 ASP A C   1 
ATOM   788  O  O   . ASP A 1 104 ? -11.411 6.742   1.256   1.00 8.65  ? 104 ASP A O   1 
ATOM   789  C  CB  . ASP A 1 104 ? -12.612 8.764   3.427   1.00 13.60 ? 104 ASP A CB  1 
ATOM   790  C  CG  . ASP A 1 104 ? -12.374 9.298   4.804   1.00 22.80 ? 104 ASP A CG  1 
ATOM   791  O  OD1 . ASP A 1 104 ? -11.219 9.377   5.304   1.00 26.24 ? 104 ASP A OD1 1 
ATOM   792  O  OD2 . ASP A 1 104 ? -13.384 9.707   5.461   1.00 27.85 ? 104 ASP A OD2 1 
ATOM   793  N  N   . ALA A 1 105 ? -12.371 8.550   0.182   1.00 5.79  ? 105 ALA A N   1 
ATOM   794  C  CA  . ALA A 1 105 ? -12.770 7.987   -1.080  1.00 7.19  ? 105 ALA A CA  1 
ATOM   795  C  C   . ALA A 1 105 ? -11.611 7.537   -1.953  1.00 7.06  ? 105 ALA A C   1 
ATOM   796  O  O   . ALA A 1 105 ? -11.842 6.779   -2.930  1.00 13.74 ? 105 ALA A O   1 
ATOM   797  C  CB  . ALA A 1 105 ? -13.579 9.018   -1.871  1.00 3.81  ? 105 ALA A CB  1 
ATOM   798  N  N   . HIS A 1 106 ? -10.448 8.032   -1.648  1.00 9.52  ? 106 HIS A N   1 
ATOM   799  C  CA  . HIS A 1 106 ? -9.186  7.716   -2.271  1.00 7.90  ? 106 HIS A CA  1 
ATOM   800  C  C   . HIS A 1 106 ? -8.640  6.346   -1.903  1.00 8.55  ? 106 HIS A C   1 
ATOM   801  O  O   . HIS A 1 106 ? -8.039  5.710   -2.794  1.00 11.07 ? 106 HIS A O   1 
ATOM   802  C  CB  . HIS A 1 106 ? -7.961  8.680   -1.947  1.00 8.52  ? 106 HIS A CB  1 
ATOM   803  C  CG  . HIS A 1 106 ? -7.972  9.948   -2.775  1.00 9.30  ? 106 HIS A CG  1 
ATOM   804  N  ND1 . HIS A 1 106 ? -8.171  11.230  -2.264  1.00 7.62  ? 106 HIS A ND1 1 
ATOM   805  C  CD2 . HIS A 1 106 ? -8.158  10.051  -4.117  1.00 4.80  ? 106 HIS A CD2 1 
ATOM   806  C  CE1 . HIS A 1 106 ? -8.386  12.073  -3.269  1.00 7.77  ? 106 HIS A CE1 1 
ATOM   807  N  NE2 . HIS A 1 106 ? -8.380  11.390  -4.377  1.00 7.51  ? 106 HIS A NE2 1 
ATOM   808  N  N   . PHE A 1 107 ? -8.934  5.842   -0.711  1.00 7.21  ? 107 PHE A N   1 
ATOM   809  C  CA  . PHE A 1 107 ? -8.299  4.629   -0.173  1.00 10.99 ? 107 PHE A CA  1 
ATOM   810  C  C   . PHE A 1 107 ? -8.515  3.342   -0.955  1.00 7.79  ? 107 PHE A C   1 
ATOM   811  O  O   . PHE A 1 107 ? -7.595  2.504   -1.031  1.00 9.44  ? 107 PHE A O   1 
ATOM   812  C  CB  . PHE A 1 107 ? -8.654  4.461   1.344   1.00 11.32 ? 107 PHE A CB  1 
ATOM   813  C  CG  . PHE A 1 107 ? -7.815  5.332   2.197   1.00 5.14  ? 107 PHE A CG  1 
ATOM   814  C  CD1 . PHE A 1 107 ? -8.204  6.670   2.363   1.00 2.93  ? 107 PHE A CD1 1 
ATOM   815  C  CD2 . PHE A 1 107 ? -6.681  4.841   2.846   1.00 10.27 ? 107 PHE A CD2 1 
ATOM   816  C  CE1 . PHE A 1 107 ? -7.460  7.545   3.112   1.00 5.86  ? 107 PHE A CE1 1 
ATOM   817  C  CE2 . PHE A 1 107 ? -5.843  5.763   3.555   1.00 10.59 ? 107 PHE A CE2 1 
ATOM   818  C  CZ  . PHE A 1 107 ? -6.273  7.087   3.694   1.00 6.75  ? 107 PHE A CZ  1 
ATOM   819  N  N   . PRO A 1 108 ? -9.720  3.152   -1.469  1.00 9.48  ? 108 PRO A N   1 
ATOM   820  C  CA  . PRO A 1 108 ? -9.951  1.965   -2.302  1.00 8.78  ? 108 PRO A CA  1 
ATOM   821  C  C   . PRO A 1 108 ? -9.115  2.009   -3.573  1.00 8.29  ? 108 PRO A C   1 
ATOM   822  O  O   . PRO A 1 108 ? -8.861  0.876   -4.076  1.00 4.32  ? 108 PRO A O   1 
ATOM   823  C  CB  . PRO A 1 108 ? -11.431 1.981   -2.519  1.00 7.34  ? 108 PRO A CB  1 
ATOM   824  C  CG  . PRO A 1 108 ? -12.018 2.988   -1.657  1.00 4.57  ? 108 PRO A CG  1 
ATOM   825  C  CD  . PRO A 1 108 ? -10.928 3.940   -1.322  1.00 1.50  ? 108 PRO A CD  1 
ATOM   826  N  N   . VAL A 1 109 ? -8.708  3.139   -4.117  1.00 9.83  ? 109 VAL A N   1 
ATOM   827  C  CA  . VAL A 1 109 ? -7.878  3.211   -5.310  1.00 5.38  ? 109 VAL A CA  1 
ATOM   828  C  C   . VAL A 1 109 ? -6.529  2.597   -5.102  1.00 4.74  ? 109 VAL A C   1 
ATOM   829  O  O   . VAL A 1 109 ? -6.082  1.862   -6.000  1.00 8.63  ? 109 VAL A O   1 
ATOM   830  C  CB  . VAL A 1 109 ? -7.642  4.677   -5.753  1.00 10.65 ? 109 VAL A CB  1 
ATOM   831  C  CG1 . VAL A 1 109 ? -6.510  4.737   -6.823  1.00 10.54 ? 109 VAL A CG1 1 
ATOM   832  C  CG2 . VAL A 1 109 ? -8.854  5.397   -6.249  1.00 5.89  ? 109 VAL A CG2 1 
ATOM   833  N  N   . VAL A 1 110 ? -5.918  2.913   -4.003  1.00 7.05  ? 110 VAL A N   1 
ATOM   834  C  CA  . VAL A 1 110 ? -4.572  2.435   -3.667  1.00 6.49  ? 110 VAL A CA  1 
ATOM   835  C  C   . VAL A 1 110 ? -4.715  0.948   -3.243  1.00 8.93  ? 110 VAL A C   1 
ATOM   836  O  O   . VAL A 1 110 ? -3.904  0.045   -3.528  1.00 8.66  ? 110 VAL A O   1 
ATOM   837  C  CB  . VAL A 1 110 ? -3.876  3.298   -2.631  1.00 6.22  ? 110 VAL A CB  1 
ATOM   838  C  CG1 . VAL A 1 110 ? -2.666  2.569   -1.976  1.00 6.71  ? 110 VAL A CG1 1 
ATOM   839  C  CG2 . VAL A 1 110 ? -3.360  4.621   -3.137  1.00 7.44  ? 110 VAL A CG2 1 
ATOM   840  N  N   . LYS A 1 111 ? -5.870  0.700   -2.655  1.00 5.59  ? 111 LYS A N   1 
ATOM   841  C  CA  . LYS A 1 111 ? -6.033  -0.761  -2.313  1.00 5.73  ? 111 LYS A CA  1 
ATOM   842  C  C   . LYS A 1 111 ? -5.974  -1.572  -3.549  1.00 7.82  ? 111 LYS A C   1 
ATOM   843  O  O   . LYS A 1 111 ? -5.218  -2.593  -3.619  1.00 8.63  ? 111 LYS A O   1 
ATOM   844  C  CB  . LYS A 1 111 ? -7.364  -0.900  -1.589  1.00 4.65  ? 111 LYS A CB  1 
ATOM   845  C  CG  . LYS A 1 111 ? -7.731  -2.370  -1.208  1.00 8.42  ? 111 LYS A CG  1 
ATOM   846  C  CD  . LYS A 1 111 ? -8.901  -2.167  -0.193  1.00 9.16  ? 111 LYS A CD  1 
ATOM   847  C  CE  . LYS A 1 111 ? -9.703  -3.473  -0.128  1.00 13.35 ? 111 LYS A CE  1 
ATOM   848  N  NZ  . LYS A 1 111 ? -10.856 -3.200  0.786   1.00 14.40 ? 111 LYS A NZ  1 
ATOM   849  N  N   . GLU A 1 112 ? -6.843  -1.253  -4.567  1.00 5.02  ? 112 GLU A N   1 
ATOM   850  C  CA  . GLU A 1 112 ? -6.865  -2.103  -5.752  1.00 3.00  ? 112 GLU A CA  1 
ATOM   851  C  C   . GLU A 1 112 ? -5.565  -2.098  -6.512  1.00 8.53  ? 112 GLU A C   1 
ATOM   852  O  O   . GLU A 1 112 ? -5.365  -3.213  -7.063  1.00 6.25  ? 112 GLU A O   1 
ATOM   853  C  CB  . GLU A 1 112 ? -7.956  -1.802  -6.817  1.00 8.20  ? 112 GLU A CB  1 
ATOM   854  C  CG  . GLU A 1 112 ? -9.365  -2.039  -6.295  1.00 13.18 ? 112 GLU A CG  1 
ATOM   855  C  CD  . GLU A 1 112 ? -9.715  -3.424  -5.801  1.00 21.25 ? 112 GLU A CD  1 
ATOM   856  O  OE1 . GLU A 1 112 ? -9.513  -4.426  -6.491  1.00 19.96 ? 112 GLU A OE1 1 
ATOM   857  O  OE2 . GLU A 1 112 ? -10.197 -3.434  -4.619  1.00 20.42 ? 112 GLU A OE2 1 
ATOM   858  N  N   . ALA A 1 113 ? -4.745  -1.077  -6.434  1.00 8.64  ? 113 ALA A N   1 
ATOM   859  C  CA  . ALA A 1 113 ? -3.442  -1.085  -7.122  1.00 1.32  ? 113 ALA A CA  1 
ATOM   860  C  C   . ALA A 1 113 ? -2.457  -1.969  -6.421  1.00 3.66  ? 113 ALA A C   1 
ATOM   861  O  O   . ALA A 1 113 ? -1.622  -2.590  -7.139  1.00 7.39  ? 113 ALA A O   1 
ATOM   862  C  CB  . ALA A 1 113 ? -3.120  0.405   -7.207  1.00 2.93  ? 113 ALA A CB  1 
ATOM   863  N  N   . ILE A 1 114 ? -2.384  -2.084  -5.133  1.00 7.02  ? 114 ILE A N   1 
ATOM   864  C  CA  . ILE A 1 114 ? -1.591  -3.007  -4.326  1.00 6.85  ? 114 ILE A CA  1 
ATOM   865  C  C   . ILE A 1 114 ? -2.004  -4.483  -4.593  1.00 9.38  ? 114 ILE A C   1 
ATOM   866  O  O   . ILE A 1 114 ? -1.107  -5.328  -4.876  1.00 10.17 ? 114 ILE A O   1 
ATOM   867  C  CB  . ILE A 1 114 ? -1.666  -2.760  -2.784  1.00 7.25  ? 114 ILE A CB  1 
ATOM   868  C  CG1 . ILE A 1 114 ? -0.958  -1.405  -2.464  1.00 7.30  ? 114 ILE A CG1 1 
ATOM   869  C  CG2 . ILE A 1 114 ? -1.045  -3.865  -1.884  1.00 1.42  ? 114 ILE A CG2 1 
ATOM   870  C  CD1 . ILE A 1 114 ? -1.247  -0.976  -0.990  1.00 8.55  ? 114 ILE A CD1 1 
ATOM   871  N  N   . LEU A 1 115 ? -3.326  -4.762  -4.684  1.00 8.68  ? 115 LEU A N   1 
ATOM   872  C  CA  . LEU A 1 115 ? -3.767  -6.140  -4.873  1.00 5.78  ? 115 LEU A CA  1 
ATOM   873  C  C   . LEU A 1 115 ? -3.375  -6.610  -6.205  1.00 3.28  ? 115 LEU A C   1 
ATOM   874  O  O   . LEU A 1 115 ? -3.051  -7.773  -6.348  1.00 7.19  ? 115 LEU A O   1 
ATOM   875  C  CB  . LEU A 1 115 ? -5.303  -6.294  -4.648  1.00 10.98 ? 115 LEU A CB  1 
ATOM   876  C  CG  . LEU A 1 115 ? -5.767  -6.128  -3.158  1.00 12.35 ? 115 LEU A CG  1 
ATOM   877  C  CD1 . LEU A 1 115 ? -7.250  -6.323  -3.104  1.00 10.36 ? 115 LEU A CD1 1 
ATOM   878  C  CD2 . LEU A 1 115 ? -4.903  -7.078  -2.299  1.00 12.79 ? 115 LEU A CD2 1 
ATOM   879  N  N   . LYS A 1 116 ? -3.526  -5.768  -7.178  1.00 11.07 ? 116 LYS A N   1 
ATOM   880  C  CA  . LYS A 1 116 ? -3.160  -6.057  -8.565  1.00 7.96  ? 116 LYS A CA  1 
ATOM   881  C  C   . LYS A 1 116 ? -1.625  -6.128  -8.780  1.00 9.28  ? 116 LYS A C   1 
ATOM   882  O  O   . LYS A 1 116 ? -1.181  -6.954  -9.604  1.00 7.63  ? 116 LYS A O   1 
ATOM   883  C  CB  . LYS A 1 116 ? -3.789  -5.053  -9.509  1.00 10.88 ? 116 LYS A CB  1 
ATOM   884  C  CG  . LYS A 1 116 ? -5.311  -5.183  -9.597  1.00 19.33 ? 116 LYS A CG  1 
ATOM   885  C  CD  . LYS A 1 116 ? -5.778  -4.515  -10.896 1.00 24.16 ? 116 LYS A CD  1 
ATOM   886  C  CE  . LYS A 1 116 ? -7.278  -4.440  -10.998 1.00 29.02 ? 116 LYS A CE  1 
ATOM   887  N  NZ  . LYS A 1 116 ? -7.877  -3.644  -9.874  1.00 35.02 ? 116 LYS A NZ  1 
ATOM   888  N  N   . THR A 1 117 ? -0.791  -5.361  -8.118  1.00 8.45  ? 117 THR A N   1 
ATOM   889  C  CA  . THR A 1 117 ? 0.636   -5.355  -8.192  1.00 6.14  ? 117 THR A CA  1 
ATOM   890  C  C   . THR A 1 117 ? 1.088   -6.727  -7.679  1.00 9.27  ? 117 THR A C   1 
ATOM   891  O  O   . THR A 1 117 ? 1.801   -7.362  -8.409  1.00 12.14 ? 117 THR A O   1 
ATOM   892  C  CB  . THR A 1 117 ? 1.444   -4.231  -7.412  1.00 8.14  ? 117 THR A CB  1 
ATOM   893  O  OG1 . THR A 1 117 ? 0.847   -2.970  -7.781  1.00 9.54  ? 117 THR A OG1 1 
ATOM   894  C  CG2 . THR A 1 117 ? 2.951   -4.230  -7.691  1.00 9.73  ? 117 THR A CG2 1 
ATOM   895  N  N   . ILE A 1 118 ? 0.616   -7.115  -6.509  1.00 12.07 ? 118 ILE A N   1 
ATOM   896  C  CA  . ILE A 1 118 ? 0.921   -8.355  -5.848  1.00 11.18 ? 118 ILE A CA  1 
ATOM   897  C  C   . ILE A 1 118 ? 0.506   -9.565  -6.682  1.00 6.01  ? 118 ILE A C   1 
ATOM   898  O  O   . ILE A 1 118 ? 1.273   -10.543 -6.981  1.00 7.19  ? 118 ILE A O   1 
ATOM   899  C  CB  . ILE A 1 118 ? 0.284   -8.314  -4.406  1.00 13.71 ? 118 ILE A CB  1 
ATOM   900  C  CG1 . ILE A 1 118 ? 0.994   -7.196  -3.601  1.00 11.39 ? 118 ILE A CG1 1 
ATOM   901  C  CG2 . ILE A 1 118 ? 0.363   -9.683  -3.708  1.00 15.84 ? 118 ILE A CG2 1 
ATOM   902  C  CD1 . ILE A 1 118 ? 2.456   -7.675  -3.241  1.00 17.75 ? 118 ILE A CD1 1 
ATOM   903  N  N   . LYS A 1 119 ? -0.616  -9.438  -7.338  1.00 5.02  ? 119 LYS A N   1 
ATOM   904  C  CA  . LYS A 1 119 ? -0.944  -10.621 -8.178  1.00 10.90 ? 119 LYS A CA  1 
ATOM   905  C  C   . LYS A 1 119 ? 0.044   -10.751 -9.282  1.00 9.67  ? 119 LYS A C   1 
ATOM   906  O  O   . LYS A 1 119 ? 0.406   -11.883 -9.691  1.00 13.06 ? 119 LYS A O   1 
ATOM   907  C  CB  . LYS A 1 119 ? -2.400  -10.461 -8.607  1.00 12.25 ? 119 LYS A CB  1 
ATOM   908  C  CG  . LYS A 1 119 ? -2.685  -11.060 -9.928  1.00 15.34 ? 119 LYS A CG  1 
ATOM   909  C  CD  . LYS A 1 119 ? -4.083  -11.424 -10.246 1.00 23.83 ? 119 LYS A CD  1 
ATOM   910  C  CE  . LYS A 1 119 ? -5.187  -11.352 -9.261  1.00 27.44 ? 119 LYS A CE  1 
ATOM   911  N  NZ  . LYS A 1 119 ? -5.533  -9.906  -8.920  1.00 32.30 ? 119 LYS A NZ  1 
ATOM   912  N  N   . GLU A 1 120 ? 0.599   -9.672  -9.832  1.00 13.12 ? 120 GLU A N   1 
ATOM   913  C  CA  . GLU A 1 120 ? 1.564   -9.801  -10.932 1.00 16.82 ? 120 GLU A CA  1 
ATOM   914  C  C   . GLU A 1 120 ? 2.925   -10.215 -10.371 1.00 16.30 ? 120 GLU A C   1 
ATOM   915  O  O   . GLU A 1 120 ? 3.606   -11.072 -11.023 1.00 16.91 ? 120 GLU A O   1 
ATOM   916  C  CB  . GLU A 1 120 ? 1.650   -8.532  -11.857 1.00 20.94 ? 120 GLU A CB  1 
ATOM   917  C  CG  . GLU A 1 120 ? 0.269   -8.061  -12.336 1.00 25.33 ? 120 GLU A CG  1 
ATOM   918  C  CD  . GLU A 1 120 ? 0.059   -6.851  -13.171 1.00 28.24 ? 120 GLU A CD  1 
ATOM   919  O  OE1 . GLU A 1 120 ? 1.088   -6.203  -13.434 1.00 25.99 ? 120 GLU A OE1 1 
ATOM   920  O  OE2 . GLU A 1 120 ? -1.030  -6.436  -13.610 1.00 30.96 ? 120 GLU A OE2 1 
ATOM   921  N  N   . VAL A 1 121 ? 3.271   -9.823  -9.178  1.00 13.42 ? 121 VAL A N   1 
ATOM   922  C  CA  . VAL A 1 121 ? 4.534   -10.228 -8.536  1.00 10.96 ? 121 VAL A CA  1 
ATOM   923  C  C   . VAL A 1 121 ? 4.635   -11.737 -8.355  1.00 14.50 ? 121 VAL A C   1 
ATOM   924  O  O   . VAL A 1 121 ? 5.659   -12.229 -8.829  1.00 13.11 ? 121 VAL A O   1 
ATOM   925  C  CB  . VAL A 1 121 ? 4.755   -9.524  -7.193  1.00 11.04 ? 121 VAL A CB  1 
ATOM   926  C  CG1 . VAL A 1 121 ? 5.927   -9.988  -6.349  1.00 7.80  ? 121 VAL A CG1 1 
ATOM   927  C  CG2 . VAL A 1 121 ? 4.915   -8.029  -7.491  1.00 11.63 ? 121 VAL A CG2 1 
ATOM   928  N  N   . VAL A 1 122 ? 3.674   -12.396 -7.720  1.00 15.36 ? 122 VAL A N   1 
ATOM   929  C  CA  . VAL A 1 122 ? 3.671   -13.832 -7.374  1.00 10.13 ? 122 VAL A CA  1 
ATOM   930  C  C   . VAL A 1 122 ? 3.352   -14.720 -8.536  1.00 11.38 ? 122 VAL A C   1 
ATOM   931  O  O   . VAL A 1 122 ? 3.863   -15.825 -8.614  1.00 11.10 ? 122 VAL A O   1 
ATOM   932  C  CB  . VAL A 1 122 ? 2.682   -14.060 -6.211  1.00 5.89  ? 122 VAL A CB  1 
ATOM   933  C  CG1 . VAL A 1 122 ? 3.184   -13.291 -5.018  1.00 6.70  ? 122 VAL A CG1 1 
ATOM   934  C  CG2 . VAL A 1 122 ? 1.276   -13.702 -6.617  1.00 6.00  ? 122 VAL A CG2 1 
ATOM   935  N  N   . GLY A 1 123 ? 2.580   -14.183 -9.462  1.00 14.80 ? 123 GLY A N   1 
ATOM   936  C  CA  . GLY A 1 123 ? 2.238   -14.925 -10.682 1.00 14.73 ? 123 GLY A CA  1 
ATOM   937  C  C   . GLY A 1 123 ? 1.395   -16.139 -10.395 1.00 12.97 ? 123 GLY A C   1 
ATOM   938  O  O   . GLY A 1 123 ? 0.287   -16.053 -9.859  1.00 17.05 ? 123 GLY A O   1 
ATOM   939  N  N   . ALA A 1 124 ? 1.949   -17.303 -10.791 1.00 16.44 ? 124 ALA A N   1 
ATOM   940  C  CA  . ALA A 1 124 ? 1.234   -18.574 -10.658 1.00 12.69 ? 124 ALA A CA  1 
ATOM   941  C  C   . ALA A 1 124 ? 1.017   -18.939 -9.209  1.00 11.89 ? 124 ALA A C   1 
ATOM   942  O  O   . ALA A 1 124 ? 0.226   -19.893 -9.052  1.00 13.75 ? 124 ALA A O   1 
ATOM   943  C  CB  . ALA A 1 124 ? 1.909   -19.785 -11.321 1.00 16.12 ? 124 ALA A CB  1 
ATOM   944  N  N   . LYS A 1 125 ? 1.733   -18.317 -8.285  1.00 11.93 ? 125 LYS A N   1 
ATOM   945  C  CA  . LYS A 1 125 ? 1.591   -18.547 -6.860  1.00 11.76 ? 125 LYS A CA  1 
ATOM   946  C  C   . LYS A 1 125 ? 0.395   -17.819 -6.235  1.00 8.35  ? 125 LYS A C   1 
ATOM   947  O  O   . LYS A 1 125 ? 0.160   -17.812 -4.990  1.00 9.23  ? 125 LYS A O   1 
ATOM   948  C  CB  . LYS A 1 125 ? 2.877   -18.137 -6.095  1.00 13.10 ? 125 LYS A CB  1 
ATOM   949  C  CG  . LYS A 1 125 ? 4.030   -19.161 -6.326  1.00 13.94 ? 125 LYS A CG  1 
ATOM   950  C  CD  . LYS A 1 125 ? 5.356   -18.779 -5.700  1.00 13.64 ? 125 LYS A CD  1 
ATOM   951  C  CE  . LYS A 1 125 ? 5.807   -17.364 -6.000  1.00 16.65 ? 125 LYS A CE  1 
ATOM   952  N  NZ  . LYS A 1 125 ? 6.790   -17.400 -7.139  1.00 15.49 ? 125 LYS A NZ  1 
ATOM   953  N  N   . TRP A 1 126 ? -0.336  -17.138 -7.095  1.00 5.86  ? 126 TRP A N   1 
ATOM   954  C  CA  . TRP A 1 126 ? -1.472  -16.369 -6.500  1.00 12.39 ? 126 TRP A CA  1 
ATOM   955  C  C   . TRP A 1 126 ? -2.591  -17.280 -6.094  1.00 11.93 ? 126 TRP A C   1 
ATOM   956  O  O   . TRP A 1 126 ? -2.984  -18.268 -6.769  1.00 14.09 ? 126 TRP A O   1 
ATOM   957  C  CB  . TRP A 1 126 ? -1.727  -15.274 -7.545  1.00 11.99 ? 126 TRP A CB  1 
ATOM   958  C  CG  . TRP A 1 126 ? -2.619  -14.209 -6.978  1.00 16.50 ? 126 TRP A CG  1 
ATOM   959  C  CD1 . TRP A 1 126 ? -2.378  -13.093 -6.257  1.00 14.34 ? 126 TRP A CD1 1 
ATOM   960  C  CD2 . TRP A 1 126 ? -4.049  -14.340 -7.067  1.00 17.43 ? 126 TRP A CD2 1 
ATOM   961  N  NE1 . TRP A 1 126 ? -3.571  -12.468 -5.932  1.00 16.38 ? 126 TRP A NE1 1 
ATOM   962  C  CE2 . TRP A 1 126 ? -4.600  -13.197 -6.468  1.00 15.50 ? 126 TRP A CE2 1 
ATOM   963  C  CE3 . TRP A 1 126 ? -4.872  -15.298 -7.671  1.00 20.35 ? 126 TRP A CE3 1 
ATOM   964  C  CZ2 . TRP A 1 126 ? -5.960  -13.042 -6.424  1.00 20.31 ? 126 TRP A CZ2 1 
ATOM   965  C  CZ3 . TRP A 1 126 ? -6.238  -15.150 -7.594  1.00 23.72 ? 126 TRP A CZ3 1 
ATOM   966  C  CH2 . TRP A 1 126 ? -6.779  -14.061 -6.942  1.00 21.49 ? 126 TRP A CH2 1 
ATOM   967  N  N   . SER A 1 127 ? -3.133  -16.921 -4.918  1.00 14.39 ? 127 SER A N   1 
ATOM   968  C  CA  . SER A 1 127 ? -4.258  -17.586 -4.274  1.00 12.02 ? 127 SER A CA  1 
ATOM   969  C  C   . SER A 1 127 ? -5.301  -16.603 -3.764  1.00 13.29 ? 127 SER A C   1 
ATOM   970  O  O   . SER A 1 127 ? -5.061  -15.472 -3.372  1.00 10.85 ? 127 SER A O   1 
ATOM   971  C  CB  . SER A 1 127 ? -3.897  -18.450 -3.049  1.00 7.52  ? 127 SER A CB  1 
ATOM   972  O  OG  . SER A 1 127 ? -3.113  -17.915 -2.035  1.00 11.46 ? 127 SER A OG  1 
ATOM   973  N  N   . GLU A 1 128 ? -6.457  -17.221 -3.462  1.00 17.46 ? 128 GLU A N   1 
ATOM   974  C  CA  . GLU A 1 128 ? -7.524  -16.449 -2.826  1.00 18.79 ? 128 GLU A CA  1 
ATOM   975  C  C   . GLU A 1 128 ? -7.083  -16.173 -1.392  1.00 14.15 ? 128 GLU A C   1 
ATOM   976  O  O   . GLU A 1 128 ? -7.447  -15.116 -0.856  1.00 14.86 ? 128 GLU A O   1 
ATOM   977  C  CB  . GLU A 1 128 ? -8.880  -17.094 -2.795  1.00 23.91 ? 128 GLU A CB  1 
ATOM   978  C  CG  . GLU A 1 128 ? -9.850  -16.717 -3.924  1.00 40.99 ? 128 GLU A CG  1 
ATOM   979  C  CD  . GLU A 1 128 ? -11.262 -16.299 -3.621  1.00 48.44 ? 128 GLU A CD  1 
ATOM   980  O  OE1 . GLU A 1 128 ? -11.864 -16.907 -2.671  1.00 49.91 ? 128 GLU A OE1 1 
ATOM   981  O  OE2 . GLU A 1 128 ? -11.859 -15.457 -4.332  1.00 50.84 ? 128 GLU A OE2 1 
ATOM   982  N  N   . GLU A 1 129 ? -6.331  -16.977 -0.733  1.00 12.93 ? 129 GLU A N   1 
ATOM   983  C  CA  . GLU A 1 129 ? -5.860  -16.813 0.631   1.00 16.30 ? 129 GLU A CA  1 
ATOM   984  C  C   . GLU A 1 129 ? -4.890  -15.649 0.818   1.00 17.09 ? 129 GLU A C   1 
ATOM   985  O  O   . GLU A 1 129 ? -4.786  -15.030 1.899   1.00 13.02 ? 129 GLU A O   1 
ATOM   986  C  CB  . GLU A 1 129 ? -5.130  -18.066 1.081   1.00 16.09 ? 129 GLU A CB  1 
ATOM   987  C  CG  . GLU A 1 129 ? -4.628  -18.053 2.542   1.00 23.84 ? 129 GLU A CG  1 
ATOM   988  C  CD  . GLU A 1 129 ? -5.620  -18.560 3.557   1.00 27.01 ? 129 GLU A CD  1 
ATOM   989  O  OE1 . GLU A 1 129 ? -6.784  -18.081 3.442   1.00 28.27 ? 129 GLU A OE1 1 
ATOM   990  O  OE2 . GLU A 1 129 ? -5.213  -19.322 4.433   1.00 27.29 ? 129 GLU A OE2 1 
ATOM   991  N  N   . LEU A 1 130 ? -4.064  -15.455 -0.204  1.00 16.95 ? 130 LEU A N   1 
ATOM   992  C  CA  . LEU A 1 130 ? -3.056  -14.410 -0.282  1.00 10.22 ? 130 LEU A CA  1 
ATOM   993  C  C   . LEU A 1 130 ? -3.795  -13.114 -0.517  1.00 7.93  ? 130 LEU A C   1 
ATOM   994  O  O   . LEU A 1 130 ? -3.520  -12.152 0.139   1.00 8.48  ? 130 LEU A O   1 
ATOM   995  C  CB  . LEU A 1 130 ? -2.015  -14.725 -1.368  1.00 11.87 ? 130 LEU A CB  1 
ATOM   996  C  CG  . LEU A 1 130 ? -1.067  -13.565 -1.718  1.00 10.67 ? 130 LEU A CG  1 
ATOM   997  C  CD1 . LEU A 1 130 ? -0.108  -13.300 -0.568  1.00 19.10 ? 130 LEU A CD1 1 
ATOM   998  C  CD2 . LEU A 1 130 ? -0.333  -13.954 -2.976  1.00 15.75 ? 130 LEU A CD2 1 
ATOM   999  N  N   . ASN A 1 131 ? -4.746  -13.105 -1.436  1.00 9.59  ? 131 ASN A N   1 
ATOM   1000 C  CA  . ASN A 1 131 ? -5.524  -11.933 -1.769  1.00 9.75  ? 131 ASN A CA  1 
ATOM   1001 C  C   . ASN A 1 131 ? -6.274  -11.389 -0.566  1.00 8.14  ? 131 ASN A C   1 
ATOM   1002 O  O   . ASN A 1 131 ? -6.301  -10.226 -0.181  1.00 8.92  ? 131 ASN A O   1 
ATOM   1003 C  CB  . ASN A 1 131 ? -6.565  -12.268 -2.827  1.00 11.48 ? 131 ASN A CB  1 
ATOM   1004 C  CG  . ASN A 1 131 ? -7.333  -11.041 -3.264  1.00 13.33 ? 131 ASN A CG  1 
ATOM   1005 O  OD1 . ASN A 1 131 ? -8.518  -10.943 -2.946  1.00 17.46 ? 131 ASN A OD1 1 
ATOM   1006 N  ND2 . ASN A 1 131 ? -6.723  -10.189 -4.103  1.00 18.35 ? 131 ASN A ND2 1 
ATOM   1007 N  N   . SER A 1 132 ? -6.898  -12.313 0.161   1.00 12.18 ? 132 SER A N   1 
ATOM   1008 C  CA  . SER A 1 132 ? -7.705  -11.881 1.330   1.00 10.91 ? 132 SER A CA  1 
ATOM   1009 C  C   . SER A 1 132 ? -6.783  -11.493 2.467   1.00 9.58  ? 132 SER A C   1 
ATOM   1010 O  O   . SER A 1 132 ? -6.965  -10.621 3.351   1.00 4.84  ? 132 SER A O   1 
ATOM   1011 C  CB  . SER A 1 132 ? -8.662  -13.034 1.617   1.00 13.64 ? 132 SER A CB  1 
ATOM   1012 O  OG  . SER A 1 132 ? -7.824  -13.671 2.573   1.00 20.92 ? 132 SER A OG  1 
ATOM   1013 N  N   . ALA A 1 133 ? -5.581  -11.939 2.480   1.00 8.81  ? 133 ALA A N   1 
ATOM   1014 C  CA  . ALA A 1 133 ? -4.633  -11.580 3.534   1.00 7.04  ? 133 ALA A CA  1 
ATOM   1015 C  C   . ALA A 1 133 ? -4.236  -10.115 3.335   1.00 9.43  ? 133 ALA A C   1 
ATOM   1016 O  O   . ALA A 1 133 ? -4.127  -9.438  4.378   1.00 10.36 ? 133 ALA A O   1 
ATOM   1017 C  CB  . ALA A 1 133 ? -3.460  -12.565 3.528   1.00 12.46 ? 133 ALA A CB  1 
ATOM   1018 N  N   . TRP A 1 134 ? -3.875  -9.738  2.119   1.00 10.10 ? 134 TRP A N   1 
ATOM   1019 C  CA  . TRP A 1 134 ? -3.424  -8.394  1.708   1.00 3.72  ? 134 TRP A CA  1 
ATOM   1020 C  C   . TRP A 1 134 ? -4.608  -7.470  1.949   1.00 4.60  ? 134 TRP A C   1 
ATOM   1021 O  O   . TRP A 1 134 ? -4.336  -6.336  2.460   1.00 6.79  ? 134 TRP A O   1 
ATOM   1022 C  CB  . TRP A 1 134 ? -2.901  -8.253  0.262   1.00 2.35  ? 134 TRP A CB  1 
ATOM   1023 C  CG  . TRP A 1 134 ? -1.433  -8.523  0.141   1.00 2.10  ? 134 TRP A CG  1 
ATOM   1024 C  CD1 . TRP A 1 134 ? -0.956  -9.731  -0.248  1.00 1.32  ? 134 TRP A CD1 1 
ATOM   1025 C  CD2 . TRP A 1 134 ? -0.250  -7.738  0.435   1.00 5.22  ? 134 TRP A CD2 1 
ATOM   1026 N  NE1 . TRP A 1 134 ? 0.435   -9.746  -0.095  1.00 9.30  ? 134 TRP A NE1 1 
ATOM   1027 C  CE2 . TRP A 1 134 ? 0.869   -8.509  0.270   1.00 4.01  ? 134 TRP A CE2 1 
ATOM   1028 C  CE3 . TRP A 1 134 ? -0.044  -6.388  0.864   1.00 6.11  ? 134 TRP A CE3 1 
ATOM   1029 C  CZ2 . TRP A 1 134 ? 2.200   -8.108  0.452   1.00 7.72  ? 134 TRP A CZ2 1 
ATOM   1030 C  CZ3 . TRP A 1 134 ? 1.258   -5.968  1.031   1.00 10.04 ? 134 TRP A CZ3 1 
ATOM   1031 C  CH2 . TRP A 1 134 ? 2.373   -6.792  0.892   1.00 9.68  ? 134 TRP A CH2 1 
ATOM   1032 N  N   . THR A 1 135 ? -5.801  -7.875  1.542   1.00 5.20  ? 135 THR A N   1 
ATOM   1033 C  CA  . THR A 1 135 ? -7.027  -7.095  1.805   1.00 6.76  ? 135 THR A CA  1 
ATOM   1034 C  C   . THR A 1 135 ? -7.246  -6.758  3.275   1.00 5.37  ? 135 THR A C   1 
ATOM   1035 O  O   . THR A 1 135 ? -7.471  -5.605  3.688   1.00 10.77 ? 135 THR A O   1 
ATOM   1036 C  CB  . THR A 1 135 ? -8.307  -7.800  1.235   1.00 1.32  ? 135 THR A CB  1 
ATOM   1037 O  OG1 . THR A 1 135 ? -8.107  -7.889  -0.215  1.00 11.49 ? 135 THR A OG1 1 
ATOM   1038 C  CG2 . THR A 1 135 ? -9.611  -7.053  1.456   1.00 6.72  ? 135 THR A CG2 1 
ATOM   1039 N  N   . ILE A 1 136 ? -7.204  -7.708  4.229   1.00 11.13 ? 136 ILE A N   1 
ATOM   1040 C  CA  . ILE A 1 136 ? -7.388  -7.410  5.658   1.00 6.15  ? 136 ILE A CA  1 
ATOM   1041 C  C   . ILE A 1 136 ? -6.340  -6.426  6.075   1.00 5.77  ? 136 ILE A C   1 
ATOM   1042 O  O   . ILE A 1 136 ? -6.781  -5.399  6.604   1.00 7.08  ? 136 ILE A O   1 
ATOM   1043 C  CB  . ILE A 1 136 ? -7.363  -8.694  6.600   1.00 9.97  ? 136 ILE A CB  1 
ATOM   1044 C  CG1 . ILE A 1 136 ? -8.552  -9.595  6.171   1.00 6.69  ? 136 ILE A CG1 1 
ATOM   1045 C  CG2 . ILE A 1 136 ? -7.429  -8.520  8.154   1.00 5.87  ? 136 ILE A CG2 1 
ATOM   1046 C  CD1 . ILE A 1 136 ? -8.677  -11.023 6.780   1.00 9.33  ? 136 ILE A CD1 1 
ATOM   1047 N  N   . ALA A 1 137 ? -5.064  -6.712  5.763   1.00 6.25  ? 137 ALA A N   1 
ATOM   1048 C  CA  . ALA A 1 137 ? -4.032  -5.836  6.347   1.00 9.68  ? 137 ALA A CA  1 
ATOM   1049 C  C   . ALA A 1 137 ? -4.207  -4.390  5.879   1.00 10.25 ? 137 ALA A C   1 
ATOM   1050 O  O   . ALA A 1 137 ? -4.043  -3.504  6.715   1.00 11.39 ? 137 ALA A O   1 
ATOM   1051 C  CB  . ALA A 1 137 ? -2.669  -6.440  6.059   1.00 6.57  ? 137 ALA A CB  1 
ATOM   1052 N  N   . TYR A 1 138 ? -4.500  -4.204  4.586   1.00 6.11  ? 138 TYR A N   1 
ATOM   1053 C  CA  . TYR A 1 138 ? -4.715  -2.899  4.032   1.00 4.68  ? 138 TYR A CA  1 
ATOM   1054 C  C   . TYR A 1 138 ? -5.880  -2.247  4.747   1.00 3.38  ? 138 TYR A C   1 
ATOM   1055 O  O   . TYR A 1 138 ? -5.749  -1.134  5.227   1.00 10.06 ? 138 TYR A O   1 
ATOM   1056 C  CB  . TYR A 1 138 ? -4.993  -2.914  2.499   1.00 5.71  ? 138 TYR A CB  1 
ATOM   1057 C  CG  . TYR A 1 138 ? -5.073  -1.500  1.952   1.00 8.12  ? 138 TYR A CG  1 
ATOM   1058 C  CD1 . TYR A 1 138 ? -3.934  -0.785  1.565   1.00 7.02  ? 138 TYR A CD1 1 
ATOM   1059 C  CD2 . TYR A 1 138 ? -6.311  -0.885  1.779   1.00 5.26  ? 138 TYR A CD2 1 
ATOM   1060 C  CE1 . TYR A 1 138 ? -4.031  0.506   1.063   1.00 12.12 ? 138 TYR A CE1 1 
ATOM   1061 C  CE2 . TYR A 1 138 ? -6.410  0.418   1.329   1.00 9.48  ? 138 TYR A CE2 1 
ATOM   1062 C  CZ  . TYR A 1 138 ? -5.255  1.107   0.951   1.00 4.82  ? 138 TYR A CZ  1 
ATOM   1063 O  OH  . TYR A 1 138 ? -5.409  2.322   0.366   1.00 10.41 ? 138 TYR A OH  1 
ATOM   1064 N  N   . ASP A 1 139 ? -7.094  -2.765  4.665   1.00 10.48 ? 139 ASP A N   1 
ATOM   1065 C  CA  . ASP A 1 139 ? -8.302  -2.246  5.318   1.00 6.34  ? 139 ASP A CA  1 
ATOM   1066 C  C   . ASP A 1 139 ? -8.077  -1.940  6.804   1.00 7.99  ? 139 ASP A C   1 
ATOM   1067 O  O   . ASP A 1 139 ? -8.731  -0.972  7.212   1.00 3.70  ? 139 ASP A O   1 
ATOM   1068 C  CB  . ASP A 1 139 ? -9.365  -3.292  5.169   1.00 9.74  ? 139 ASP A CB  1 
ATOM   1069 C  CG  . ASP A 1 139 ? -10.047 -3.395  3.861   1.00 9.09  ? 139 ASP A CG  1 
ATOM   1070 O  OD1 . ASP A 1 139 ? -9.731  -2.703  2.931   1.00 14.94 ? 139 ASP A OD1 1 
ATOM   1071 O  OD2 . ASP A 1 139 ? -10.875 -4.325  3.757   1.00 11.21 ? 139 ASP A OD2 1 
ATOM   1072 N  N   . GLU A 1 140 ? -7.334  -2.659  7.634   1.00 11.26 ? 140 GLU A N   1 
ATOM   1073 C  CA  . GLU A 1 140 ? -7.053  -2.381  9.048   1.00 11.76 ? 140 GLU A CA  1 
ATOM   1074 C  C   . GLU A 1 140 ? -6.095  -1.204  9.239   1.00 13.36 ? 140 GLU A C   1 
ATOM   1075 O  O   . GLU A 1 140 ? -6.223  -0.393  10.174  1.00 11.06 ? 140 GLU A O   1 
ATOM   1076 C  CB  . GLU A 1 140 ? -6.447  -3.544  9.849   1.00 9.66  ? 140 GLU A CB  1 
ATOM   1077 C  CG  . GLU A 1 140 ? -7.431  -4.677  10.081  1.00 16.82 ? 140 GLU A CG  1 
ATOM   1078 C  CD  . GLU A 1 140 ? -8.756  -4.332  10.699  1.00 17.98 ? 140 GLU A CD  1 
ATOM   1079 O  OE1 . GLU A 1 140 ? -9.014  -3.427  11.505  1.00 13.99 ? 140 GLU A OE1 1 
ATOM   1080 O  OE2 . GLU A 1 140 ? -9.619  -5.140  10.258  1.00 16.37 ? 140 GLU A OE2 1 
ATOM   1081 N  N   . LEU A 1 141 ? -5.116  -1.154  8.312   1.00 14.82 ? 141 LEU A N   1 
ATOM   1082 C  CA  . LEU A 1 141 ? -4.211  -0.010  8.311   1.00 6.51  ? 141 LEU A CA  1 
ATOM   1083 C  C   . LEU A 1 141 ? -4.974  1.182   7.807   1.00 9.69  ? 141 LEU A C   1 
ATOM   1084 O  O   . LEU A 1 141 ? -4.845  2.189   8.565   1.00 7.05  ? 141 LEU A O   1 
ATOM   1085 C  CB  . LEU A 1 141 ? -2.941  -0.497  7.557   1.00 8.09  ? 141 LEU A CB  1 
ATOM   1086 C  CG  . LEU A 1 141 ? -1.838  0.600   7.503   1.00 3.86  ? 141 LEU A CG  1 
ATOM   1087 C  CD1 . LEU A 1 141 ? -1.232  0.924   8.848   1.00 4.13  ? 141 LEU A CD1 1 
ATOM   1088 C  CD2 . LEU A 1 141 ? -0.757  0.031   6.616   1.00 4.24  ? 141 LEU A CD2 1 
ATOM   1089 N  N   . ALA A 1 142 ? -5.846  1.273   6.815   1.00 6.66  ? 142 ALA A N   1 
ATOM   1090 C  CA  . ALA A 1 142 ? -6.598  2.412   6.351   1.00 10.29 ? 142 ALA A CA  1 
ATOM   1091 C  C   . ALA A 1 142 ? -7.556  2.951   7.397   1.00 6.57  ? 142 ALA A C   1 
ATOM   1092 O  O   . ALA A 1 142 ? -7.825  4.174   7.565   1.00 12.07 ? 142 ALA A O   1 
ATOM   1093 C  CB  . ALA A 1 142 ? -7.415  2.068   5.082   1.00 8.46  ? 142 ALA A CB  1 
ATOM   1094 N  N   . ILE A 1 143 ? -7.992  2.071   8.310   1.00 13.59 ? 143 ILE A N   1 
ATOM   1095 C  CA  . ILE A 1 143 ? -8.919  2.557   9.371   1.00 13.72 ? 143 ILE A CA  1 
ATOM   1096 C  C   . ILE A 1 143 ? -8.220  3.480   10.369  1.00 16.29 ? 143 ILE A C   1 
ATOM   1097 O  O   . ILE A 1 143 ? -8.846  4.525   10.797  1.00 14.76 ? 143 ILE A O   1 
ATOM   1098 C  CB  . ILE A 1 143 ? -9.712  1.386   10.071  1.00 14.95 ? 143 ILE A CB  1 
ATOM   1099 C  CG1 . ILE A 1 143 ? -10.910 1.086   9.156   1.00 13.39 ? 143 ILE A CG1 1 
ATOM   1100 C  CG2 . ILE A 1 143 ? -10.111 1.746   11.528  1.00 14.25 ? 143 ILE A CG2 1 
ATOM   1101 C  CD1 . ILE A 1 143 ? -11.486 -0.314  9.055   1.00 16.10 ? 143 ILE A CD1 1 
ATOM   1102 N  N   . VAL A 1 144 ? -7.045  3.060   10.755  1.00 13.52 ? 144 VAL A N   1 
ATOM   1103 C  CA  . VAL A 1 144 ? -6.193  3.753   11.687  1.00 15.12 ? 144 VAL A CA  1 
ATOM   1104 C  C   . VAL A 1 144 ? -5.662  5.066   11.083  1.00 17.72 ? 144 VAL A C   1 
ATOM   1105 O  O   . VAL A 1 144 ? -5.527  6.069   11.771  1.00 16.80 ? 144 VAL A O   1 
ATOM   1106 C  CB  . VAL A 1 144 ? -4.989  2.882   12.124  1.00 16.73 ? 144 VAL A CB  1 
ATOM   1107 C  CG1 . VAL A 1 144 ? -4.104  3.738   13.047  1.00 17.27 ? 144 VAL A CG1 1 
ATOM   1108 C  CG2 . VAL A 1 144 ? -5.401  1.569   12.719  1.00 15.00 ? 144 VAL A CG2 1 
ATOM   1109 N  N   . ILE A 1 145 ? -5.373  5.023   9.774   1.00 18.06 ? 145 ILE A N   1 
ATOM   1110 C  CA  . ILE A 1 145 ? -4.871  6.169   9.063   1.00 13.10 ? 145 ILE A CA  1 
ATOM   1111 C  C   . ILE A 1 145 ? -5.963  7.215   8.944   1.00 13.79 ? 145 ILE A C   1 
ATOM   1112 O  O   . ILE A 1 145 ? -5.685  8.362   9.377   1.00 20.12 ? 145 ILE A O   1 
ATOM   1113 C  CB  . ILE A 1 145 ? -4.280  5.778   7.671   1.00 15.49 ? 145 ILE A CB  1 
ATOM   1114 C  CG1 . ILE A 1 145 ? -2.869  5.157   7.937   1.00 9.22  ? 145 ILE A CG1 1 
ATOM   1115 C  CG2 . ILE A 1 145 ? -4.253  6.972   6.737   1.00 16.19 ? 145 ILE A CG2 1 
ATOM   1116 C  CD1 . ILE A 1 145 ? -2.170  4.899   6.560   1.00 16.26 ? 145 ILE A CD1 1 
ATOM   1117 N  N   . LYS A 1 146 ? -7.088  6.834   8.412   1.00 15.03 ? 146 LYS A N   1 
ATOM   1118 C  CA  . LYS A 1 146 ? -8.274  7.669   8.242   1.00 14.61 ? 146 LYS A CA  1 
ATOM   1119 C  C   . LYS A 1 146 ? -8.721  8.314   9.542   1.00 17.34 ? 146 LYS A C   1 
ATOM   1120 O  O   . LYS A 1 146 ? -9.376  9.371   9.470   1.00 23.20 ? 146 LYS A O   1 
ATOM   1121 C  CB  . LYS A 1 146 ? -9.462  6.876   7.757   1.00 7.34  ? 146 LYS A CB  1 
ATOM   1122 C  CG  . LYS A 1 146 ? -9.488  6.618   6.258   1.00 14.49 ? 146 LYS A CG  1 
ATOM   1123 C  CD  . LYS A 1 146 ? -10.099 5.220   6.076   1.00 17.39 ? 146 LYS A CD  1 
ATOM   1124 C  CE  . LYS A 1 146 ? -11.159 5.184   4.989   1.00 15.17 ? 146 LYS A CE  1 
ATOM   1125 N  NZ  . LYS A 1 146 ? -11.913 3.893   5.263   1.00 19.74 ? 146 LYS A NZ  1 
ATOM   1126 N  N   . LYS A 1 147 ? -8.471  7.696   10.663  1.00 16.13 ? 147 LYS A N   1 
ATOM   1127 C  CA  . LYS A 1 147 ? -8.764  8.138   12.009  1.00 21.43 ? 147 LYS A CA  1 
ATOM   1128 C  C   . LYS A 1 147 ? -7.858  9.320   12.337  1.00 21.26 ? 147 LYS A C   1 
ATOM   1129 O  O   . LYS A 1 147 ? -8.199  10.355  12.919  1.00 21.20 ? 147 LYS A O   1 
ATOM   1130 C  CB  . LYS A 1 147 ? -8.555  6.988   12.979  1.00 26.67 ? 147 LYS A CB  1 
ATOM   1131 C  CG  . LYS A 1 147 ? -8.819  7.134   14.467  1.00 29.60 ? 147 LYS A CG  1 
ATOM   1132 C  CD  . LYS A 1 147 ? -8.838  5.771   15.187  1.00 33.45 ? 147 LYS A CD  1 
ATOM   1133 C  CE  . LYS A 1 147 ? -7.507  5.059   15.189  1.00 34.33 ? 147 LYS A CE  1 
ATOM   1134 N  NZ  . LYS A 1 147 ? -7.619  3.681   15.757  1.00 33.75 ? 147 LYS A NZ  1 
ATOM   1135 N  N   . GLU A 1 148 ? -6.595  9.097   11.963  1.00 22.56 ? 148 GLU A N   1 
ATOM   1136 C  CA  . GLU A 1 148 ? -5.580  10.146  12.251  1.00 20.07 ? 148 GLU A CA  1 
ATOM   1137 C  C   . GLU A 1 148 ? -5.779  11.341  11.363  1.00 23.61 ? 148 GLU A C   1 
ATOM   1138 O  O   . GLU A 1 148 ? -5.556  12.510  11.737  1.00 29.05 ? 148 GLU A O   1 
ATOM   1139 C  CB  . GLU A 1 148 ? -4.258  9.456   12.110  1.00 18.13 ? 148 GLU A CB  1 
ATOM   1140 C  CG  . GLU A 1 148 ? -4.080  8.230   13.008  1.00 27.53 ? 148 GLU A CG  1 
ATOM   1141 C  CD  . GLU A 1 148 ? -4.398  8.525   14.461  1.00 32.73 ? 148 GLU A CD  1 
ATOM   1142 O  OE1 . GLU A 1 148 ? -3.849  9.417   15.080  1.00 36.15 ? 148 GLU A OE1 1 
ATOM   1143 O  OE2 . GLU A 1 148 ? -5.304  7.798   14.941  1.00 38.63 ? 148 GLU A OE2 1 
ATOM   1144 N  N   . MET A 1 149 ? -6.253  11.161  10.156  1.00 25.27 ? 149 MET A N   1 
ATOM   1145 C  CA  . MET A 1 149 ? -6.580  12.146  9.184   1.00 25.22 ? 149 MET A CA  1 
ATOM   1146 C  C   . MET A 1 149 ? -7.668  13.105  9.660   1.00 32.31 ? 149 MET A C   1 
ATOM   1147 O  O   . MET A 1 149 ? -7.540  14.333  9.544   1.00 32.13 ? 149 MET A O   1 
ATOM   1148 C  CB  . MET A 1 149 ? -7.104  11.469  7.895   1.00 20.09 ? 149 MET A CB  1 
ATOM   1149 C  CG  . MET A 1 149 ? -5.858  11.015  7.178   1.00 17.77 ? 149 MET A CG  1 
ATOM   1150 S  SD  . MET A 1 149 ? -6.347  10.229  5.644   1.00 17.97 ? 149 MET A SD  1 
ATOM   1151 C  CE  . MET A 1 149 ? -7.468  11.381  4.903   1.00 17.55 ? 149 MET A CE  1 
ATOM   1152 N  N   . ASP A 1 150 ? -8.725  12.464  10.079  1.00 37.70 ? 150 ASP A N   1 
ATOM   1153 C  CA  . ASP A 1 150 ? -9.986  12.983  10.525  1.00 46.65 ? 150 ASP A CA  1 
ATOM   1154 C  C   . ASP A 1 150 ? -9.944  13.836  11.781  1.00 51.56 ? 150 ASP A C   1 
ATOM   1155 O  O   . ASP A 1 150 ? -10.784 14.757  11.932  1.00 52.30 ? 150 ASP A O   1 
ATOM   1156 C  CB  . ASP A 1 150 ? -10.959 11.801  10.777  1.00 50.84 ? 150 ASP A CB  1 
ATOM   1157 C  CG  . ASP A 1 150 ? -11.845 11.692  9.536   1.00 57.11 ? 150 ASP A CG  1 
ATOM   1158 O  OD1 . ASP A 1 150 ? -11.368 11.320  8.442   1.00 61.57 ? 150 ASP A OD1 1 
ATOM   1159 O  OD2 . ASP A 1 150 ? -13.025 12.067  9.723   1.00 60.78 ? 150 ASP A OD2 1 
ATOM   1160 N  N   . ASP A 1 151 ? -8.986  13.487  12.607  1.00 55.70 ? 151 ASP A N   1 
ATOM   1161 C  CA  . ASP A 1 151 ? -8.901  14.301  13.879  1.00 63.83 ? 151 ASP A CA  1 
ATOM   1162 C  C   . ASP A 1 151 ? -8.500  15.702  13.423  1.00 66.78 ? 151 ASP A C   1 
ATOM   1163 O  O   . ASP A 1 151 ? -9.212  16.679  13.806  1.00 68.51 ? 151 ASP A O   1 
ATOM   1164 C  CB  . ASP A 1 151 ? -8.094  13.455  14.851  1.00 65.60 ? 151 ASP A CB  1 
ATOM   1165 C  CG  . ASP A 1 151 ? -8.827  12.173  15.276  1.00 66.18 ? 151 ASP A CG  1 
ATOM   1166 O  OD1 . ASP A 1 151 ? -10.063 12.029  15.322  1.00 66.85 ? 151 ASP A OD1 1 
ATOM   1167 O  OD2 . ASP A 1 151 ? -8.063  11.248  15.641  1.00 66.55 ? 151 ASP A OD2 1 
ATOM   1168 N  N   . ALA A 1 152 ? -7.591  15.826  12.466  1.00 70.06 ? 152 ALA A N   1 
ATOM   1169 C  CA  . ALA A 1 152 ? -7.130  17.096  11.897  1.00 70.38 ? 152 ALA A CA  1 
ATOM   1170 C  C   . ALA A 1 152 ? -7.986  17.670  10.768  1.00 70.92 ? 152 ALA A C   1 
ATOM   1171 O  O   . ALA A 1 152 ? -7.795  18.876  10.466  1.00 71.48 ? 152 ALA A O   1 
ATOM   1172 C  CB  . ALA A 1 152 ? -5.702  16.951  11.362  1.00 69.15 ? 152 ALA A CB  1 
ATOM   1173 N  N   . ALA A 1 153 ? -8.809  16.893  10.118  1.00 72.20 ? 153 ALA A N   1 
ATOM   1174 C  CA  . ALA A 1 153 ? -9.698  17.293  9.027   1.00 72.98 ? 153 ALA A CA  1 
ATOM   1175 C  C   . ALA A 1 153 ? -10.448 16.073  8.464   1.00 73.86 ? 153 ALA A C   1 
ATOM   1176 O  O   . ALA A 1 153 ? -9.748  15.218  7.865   1.00 75.14 ? 153 ALA A O   1 
ATOM   1177 C  CB  . ALA A 1 153 ? -8.966  18.004  7.894   1.00 73.04 ? 153 ALA A CB  1 
HETATM 1178 C  CHA . HEM B 2 .   ? 2.533   9.794   1.276   1.00 10.51 ? 154 HEM A CHA 1 
HETATM 1179 C  CHB . HEM B 2 .   ? 1.692   5.323   3.102   1.00 7.99  ? 154 HEM A CHB 1 
HETATM 1180 C  CHC . HEM B 2 .   ? -2.832  5.618   1.368   1.00 8.01  ? 154 HEM A CHC 1 
HETATM 1181 C  CHD . HEM B 2 .   ? -1.510  9.404   -1.290  1.00 10.03 ? 154 HEM A CHD 1 
HETATM 1182 C  C1A . HEM B 2 .   ? 2.603   8.575   1.919   1.00 11.50 ? 154 HEM A C1A 1 
HETATM 1183 C  C2A . HEM B 2 .   ? 3.809   8.107   2.534   1.00 12.42 ? 154 HEM A C2A 1 
HETATM 1184 C  C3A . HEM B 2 .   ? 3.600   6.923   3.060   1.00 11.78 ? 154 HEM A C3A 1 
HETATM 1185 C  C4A . HEM B 2 .   ? 2.235   6.547   2.716   1.00 13.07 ? 154 HEM A C4A 1 
HETATM 1186 C  CMA . HEM B 2 .   ? 4.514   6.112   3.983   1.00 10.81 ? 154 HEM A CMA 1 
HETATM 1187 C  CAA . HEM B 2 .   ? 5.094   8.987   2.705   1.00 18.99 ? 154 HEM A CAA 1 
HETATM 1188 C  CBA . HEM B 2 .   ? 5.083   9.773   4.030   1.00 24.87 ? 154 HEM A CBA 1 
HETATM 1189 C  CGA . HEM B 2 .   ? 6.386   10.477  4.305   1.00 30.96 ? 154 HEM A CGA 1 
HETATM 1190 O  O1A . HEM B 2 .   ? 6.337   11.722  4.091   1.00 34.40 ? 154 HEM A O1A 1 
HETATM 1191 O  O2A . HEM B 2 .   ? 7.397   9.762   4.571   1.00 36.74 ? 154 HEM A O2A 1 
HETATM 1192 C  C1B . HEM B 2 .   ? 0.385   5.025   2.859   1.00 7.59  ? 154 HEM A C1B 1 
HETATM 1193 C  C2B . HEM B 2 .   ? -0.311  3.836   3.241   1.00 10.72 ? 154 HEM A C2B 1 
HETATM 1194 C  C3B . HEM B 2 .   ? -1.587  3.979   2.889   1.00 8.02  ? 154 HEM A C3B 1 
HETATM 1195 C  C4B . HEM B 2 .   ? -1.668  5.144   2.024   1.00 7.40  ? 154 HEM A C4B 1 
HETATM 1196 C  CMB . HEM B 2 .   ? 0.416   2.829   4.191   1.00 4.89  ? 154 HEM A CMB 1 
HETATM 1197 C  CAB . HEM B 2 .   ? -2.759  2.948   2.981   1.00 5.12  ? 154 HEM A CAB 1 
HETATM 1198 C  CBB . HEM B 2 .   ? -2.888  2.058   4.029   1.00 4.82  ? 154 HEM A CBB 1 
HETATM 1199 C  C1C . HEM B 2 .   ? -2.950  6.705   0.516   1.00 5.23  ? 154 HEM A C1C 1 
HETATM 1200 C  C2C . HEM B 2 .   ? -3.971  6.956   -0.455  1.00 7.37  ? 154 HEM A C2C 1 
HETATM 1201 C  C3C . HEM B 2 .   ? -3.582  8.038   -1.190  1.00 7.48  ? 154 HEM A C3C 1 
HETATM 1202 C  C4C . HEM B 2 .   ? -2.239  8.360   -0.736  1.00 12.68 ? 154 HEM A C4C 1 
HETATM 1203 C  CMC . HEM B 2 .   ? -5.322  6.294   -0.585  1.00 6.38  ? 154 HEM A CMC 1 
HETATM 1204 C  CAC . HEM B 2 .   ? -4.315  8.771   -2.301  1.00 7.61  ? 154 HEM A CAC 1 
HETATM 1205 C  CBC . HEM B 2 .   ? -4.238  8.606   -3.628  1.00 6.96  ? 154 HEM A CBC 1 
HETATM 1206 C  C1D . HEM B 2 .   ? -0.353  9.856   -0.776  1.00 12.77 ? 154 HEM A C1D 1 
HETATM 1207 C  C2D . HEM B 2 .   ? 0.357   11.049  -1.198  1.00 12.24 ? 154 HEM A C2D 1 
HETATM 1208 C  C3D . HEM B 2 .   ? 1.487   11.113  -0.535  1.00 12.15 ? 154 HEM A C3D 1 
HETATM 1209 C  C4D . HEM B 2 .   ? 1.527   10.039  0.381   1.00 14.02 ? 154 HEM A C4D 1 
HETATM 1210 C  CMD . HEM B 2 .   ? -0.203  12.031  -2.298  1.00 13.86 ? 154 HEM A CMD 1 
HETATM 1211 C  CAD . HEM B 2 .   ? 2.559   12.256  -0.642  1.00 18.13 ? 154 HEM A CAD 1 
HETATM 1212 C  CBD . HEM B 2 .   ? 3.987   11.896  -1.016  1.00 24.66 ? 154 HEM A CBD 1 
HETATM 1213 C  CGD . HEM B 2 .   ? 4.762   12.896  -1.814  1.00 27.63 ? 154 HEM A CGD 1 
HETATM 1214 O  O1D . HEM B 2 .   ? 4.127   13.668  -2.582  1.00 30.54 ? 154 HEM A O1D 1 
HETATM 1215 O  O2D . HEM B 2 .   ? 6.017   12.903  -1.727  1.00 32.66 ? 154 HEM A O2D 1 
HETATM 1216 N  NA  . HEM B 2 .   ? 1.680   7.559   1.965   1.00 10.71 ? 154 HEM A NA  1 
HETATM 1217 N  NB  . HEM B 2 .   ? -0.463  5.784   2.028   1.00 10.43 ? 154 HEM A NB  1 
HETATM 1218 N  NC  . HEM B 2 .   ? -1.883  7.549   0.339   1.00 8.08  ? 154 HEM A NC  1 
HETATM 1219 N  ND  . HEM B 2 .   ? 0.363   9.262   0.248   1.00 15.59 ? 154 HEM A ND  1 
HETATM 1220 FE FE  . HEM B 2 .   ? 0.083   7.584   1.115   1.00 15.51 ? 154 HEM A FE  1 
HETATM 1221 C  C   . CMO C 3 .   ? 0.797   6.338   -0.512  1.00 4.80  ? 155 CMO A C   1 
HETATM 1222 O  O   . CMO C 3 .   ? 0.523   5.559   -1.613  1.00 15.26 ? 155 CMO A O   1 
HETATM 1223 O  O   . HOH D 4 .   ? 10.580  5.176   -10.867 1.00 5.82  ? 156 HOH A O   1 
HETATM 1224 O  O   . HOH D 4 .   ? 10.449  2.292   -10.398 1.00 22.35 ? 157 HOH A O   1 
HETATM 1225 O  O   . HOH D 4 .   ? -7.489  -1.426  12.464  1.00 12.57 ? 158 HOH A O   1 
HETATM 1226 O  O   . HOH D 4 .   ? -3.031  -19.475 -8.798  1.00 11.13 ? 159 HOH A O   1 
HETATM 1227 O  O   . HOH D 4 .   ? 2.173   -0.383  9.779   1.00 29.83 ? 160 HOH A O   1 
HETATM 1228 O  O   . HOH D 4 .   ? -1.228  4.200   -16.411 1.00 20.47 ? 161 HOH A O   1 
HETATM 1229 O  O   . HOH D 4 .   ? -0.213  -11.333 21.596  1.00 17.60 ? 162 HOH A O   1 
HETATM 1230 O  O   . HOH D 4 .   ? 5.064   -5.475  12.551  1.00 21.42 ? 163 HOH A O   1 
HETATM 1231 O  O   . HOH D 4 .   ? -5.609  -7.837  20.695  1.00 10.95 ? 164 HOH A O   1 
HETATM 1232 O  O   . HOH D 4 .   ? -3.119  1.510   19.604  1.00 20.32 ? 165 HOH A O   1 
HETATM 1233 O  O   . HOH D 4 .   ? -5.317  -0.650  19.346  1.00 11.48 ? 166 HOH A O   1 
HETATM 1234 O  O   . HOH D 4 .   ? -6.626  -0.801  16.473  1.00 24.86 ? 167 HOH A O   1 
HETATM 1235 O  O   . HOH D 4 .   ? -6.702  -2.590  14.840  1.00 20.89 ? 168 HOH A O   1 
HETATM 1236 O  O   . HOH D 4 .   ? -11.507 -1.111  14.040  1.00 26.34 ? 169 HOH A O   1 
HETATM 1237 O  O   . HOH D 4 .   ? -11.509 -3.356  13.008  1.00 14.26 ? 170 HOH A O   1 
HETATM 1238 O  O   . HOH D 4 .   ? -13.121 -3.790  9.882   1.00 17.62 ? 171 HOH A O   1 
HETATM 1239 O  O   . HOH D 4 .   ? 4.287   9.131   9.420   1.00 35.53 ? 172 HOH A O   1 
HETATM 1240 O  O   . HOH D 4 .   ? 14.939  -3.527  -5.976  1.00 39.03 ? 173 HOH A O   1 
HETATM 1241 O  O   . HOH D 4 .   ? 10.559  9.475   -1.680  1.00 19.69 ? 174 HOH A O   1 
HETATM 1242 O  O   . HOH D 4 .   ? -11.337 -5.062  -3.099  1.00 21.15 ? 175 HOH A O   1 
HETATM 1243 O  O   . HOH D 4 .   ? -10.304 -8.029  -1.632  1.00 14.14 ? 176 HOH A O   1 
HETATM 1244 O  O   . HOH D 4 .   ? 2.606   -12.343 -13.712 1.00 29.55 ? 177 HOH A O   1 
HETATM 1245 O  O   . HOH D 4 .   ? -8.407  -8.927  16.026  1.00 14.01 ? 178 HOH A O   1 
HETATM 1246 O  O   . HOH D 4 .   ? 3.001   -0.292  14.863  1.00 21.30 ? 179 HOH A O   1 
HETATM 1247 O  O   . HOH D 4 .   ? -10.219 -16.379 0.721   1.00 28.70 ? 180 HOH A O   1 
HETATM 1248 O  O   . HOH D 4 .   ? -14.326 10.856  1.165   1.00 22.54 ? 181 HOH A O   1 
HETATM 1249 O  O   . HOH D 4 .   ? -10.797 0.557   5.765   1.00 26.12 ? 182 HOH A O   1 
HETATM 1250 O  O   . HOH D 4 .   ? -11.184 5.099   10.568  1.00 16.76 ? 183 HOH A O   1 
HETATM 1251 O  O   . HOH D 4 .   ? -8.694  -0.460  14.681  1.00 40.06 ? 184 HOH A O   1 
HETATM 1252 O  O   . HOH D 4 .   ? -11.314 -6.046  5.386   1.00 23.63 ? 185 HOH A O   1 
HETATM 1253 O  O   . HOH D 4 .   ? 5.042   -18.032 -11.266 1.00 26.76 ? 186 HOH A O   1 
HETATM 1254 O  O   . HOH D 4 .   ? -2.815  -15.995 14.526  1.00 37.84 ? 187 HOH A O   1 
HETATM 1255 O  O   . HOH D 4 .   ? 1.503   -1.825  12.520  1.00 30.90 ? 188 HOH A O   1 
HETATM 1256 O  O   . HOH D 4 .   ? 11.799  2.952   1.077   1.00 37.06 ? 189 HOH A O   1 
HETATM 1257 O  O   . HOH D 4 .   ? 9.518   13.031  -11.841 1.00 37.10 ? 190 HOH A O   1 
HETATM 1258 O  O   . HOH D 4 .   ? 15.446  -3.279  -12.949 1.00 47.45 ? 191 HOH A O   1 
HETATM 1259 O  O   . HOH D 4 .   ? 9.374   -15.870 4.308   1.00 30.32 ? 192 HOH A O   1 
HETATM 1260 O  O   . HOH D 4 .   ? 10.091  -15.027 -1.037  1.00 27.27 ? 193 HOH A O   1 
HETATM 1261 O  O   . HOH D 4 .   ? -12.466 4.000   2.443   1.00 22.86 ? 195 HOH A O   1 
HETATM 1262 O  O   . HOH D 4 .   ? -11.568 12.603  4.355   1.00 22.67 ? 196 HOH A O   1 
HETATM 1263 O  O   . HOH D 4 .   ? -9.716  -0.032  2.876   1.00 33.00 ? 197 HOH A O   1 
HETATM 1264 O  O   . HOH D 4 .   ? 8.593   -3.229  0.641   1.00 37.94 ? 198 HOH A O   1 
HETATM 1265 O  O   . HOH D 4 .   ? 6.005   4.670   -18.310 1.00 46.03 ? 199 HOH A O   1 
HETATM 1266 O  O   . HOH D 4 .   ? 2.704   10.539  -14.226 1.00 35.08 ? 200 HOH A O   1 
HETATM 1267 O  O   . HOH D 4 .   ? 9.002   -20.664 0.358   1.00 30.70 ? 201 HOH A O   1 
HETATM 1268 O  O   . HOH D 4 .   ? 6.699   -20.285 -1.632  1.00 42.14 ? 206 HOH A O   1 
HETATM 1269 O  O   . HOH D 4 .   ? 9.386   12.282  -2.131  1.00 43.54 ? 207 HOH A O   1 
HETATM 1270 O  O   . HOH D 4 .   ? 10.335  -17.881 -8.836  1.00 37.99 ? 209 HOH A O   1 
HETATM 1271 O  O   . HOH D 4 .   ? 4.218   -19.136 -2.408  1.00 32.19 ? 210 HOH A O   1 
HETATM 1272 O  O   . HOH D 4 .   ? 10.585  -10.662 -7.920  1.00 33.77 ? 211 HOH A O   1 
HETATM 1273 O  O   . HOH D 4 .   ? 2.099   21.010  -0.631  1.00 58.18 ? 212 HOH A O   1 
HETATM 1274 O  O   . HOH D 4 .   ? 10.932  -0.281  -14.938 1.00 31.01 ? 213 HOH A O   1 
HETATM 1275 O  O   . HOH D 4 .   ? 5.847   -14.486 -11.572 1.00 29.55 ? 214 HOH A O   1 
HETATM 1276 O  O   . HOH D 4 .   ? 4.870   -7.272  -12.565 1.00 37.93 ? 215 HOH A O   1 
HETATM 1277 O  O   . HOH D 4 .   ? 7.984   12.148  -18.849 1.00 46.88 ? 217 HOH A O   1 
HETATM 1278 O  O   . HOH D 4 .   ? 5.140   -4.981  -15.616 1.00 27.25 ? 218 HOH A O   1 
HETATM 1279 O  O   . HOH D 4 .   ? -2.798  18.065  -5.118  1.00 26.55 ? 219 HOH A O   1 
HETATM 1280 O  O   . HOH D 4 .   ? -12.905 -5.790  0.759   1.00 50.37 ? 222 HOH A O   1 
HETATM 1281 O  O   . HOH D 4 .   ? -9.951  -13.641 -1.696  1.00 26.64 ? 225 HOH A O   1 
HETATM 1282 O  O   . HOH D 4 .   ? -2.297  -10.481 -13.658 1.00 28.94 ? 226 HOH A O   1 
HETATM 1283 O  O   . HOH D 4 .   ? -6.458  15.140  -8.082  1.00 46.05 ? 228 HOH A O   1 
HETATM 1284 O  O   . HOH D 4 .   ? -10.348 16.082  -1.934  1.00 39.41 ? 229 HOH A O   1 
HETATM 1285 O  O   . HOH D 4 .   ? -10.410 -13.685 -4.869  1.00 31.87 ? 230 HOH A O   1 
HETATM 1286 O  O   . HOH D 4 .   ? -15.156 5.140   -0.129  1.00 33.61 ? 232 HOH A O   1 
HETATM 1287 O  O   . HOH D 4 .   ? -1.899  -7.145  -16.451 1.00 46.30 ? 233 HOH A O   1 
HETATM 1288 O  O   . HOH D 4 .   ? -1.947  11.471  -17.440 1.00 34.04 ? 234 HOH A O   1 
HETATM 1289 O  O   . HOH D 4 .   ? -16.820 -10.907 -1.697  1.00 57.00 ? 238 HOH A O   1 
HETATM 1290 O  O   . HOH D 4 .   ? -10.294 -1.785  -11.052 1.00 32.37 ? 239 HOH A O   1 
HETATM 1291 O  O   . HOH D 4 .   ? -5.143  5.712   -16.845 1.00 23.88 ? 242 HOH A O   1 
HETATM 1292 O  O   . HOH D 4 .   ? 13.330  -9.523  -1.163  1.00 39.57 ? 245 HOH A O   1 
HETATM 1293 O  O   . HOH D 4 .   ? -5.090  16.803  -16.188 1.00 25.05 ? 246 HOH A O   1 
HETATM 1294 O  O   . HOH D 4 .   ? -2.498  1.838   -20.196 1.00 47.41 ? 247 HOH A O   1 
HETATM 1295 O  O   . HOH D 4 .   ? -14.850 -11.391 -6.596  1.00 56.81 ? 250 HOH A O   1 
HETATM 1296 O  O   . HOH D 4 .   ? -7.898  15.357  -13.900 1.00 26.02 ? 251 HOH A O   1 
HETATM 1297 O  O   . HOH D 4 .   ? -3.835  -3.142  -22.802 1.00 42.42 ? 252 HOH A O   1 
HETATM 1298 O  O   . HOH D 4 .   ? -5.990  12.474  -15.648 1.00 41.29 ? 253 HOH A O   1 
HETATM 1299 O  O   . HOH D 4 .   ? -22.625 18.341  2.756   1.00 44.35 ? 254 HOH A O   1 
HETATM 1300 O  O   . HOH D 4 .   ? -17.127 -11.712 -6.428  1.00 41.48 ? 256 HOH A O   1 
HETATM 1301 O  O   . HOH D 4 .   ? -5.991  12.026  -19.604 1.00 26.15 ? 257 HOH A O   1 
HETATM 1302 O  O   . HOH D 4 .   ? -10.569 1.288   -15.007 1.00 37.77 ? 258 HOH A O   1 
HETATM 1303 O  O   . HOH D 4 .   ? -1.667  18.602  8.089   1.00 43.12 ? 260 HOH A O   1 
HETATM 1304 O  O   . HOH D 4 .   ? 16.794  19.171  25.085  1.00 24.86 ? 262 HOH A O   1 
HETATM 1305 O  O   . HOH D 4 .   ? 13.550  -9.008  -14.103 1.00 53.55 ? 263 HOH A O   1 
HETATM 1306 O  O   . HOH D 4 .   ? -1.705  21.796  2.026   1.00 37.30 ? 265 HOH A O   1 
HETATM 1307 O  O   . HOH D 4 .   ? 14.014  4.496   -18.835 1.00 42.11 ? 266 HOH A O   1 
HETATM 1308 O  O   . HOH D 4 .   ? -0.794  16.445  -3.090  1.00 28.96 ? 267 HOH A O   1 
HETATM 1309 O  O   . HOH D 4 .   ? -6.908  16.265  3.017   1.00 36.20 ? 268 HOH A O   1 
HETATM 1310 O  O   . HOH D 4 .   ? 7.770   -2.558  -14.712 1.00 38.32 ? 269 HOH A O   1 
HETATM 1311 O  O   . HOH D 4 .   ? 12.648  -10.759 13.431  1.00 56.88 ? 270 HOH A O   1 
HETATM 1312 O  O   . HOH D 4 .   ? -0.022  -11.922 -13.347 1.00 34.37 ? 271 HOH A O   1 
HETATM 1313 O  O   . HOH D 4 .   ? 11.621  -3.311  13.336  1.00 30.66 ? 273 HOH A O   1 
HETATM 1314 O  O   . HOH D 4 .   ? 1.880   2.018   -19.652 1.00 51.25 ? 276 HOH A O   1 
HETATM 1315 O  O   . HOH D 4 .   ? -10.746 -6.757  -6.855  1.00 52.11 ? 277 HOH A O   1 
HETATM 1316 O  O   . HOH D 4 .   ? 14.097  21.977  6.180   1.00 49.60 ? 278 HOH A O   1 
HETATM 1317 O  O   . HOH D 4 .   ? -6.447  -1.154  -14.614 1.00 40.79 ? 281 HOH A O   1 
HETATM 1318 O  O   . HOH D 4 .   ? 6.453   8.792   9.556   1.00 52.78 ? 282 HOH A O   1 
HETATM 1319 O  O   . HOH D 4 .   ? 12.260  -17.705 1.835   1.00 42.48 ? 286 HOH A O   1 
HETATM 1320 O  O   . HOH D 4 .   ? 8.792   5.369   7.416   1.00 43.18 ? 287 HOH A O   1 
HETATM 1321 O  O   . HOH D 4 .   ? -4.404  17.451  17.490  1.00 42.89 ? 288 HOH A O   1 
HETATM 1322 O  O   . HOH D 4 .   ? -6.370  3.079   18.587  1.00 32.44 ? 291 HOH A O   1 
HETATM 1323 O  O   . HOH D 4 .   ? 16.632  -4.726  -8.523  1.00 27.84 ? 292 HOH A O   1 
HETATM 1324 O  O   . HOH D 4 .   ? -3.681  -10.513 -4.746  1.00 18.40 ? 300 HOH A O   1 
HETATM 1325 O  O   . HOH D 4 .   ? 17.981  0.558   -13.472 1.00 23.49 ? 301 HOH A O   1 
HETATM 1326 O  O   . HOH D 4 .   ? 7.175   12.442  8.326   1.00 55.54 ? 310 HOH A O   1 
HETATM 1327 O  O   . HOH D 4 .   ? -0.459  -21.679 -3.986  1.00 34.65 ? 311 HOH A O   1 
HETATM 1328 O  O   . HOH D 4 .   ? 6.361   -18.342 3.840   1.00 25.54 ? 312 HOH A O   1 
HETATM 1329 O  O   . HOH D 4 .   ? -11.178 -12.442 -0.101  1.00 53.44 ? 313 HOH A O   1 
HETATM 1330 O  O   . HOH D 4 .   ? 3.684   -19.616 -14.502 1.00 40.20 ? 314 HOH A O   1 
HETATM 1331 O  O   . HOH D 4 .   ? 11.441  -10.193 -11.168 1.00 44.75 ? 315 HOH A O   1 
HETATM 1332 O  O   . HOH D 4 .   ? -0.807  5.775   14.662  1.00 48.05 ? 316 HOH A O   1 
HETATM 1333 O  O   . HOH D 4 .   ? -8.063  -17.910 7.082   1.00 54.46 ? 318 HOH A O   1 
HETATM 1334 O  O   . HOH D 4 .   ? 6.930   -14.230 9.913   1.00 38.41 ? 319 HOH A O   1 
HETATM 1335 O  O   . HOH D 4 .   ? 9.493   10.730  -16.224 1.00 47.77 ? 322 HOH A O   1 
HETATM 1336 O  O   . HOH D 4 .   ? 5.608   1.119   -19.178 1.00 49.57 ? 325 HOH A O   1 
HETATM 1337 O  O   . HOH D 4 .   ? -3.514  -3.450  -17.313 1.00 38.51 ? 326 HOH A O   1 
HETATM 1338 O  O   . HOH D 4 .   ? -13.962 6.397   7.740   1.00 44.01 ? 327 HOH A O   1 
HETATM 1339 O  O   . HOH D 4 .   ? 7.644   9.073   11.610  1.00 49.26 ? 328 HOH A O   1 
HETATM 1340 O  O   . HOH D 4 .   ? -12.832 14.038  7.152   1.00 50.28 ? 331 HOH A O   1 
HETATM 1341 O  O   . HOH D 4 .   ? -11.033 -10.755 1.611   1.00 49.76 ? 333 HOH A O   1 
HETATM 1342 O  O   . HOH D 4 .   ? -10.407 -4.055  -8.761  1.00 49.88 ? 336 HOH A O   1 
HETATM 1343 O  O   . HOH D 4 .   ? 0.475   15.672  -12.221 1.00 40.96 ? 339 HOH A O   1 
HETATM 1344 O  O   . HOH D 4 .   ? 12.688  9.238   0.345   1.00 37.34 ? 342 HOH A O   1 
HETATM 1345 O  O   . HOH D 4 .   ? -3.209  10.608  -15.391 1.00 40.80 ? 344 HOH A O   1 
HETATM 1346 O  O   . HOH D 4 .   ? -16.125 7.314   2.743   1.00 33.14 ? 345 HOH A O   1 
HETATM 1347 O  O   . HOH D 4 .   ? 17.107  3.309   -7.302  1.00 31.82 ? 351 HOH A O   1 
HETATM 1348 O  O   . HOH D 4 .   ? 5.145   -15.544 -2.259  1.00 28.92 ? 353 HOH A O   1 
HETATM 1349 O  O   . HOH D 4 .   ? 3.627   5.313   -18.219 1.00 44.00 ? 358 HOH A O   1 
HETATM 1350 O  O   . HOH D 4 .   ? -13.050 -1.314  6.225   1.00 35.15 ? 368 HOH A O   1 
HETATM 1351 O  O   . HOH D 4 .   ? -2.138  -14.635 -11.123 1.00 41.17 ? 371 HOH A O   1 
HETATM 1352 O  O   . HOH D 4 .   ? 5.249   -15.017 15.851  1.00 35.53 ? 376 HOH A O   1 
HETATM 1353 O  O   . HOH D 4 .   ? -13.650 -3.413  7.349   1.00 57.45 ? 377 HOH A O   1 
HETATM 1354 O  O   . HOH D 4 .   ? -16.899 12.970  7.561   1.00 32.98 ? 382 HOH A O   1 
HETATM 1355 O  O   . HOH D 4 .   ? 13.929  1.466   -17.595 1.00 41.16 ? 390 HOH A O   1 
HETATM 1356 O  O   . HOH D 4 .   ? 11.947  -14.015 -2.442  1.00 35.21 ? 393 HOH A O   1 
HETATM 1357 O  O   . HOH D 4 .   ? 10.100  -13.985 11.537  1.00 47.35 ? 395 HOH A O   1 
HETATM 1358 O  O   . HOH D 4 .   ? -3.343  15.587  11.211  1.00 51.00 ? 396 HOH A O   1 
HETATM 1359 O  O   . HOH D 4 .   ? -1.608  13.381  19.653  1.00 38.59 ? 397 HOH A O   1 
HETATM 1360 O  O   . HOH D 4 .   ? -2.450  -8.307  -11.527 1.00 41.67 ? 401 HOH A O   1 
HETATM 1361 O  O   . HOH D 4 .   ? 15.216  11.262  -10.133 1.00 40.76 ? 402 HOH A O   1 
HETATM 1362 O  O   . HOH D 4 .   ? -9.636  1.963   18.510  1.00 41.32 ? 403 HOH A O   1 
HETATM 1363 O  O   . HOH D 4 .   ? 4.372   19.737  -11.488 1.00 40.68 ? 406 HOH A O   1 
HETATM 1364 O  O   . HOH D 4 .   ? -4.992  -13.780 15.472  1.00 50.83 ? 407 HOH A O   1 
HETATM 1365 O  O   . HOH D 4 .   ? -8.971  -20.147 -1.219  1.00 43.00 ? 412 HOH A O   1 
HETATM 1366 O  O   . HOH D 4 .   ? 11.174  12.093  -13.757 1.00 43.08 ? 415 HOH A O   1 
HETATM 1367 O  O   . HOH D 4 .   ? 1.901   8.617   -16.186 1.00 46.04 ? 418 HOH A O   1 
HETATM 1368 O  O   . HOH D 4 .   ? -12.236 3.421   -4.522  1.00 43.60 ? 421 HOH A O   1 
HETATM 1369 O  O   . HOH D 4 .   ? -12.702 -10.769 -5.218  1.00 55.49 ? 429 HOH A O   1 
HETATM 1370 O  O   . HOH D 4 .   ? 3.169   0.626   16.755  1.00 62.81 ? 430 HOH A O   1 
HETATM 1371 O  O   . HOH D 4 .   ? 12.941  -14.883 7.279   1.00 57.77 ? 431 HOH A O   1 
HETATM 1372 O  O   . HOH D 4 .   ? -11.021 12.228  -13.899 1.00 50.55 ? 433 HOH A O   1 
HETATM 1373 O  O   . HOH D 4 .   ? 7.358   10.448  -1.132  1.00 56.75 ? 434 HOH A O   1 
HETATM 1374 O  O   . HOH D 4 .   ? 8.084   -13.659 -8.001  1.00 33.67 ? 436 HOH A O   1 
HETATM 1375 O  O   . HOH D 4 .   ? -4.533  13.992  15.922  1.00 58.45 ? 437 HOH A O   1 
# 
